data_6PQ2
#
_entry.id   6PQ2
#
_entity_poly.entity_id   1
_entity_poly.type   'polypeptide(L)'
_entity_poly.pdbx_seq_one_letter_code
;MLPLLFTPVTKGSGGSGGSGGSGRDLRAELPLTLEEAFHGGERVVEVAGRRVSVRIPPGVREGSVIRVPGMGGQGNPPGD
LLLVVRLLPH
;
_entity_poly.pdbx_strand_id   A
#
# COMPACT_ATOMS: atom_id res chain seq x y z
N MET A 1 -0.05 2.42 15.25
CA MET A 1 -1.23 2.57 14.35
C MET A 1 -0.87 2.18 12.91
N LEU A 2 -1.89 1.66 12.18
CA LEU A 2 -1.84 1.19 10.77
C LEU A 2 -0.79 0.08 10.57
N PRO A 3 -1.23 -1.20 10.30
CA PRO A 3 -0.31 -2.29 9.90
C PRO A 3 0.20 -2.11 8.45
N LEU A 4 0.81 -3.15 7.91
CA LEU A 4 1.31 -3.15 6.52
C LEU A 4 0.12 -3.32 5.55
N LEU A 5 0.22 -2.61 4.42
CA LEU A 5 -0.85 -2.37 3.43
C LEU A 5 -1.96 -1.45 3.98
N PHE A 6 -2.58 -1.89 5.10
CA PHE A 6 -3.75 -1.24 5.72
C PHE A 6 -3.39 0.09 6.41
N THR A 7 -4.23 1.12 6.18
CA THR A 7 -4.09 2.45 6.79
C THR A 7 -5.47 3.14 6.86
N PRO A 8 -6.14 3.15 8.06
CA PRO A 8 -7.51 3.66 8.18
C PRO A 8 -7.57 5.21 8.15
N VAL A 9 -7.56 5.76 6.92
CA VAL A 9 -7.76 7.19 6.68
C VAL A 9 -9.25 7.50 6.51
N THR A 10 -9.65 8.71 6.87
CA THR A 10 -11.03 9.20 6.63
C THR A 10 -11.02 10.22 5.48
N LYS A 11 -12.20 10.48 4.91
CA LYS A 11 -12.37 11.49 3.86
C LYS A 11 -13.75 12.14 4.04
N GLY A 12 -13.76 13.32 4.67
CA GLY A 12 -14.97 14.14 4.85
C GLY A 12 -14.68 15.62 4.76
N SER A 13 -13.43 15.95 4.39
CA SER A 13 -13.01 17.33 4.15
C SER A 13 -13.62 17.83 2.82
N GLY A 14 -14.75 18.55 2.93
CA GLY A 14 -15.47 19.10 1.77
C GLY A 14 -16.97 19.02 1.94
N GLY A 15 -17.71 19.47 0.92
CA GLY A 15 -19.18 19.44 0.93
C GLY A 15 -19.77 19.77 -0.43
N SER A 16 -20.73 18.95 -0.90
CA SER A 16 -21.49 19.20 -2.14
C SER A 16 -22.97 18.90 -1.89
N GLY A 17 -23.26 17.67 -1.41
CA GLY A 17 -24.62 17.24 -1.10
C GLY A 17 -24.69 15.75 -0.82
N GLY A 18 -23.74 15.25 -0.01
CA GLY A 18 -23.68 13.84 0.37
C GLY A 18 -22.31 13.46 0.91
N SER A 19 -22.08 12.16 1.10
CA SER A 19 -20.80 11.62 1.60
C SER A 19 -19.72 11.72 0.50
N GLY A 20 -18.76 12.65 0.66
CA GLY A 20 -17.61 12.75 -0.23
C GLY A 20 -16.42 12.00 0.35
N GLY A 21 -16.52 10.65 0.34
CA GLY A 21 -15.50 9.79 0.94
C GLY A 21 -15.24 8.53 0.17
N SER A 22 -15.36 8.62 -1.17
CA SER A 22 -15.11 7.48 -2.07
C SER A 22 -13.60 7.22 -2.18
N GLY A 23 -13.22 5.95 -2.00
CA GLY A 23 -11.84 5.50 -2.13
C GLY A 23 -10.96 5.91 -0.95
N ARG A 24 -10.64 4.96 -0.06
CA ARG A 24 -9.72 5.20 1.05
C ARG A 24 -8.28 4.97 0.58
N ASP A 25 -7.39 5.94 0.89
CA ASP A 25 -6.00 5.89 0.45
C ASP A 25 -5.19 5.24 1.55
N LEU A 26 -4.79 3.98 1.38
CA LEU A 26 -4.05 3.27 2.41
C LEU A 26 -2.57 3.45 2.12
N ARG A 27 -1.87 4.24 2.95
CA ARG A 27 -0.42 4.44 2.84
C ARG A 27 0.29 3.72 3.99
N ALA A 28 0.99 2.63 3.67
CA ALA A 28 1.77 1.88 4.65
C ALA A 28 3.22 1.82 4.20
N GLU A 29 4.14 1.85 5.16
CA GLU A 29 5.58 1.74 4.90
C GLU A 29 5.91 0.26 4.76
N LEU A 30 6.50 -0.11 3.61
CA LEU A 30 6.72 -1.50 3.23
C LEU A 30 8.18 -1.90 3.52
N PRO A 31 8.46 -2.66 4.63
CA PRO A 31 9.82 -3.13 4.93
C PRO A 31 10.24 -4.24 3.94
N LEU A 32 11.24 -3.95 3.11
CA LEU A 32 11.58 -4.79 1.96
C LEU A 32 13.10 -4.96 1.89
N THR A 33 13.57 -6.21 1.93
CA THR A 33 14.99 -6.57 1.90
C THR A 33 15.61 -6.25 0.51
N LEU A 34 16.95 -6.18 0.44
CA LEU A 34 17.69 -5.82 -0.80
C LEU A 34 17.48 -6.87 -1.91
N GLU A 35 17.41 -8.16 -1.53
CA GLU A 35 17.21 -9.28 -2.47
C GLU A 35 15.78 -9.21 -3.05
N GLU A 36 14.83 -8.88 -2.16
CA GLU A 36 13.41 -8.71 -2.49
C GLU A 36 13.22 -7.56 -3.48
N ALA A 37 13.92 -6.45 -3.22
CA ALA A 37 13.89 -5.25 -4.05
C ALA A 37 14.55 -5.48 -5.41
N PHE A 38 15.65 -6.28 -5.39
CA PHE A 38 16.47 -6.64 -6.56
C PHE A 38 15.67 -7.50 -7.56
N HIS A 39 15.02 -8.53 -7.02
CA HIS A 39 14.31 -9.54 -7.83
C HIS A 39 12.92 -9.03 -8.25
N GLY A 40 12.22 -8.35 -7.32
CA GLY A 40 10.91 -7.77 -7.59
C GLY A 40 9.83 -8.82 -7.86
N GLY A 41 9.62 -9.71 -6.88
CA GLY A 41 8.55 -10.71 -6.94
C GLY A 41 7.31 -10.21 -6.22
N GLU A 42 6.74 -11.04 -5.34
CA GLU A 42 5.67 -10.62 -4.41
C GLU A 42 6.22 -10.52 -2.97
N ARG A 43 5.48 -9.79 -2.15
CA ARG A 43 5.73 -9.67 -0.72
C ARG A 43 4.37 -9.84 -0.01
N VAL A 44 4.29 -10.83 0.88
CA VAL A 44 3.09 -11.06 1.71
C VAL A 44 2.99 -9.97 2.79
N VAL A 45 1.84 -9.29 2.80
CA VAL A 45 1.54 -8.18 3.70
C VAL A 45 0.18 -8.48 4.40
N GLU A 46 0.05 -8.07 5.66
CA GLU A 46 -1.13 -8.35 6.48
C GLU A 46 -1.99 -7.08 6.58
N VAL A 47 -3.13 -7.08 5.86
CA VAL A 47 -4.03 -5.92 5.76
C VAL A 47 -5.30 -6.21 6.59
N ALA A 48 -5.36 -5.63 7.81
CA ALA A 48 -6.54 -5.74 8.71
C ALA A 48 -6.81 -7.22 9.14
N GLY A 49 -5.75 -8.05 9.08
CA GLY A 49 -5.84 -9.46 9.44
C GLY A 49 -5.96 -10.37 8.22
N ARG A 50 -5.91 -9.78 7.00
CA ARG A 50 -6.04 -10.51 5.74
C ARG A 50 -4.64 -10.73 5.13
N ARG A 51 -4.24 -11.99 4.93
CA ARG A 51 -2.95 -12.33 4.32
C ARG A 51 -3.08 -12.24 2.79
N VAL A 52 -2.48 -11.20 2.20
CA VAL A 52 -2.43 -10.99 0.74
C VAL A 52 -0.97 -10.83 0.28
N SER A 53 -0.69 -11.13 -1.00
CA SER A 53 0.63 -10.91 -1.60
C SER A 53 0.58 -9.71 -2.57
N VAL A 54 1.37 -8.67 -2.30
CA VAL A 54 1.47 -7.49 -3.19
C VAL A 54 2.73 -7.61 -4.06
N ARG A 55 2.59 -7.38 -5.37
CA ARG A 55 3.71 -7.49 -6.31
C ARG A 55 4.56 -6.20 -6.26
N ILE A 56 5.83 -6.38 -5.91
CA ILE A 56 6.82 -5.28 -5.82
C ILE A 56 7.61 -5.19 -7.15
N PRO A 57 7.95 -3.96 -7.65
CA PRO A 57 8.73 -3.80 -8.91
C PRO A 57 10.23 -4.20 -8.73
N PRO A 58 10.86 -4.82 -9.78
CA PRO A 58 12.30 -5.19 -9.74
C PRO A 58 13.21 -3.96 -9.86
N GLY A 59 14.22 -3.89 -8.99
CA GLY A 59 15.11 -2.74 -8.90
C GLY A 59 14.49 -1.56 -8.16
N VAL A 60 13.59 -1.83 -7.19
CA VAL A 60 12.93 -0.77 -6.39
C VAL A 60 13.86 -0.35 -5.24
N ARG A 61 13.81 0.94 -4.83
CA ARG A 61 14.75 1.53 -3.86
C ARG A 61 14.04 2.19 -2.69
N GLU A 62 14.86 2.70 -1.77
CA GLU A 62 14.43 3.44 -0.58
C GLU A 62 13.69 4.72 -0.98
N GLY A 63 12.49 4.91 -0.38
CA GLY A 63 11.67 6.08 -0.63
C GLY A 63 10.82 5.98 -1.90
N SER A 64 10.86 4.80 -2.57
CA SER A 64 10.02 4.54 -3.76
C SER A 64 8.61 4.11 -3.30
N VAL A 65 7.58 4.87 -3.68
CA VAL A 65 6.19 4.58 -3.30
C VAL A 65 5.47 3.84 -4.47
N ILE A 66 4.91 2.68 -4.15
CA ILE A 66 4.21 1.81 -5.11
C ILE A 66 2.73 2.18 -5.08
N ARG A 67 2.27 2.90 -6.12
CA ARG A 67 0.88 3.36 -6.19
C ARG A 67 0.05 2.36 -7.01
N VAL A 68 -0.92 1.71 -6.35
CA VAL A 68 -1.82 0.74 -6.96
C VAL A 68 -3.30 1.19 -6.75
N PRO A 69 -3.93 1.86 -7.77
CA PRO A 69 -5.33 2.35 -7.67
C PRO A 69 -6.36 1.19 -7.64
N GLY A 70 -7.23 1.19 -6.61
CA GLY A 70 -8.32 0.19 -6.49
C GLY A 70 -8.04 -0.90 -5.45
N MET A 71 -6.74 -1.14 -5.16
CA MET A 71 -6.30 -2.23 -4.26
C MET A 71 -6.23 -1.76 -2.79
N GLY A 72 -6.17 -0.43 -2.60
CA GLY A 72 -6.07 0.17 -1.27
C GLY A 72 -7.34 0.01 -0.43
N GLY A 73 -8.16 1.09 -0.35
CA GLY A 73 -9.42 1.09 0.40
C GLY A 73 -10.35 -0.05 0.02
N GLN A 74 -10.46 -1.02 0.92
CA GLN A 74 -11.36 -2.18 0.75
C GLN A 74 -12.78 -1.82 1.23
N GLY A 75 -13.73 -2.71 0.93
CA GLY A 75 -15.13 -2.49 1.26
C GLY A 75 -15.96 -2.22 0.02
N ASN A 76 -16.90 -1.24 0.12
CA ASN A 76 -17.78 -0.85 -1.00
C ASN A 76 -17.03 0.04 -2.04
N PRO A 77 -16.31 1.17 -1.65
CA PRO A 77 -15.55 2.00 -2.61
C PRO A 77 -14.04 1.61 -2.66
N PRO A 78 -13.56 0.98 -3.80
CA PRO A 78 -12.11 0.67 -3.99
C PRO A 78 -11.25 1.95 -3.98
N GLY A 79 -10.22 1.96 -3.10
CA GLY A 79 -9.35 3.14 -2.93
C GLY A 79 -7.93 2.91 -3.41
N ASP A 80 -7.13 3.98 -3.31
CA ASP A 80 -5.74 4.00 -3.82
C ASP A 80 -4.78 3.38 -2.79
N LEU A 81 -3.74 2.71 -3.27
CA LEU A 81 -2.73 2.06 -2.42
C LEU A 81 -1.38 2.76 -2.59
N LEU A 82 -0.71 3.04 -1.46
CA LEU A 82 0.63 3.64 -1.42
C LEU A 82 1.53 2.80 -0.50
N LEU A 83 2.45 2.02 -1.08
CA LEU A 83 3.46 1.26 -0.29
C LEU A 83 4.82 1.89 -0.45
N VAL A 84 5.26 2.63 0.57
CA VAL A 84 6.51 3.37 0.53
C VAL A 84 7.64 2.43 0.95
N VAL A 85 8.35 1.89 -0.06
CA VAL A 85 9.44 0.92 0.12
C VAL A 85 10.54 1.46 1.05
N ARG A 86 10.70 0.77 2.16
CA ARG A 86 11.69 1.02 3.18
C ARG A 86 12.68 -0.16 3.20
N LEU A 87 13.88 0.05 2.63
CA LEU A 87 14.88 -1.02 2.46
C LEU A 87 15.46 -1.46 3.81
N LEU A 88 15.48 -2.78 4.03
CA LEU A 88 16.00 -3.39 5.27
C LEU A 88 17.52 -3.58 5.16
N PRO A 89 18.29 -3.29 6.27
CA PRO A 89 19.78 -3.34 6.26
C PRO A 89 20.32 -4.76 6.02
N HIS A 90 21.03 -4.95 4.90
CA HIS A 90 21.59 -6.24 4.49
C HIS A 90 23.06 -6.06 4.04
N MET A 1 -2.96 0.34 14.68
CA MET A 1 -2.34 1.38 13.80
C MET A 1 -2.36 0.89 12.34
N LEU A 2 -1.46 1.43 11.50
CA LEU A 2 -1.17 0.86 10.16
C LEU A 2 0.06 -0.07 10.26
N PRO A 3 -0.13 -1.45 10.34
CA PRO A 3 1.00 -2.42 10.36
C PRO A 3 1.75 -2.43 9.01
N LEU A 4 0.96 -2.54 7.94
CA LEU A 4 1.41 -2.67 6.54
C LEU A 4 0.15 -2.76 5.66
N LEU A 5 0.27 -2.36 4.38
CA LEU A 5 -0.85 -2.25 3.39
C LEU A 5 -2.01 -1.38 3.95
N PHE A 6 -2.79 -2.00 4.87
CA PHE A 6 -3.85 -1.36 5.67
C PHE A 6 -3.36 -0.07 6.37
N THR A 7 -4.13 1.01 6.19
CA THR A 7 -3.93 2.28 6.91
C THR A 7 -5.30 2.87 7.24
N PRO A 8 -5.74 2.82 8.53
CA PRO A 8 -7.11 3.19 8.89
C PRO A 8 -7.33 4.72 8.90
N VAL A 9 -7.68 5.26 7.72
CA VAL A 9 -7.98 6.68 7.51
C VAL A 9 -9.47 6.94 7.82
N THR A 10 -9.79 8.14 8.35
CA THR A 10 -11.18 8.52 8.70
C THR A 10 -11.99 8.95 7.46
N LYS A 11 -11.26 9.22 6.35
CA LYS A 11 -11.86 9.60 5.05
C LYS A 11 -12.82 8.51 4.55
N GLY A 12 -14.09 8.91 4.34
CA GLY A 12 -15.13 8.01 3.88
C GLY A 12 -15.16 7.84 2.37
N SER A 13 -16.33 8.11 1.76
CA SER A 13 -16.52 8.03 0.30
C SER A 13 -16.14 9.36 -0.38
N GLY A 14 -15.96 10.43 0.43
CA GLY A 14 -15.48 11.74 -0.06
C GLY A 14 -16.60 12.61 -0.65
N GLY A 15 -17.50 12.00 -1.42
CA GLY A 15 -18.56 12.71 -2.12
C GLY A 15 -18.03 13.38 -3.39
N SER A 16 -17.46 12.55 -4.28
CA SER A 16 -16.93 12.99 -5.57
C SER A 16 -18.07 13.41 -6.53
N GLY A 17 -18.52 14.68 -6.38
CA GLY A 17 -19.65 15.19 -7.13
C GLY A 17 -20.96 14.55 -6.69
N GLY A 18 -21.24 13.37 -7.26
CA GLY A 18 -22.36 12.53 -6.89
C GLY A 18 -22.33 11.20 -7.61
N SER A 19 -21.12 10.78 -8.03
CA SER A 19 -20.90 9.53 -8.78
C SER A 19 -19.84 8.67 -8.07
N GLY A 20 -20.25 7.44 -7.66
CA GLY A 20 -19.38 6.47 -7.00
C GLY A 20 -18.93 6.91 -5.61
N GLY A 21 -17.70 7.44 -5.53
CA GLY A 21 -17.11 7.89 -4.27
C GLY A 21 -15.65 7.45 -4.15
N SER A 22 -14.76 8.39 -3.83
CA SER A 22 -13.34 8.10 -3.56
C SER A 22 -13.20 7.43 -2.18
N GLY A 23 -12.83 6.13 -2.16
CA GLY A 23 -12.82 5.33 -0.93
C GLY A 23 -11.68 5.67 0.04
N ARG A 24 -11.28 4.68 0.84
CA ARG A 24 -10.21 4.86 1.85
C ARG A 24 -8.84 4.73 1.22
N ASP A 25 -7.96 5.69 1.48
CA ASP A 25 -6.63 5.70 0.89
C ASP A 25 -5.67 5.09 1.89
N LEU A 26 -5.23 3.85 1.65
CA LEU A 26 -4.36 3.14 2.59
C LEU A 26 -2.91 3.42 2.17
N ARG A 27 -2.22 4.23 2.99
CA ARG A 27 -0.84 4.70 2.73
C ARG A 27 0.07 4.21 3.86
N ALA A 28 0.88 3.20 3.56
CA ALA A 28 1.75 2.52 4.54
C ALA A 28 3.11 2.26 3.92
N GLU A 29 4.17 2.35 4.74
CA GLU A 29 5.53 2.02 4.30
C GLU A 29 5.70 0.49 4.25
N LEU A 30 6.36 0.00 3.19
CA LEU A 30 6.59 -1.42 2.94
C LEU A 30 8.03 -1.80 3.34
N PRO A 31 8.23 -2.51 4.50
CA PRO A 31 9.53 -3.13 4.84
C PRO A 31 9.93 -4.17 3.76
N LEU A 32 11.11 -3.99 3.15
CA LEU A 32 11.57 -4.84 2.04
C LEU A 32 13.10 -4.94 2.11
N THR A 33 13.64 -6.16 1.98
CA THR A 33 15.11 -6.37 2.01
C THR A 33 15.72 -6.05 0.64
N LEU A 34 17.06 -5.87 0.61
CA LEU A 34 17.82 -5.56 -0.63
C LEU A 34 17.70 -6.70 -1.65
N GLU A 35 17.59 -7.93 -1.12
CA GLU A 35 17.50 -9.16 -1.91
C GLU A 35 16.14 -9.22 -2.63
N GLU A 36 15.07 -9.01 -1.83
CA GLU A 36 13.67 -9.04 -2.31
C GLU A 36 13.35 -7.85 -3.22
N ALA A 37 14.07 -6.74 -3.00
CA ALA A 37 13.98 -5.54 -3.85
C ALA A 37 14.62 -5.79 -5.23
N PHE A 38 15.77 -6.50 -5.20
CA PHE A 38 16.49 -6.93 -6.42
C PHE A 38 15.65 -7.92 -7.24
N HIS A 39 15.06 -8.92 -6.54
CA HIS A 39 14.26 -9.97 -7.17
C HIS A 39 13.02 -9.38 -7.84
N GLY A 40 12.29 -8.54 -7.08
CA GLY A 40 11.05 -7.93 -7.54
C GLY A 40 10.01 -8.97 -7.97
N GLY A 41 9.47 -9.69 -7.00
CA GLY A 41 8.39 -10.65 -7.23
C GLY A 41 7.18 -10.28 -6.41
N GLU A 42 6.73 -11.20 -5.53
CA GLU A 42 5.66 -10.92 -4.56
C GLU A 42 6.28 -10.64 -3.20
N ARG A 43 5.53 -9.89 -2.38
CA ARG A 43 5.91 -9.52 -1.02
C ARG A 43 4.68 -9.68 -0.12
N VAL A 44 4.82 -10.51 0.92
CA VAL A 44 3.73 -10.79 1.86
C VAL A 44 3.53 -9.58 2.79
N VAL A 45 2.32 -9.02 2.73
CA VAL A 45 1.90 -7.87 3.53
C VAL A 45 0.64 -8.26 4.34
N GLU A 46 0.52 -7.68 5.55
CA GLU A 46 -0.58 -7.97 6.49
C GLU A 46 -1.63 -6.84 6.40
N VAL A 47 -2.91 -7.20 6.21
CA VAL A 47 -4.00 -6.22 6.00
C VAL A 47 -5.31 -6.69 6.69
N ALA A 48 -5.62 -6.06 7.85
CA ALA A 48 -6.90 -6.23 8.57
C ALA A 48 -7.22 -7.72 8.92
N GLY A 49 -6.16 -8.52 9.12
CA GLY A 49 -6.29 -9.95 9.47
C GLY A 49 -6.19 -10.86 8.25
N ARG A 50 -5.48 -10.40 7.20
CA ARG A 50 -5.31 -11.13 5.93
C ARG A 50 -3.84 -11.14 5.52
N ARG A 51 -3.36 -12.32 5.09
CA ARG A 51 -2.04 -12.49 4.48
C ARG A 51 -2.21 -12.44 2.95
N VAL A 52 -1.79 -11.33 2.33
CA VAL A 52 -1.87 -11.17 0.86
C VAL A 52 -0.48 -10.80 0.30
N SER A 53 -0.23 -11.19 -0.95
CA SER A 53 1.04 -10.94 -1.63
C SER A 53 0.87 -9.83 -2.69
N VAL A 54 1.59 -8.71 -2.48
CA VAL A 54 1.61 -7.58 -3.42
C VAL A 54 2.86 -7.69 -4.30
N ARG A 55 2.70 -7.51 -5.61
CA ARG A 55 3.81 -7.62 -6.56
C ARG A 55 4.59 -6.28 -6.60
N ILE A 56 5.90 -6.39 -6.36
CA ILE A 56 6.83 -5.26 -6.31
C ILE A 56 7.72 -5.29 -7.58
N PRO A 57 8.13 -4.12 -8.16
CA PRO A 57 9.04 -4.09 -9.35
C PRO A 57 10.51 -4.54 -9.01
N PRO A 58 11.24 -5.21 -9.96
CA PRO A 58 12.68 -5.54 -9.81
C PRO A 58 13.56 -4.27 -9.81
N GLY A 59 14.51 -4.23 -8.86
CA GLY A 59 15.41 -3.08 -8.69
C GLY A 59 14.72 -1.87 -8.05
N VAL A 60 13.69 -2.14 -7.21
CA VAL A 60 12.96 -1.09 -6.47
C VAL A 60 13.81 -0.67 -5.24
N ARG A 61 13.72 0.61 -4.84
CA ARG A 61 14.67 1.21 -3.88
C ARG A 61 13.97 1.94 -2.72
N GLU A 62 14.82 2.43 -1.81
CA GLU A 62 14.44 3.27 -0.67
C GLU A 62 13.82 4.60 -1.16
N GLY A 63 12.58 4.85 -0.75
CA GLY A 63 11.86 6.08 -1.13
C GLY A 63 11.03 5.91 -2.40
N SER A 64 11.01 4.69 -2.95
CA SER A 64 10.16 4.34 -4.10
C SER A 64 8.77 3.92 -3.59
N VAL A 65 7.72 4.61 -4.04
CA VAL A 65 6.33 4.29 -3.65
C VAL A 65 5.62 3.50 -4.78
N ILE A 66 5.07 2.35 -4.42
CA ILE A 66 4.30 1.47 -5.30
C ILE A 66 2.81 1.82 -5.12
N ARG A 67 2.25 2.56 -6.08
CA ARG A 67 0.85 2.99 -6.04
C ARG A 67 -0.01 2.05 -6.88
N VAL A 68 -1.01 1.42 -6.26
CA VAL A 68 -2.01 0.61 -6.95
C VAL A 68 -3.39 1.30 -6.78
N PRO A 69 -3.87 2.07 -7.81
CA PRO A 69 -5.15 2.81 -7.75
C PRO A 69 -6.38 1.91 -7.72
N GLY A 70 -7.28 2.20 -6.76
CA GLY A 70 -8.54 1.47 -6.60
C GLY A 70 -8.37 0.09 -5.96
N MET A 71 -7.28 -0.08 -5.19
CA MET A 71 -6.94 -1.38 -4.54
C MET A 71 -6.72 -1.20 -3.02
N GLY A 72 -6.68 0.06 -2.55
CA GLY A 72 -6.50 0.36 -1.13
C GLY A 72 -7.71 0.02 -0.28
N GLY A 73 -8.58 1.01 -0.05
CA GLY A 73 -9.78 0.82 0.75
C GLY A 73 -10.80 -0.07 0.06
N GLN A 74 -10.94 -1.31 0.58
CA GLN A 74 -11.84 -2.33 0.02
C GLN A 74 -13.32 -1.99 0.33
N GLY A 75 -14.19 -2.17 -0.69
CA GLY A 75 -15.62 -1.89 -0.56
C GLY A 75 -16.27 -1.63 -1.90
N ASN A 76 -17.48 -1.05 -1.87
CA ASN A 76 -18.20 -0.62 -3.09
C ASN A 76 -17.54 0.66 -3.70
N PRO A 77 -17.14 1.71 -2.90
CA PRO A 77 -16.20 2.75 -3.37
C PRO A 77 -14.73 2.40 -2.98
N PRO A 78 -13.87 2.01 -3.98
CA PRO A 78 -12.47 1.63 -3.71
C PRO A 78 -11.54 2.85 -3.60
N GLY A 79 -10.64 2.83 -2.62
CA GLY A 79 -9.64 3.89 -2.44
C GLY A 79 -8.28 3.54 -3.00
N ASP A 80 -7.32 4.46 -2.87
CA ASP A 80 -5.97 4.32 -3.47
C ASP A 80 -5.02 3.58 -2.52
N LEU A 81 -4.06 2.83 -3.09
CA LEU A 81 -3.04 2.11 -2.31
C LEU A 81 -1.65 2.73 -2.55
N LEU A 82 -0.93 3.06 -1.45
CA LEU A 82 0.43 3.64 -1.50
C LEU A 82 1.36 2.79 -0.60
N LEU A 83 2.38 2.13 -1.19
CA LEU A 83 3.36 1.31 -0.44
C LEU A 83 4.77 1.88 -0.59
N VAL A 84 5.25 2.56 0.45
CA VAL A 84 6.53 3.30 0.38
C VAL A 84 7.70 2.38 0.82
N VAL A 85 8.42 1.82 -0.18
CA VAL A 85 9.48 0.81 0.02
C VAL A 85 10.64 1.34 0.91
N ARG A 86 10.75 0.72 2.08
CA ARG A 86 11.78 0.96 3.09
C ARG A 86 12.79 -0.21 3.06
N LEU A 87 14.00 0.04 2.56
CA LEU A 87 15.05 -0.99 2.50
C LEU A 87 15.59 -1.31 3.90
N LEU A 88 15.43 -2.57 4.33
CA LEU A 88 15.79 -3.03 5.69
C LEU A 88 17.30 -3.27 5.80
N PRO A 89 17.91 -3.03 7.01
CA PRO A 89 19.36 -3.22 7.25
C PRO A 89 19.78 -4.69 7.03
N HIS A 90 20.54 -4.93 5.96
CA HIS A 90 21.06 -6.27 5.61
C HIS A 90 22.17 -6.69 6.63
N MET A 1 -1.19 1.82 14.91
CA MET A 1 -2.01 1.87 13.68
C MET A 1 -1.19 1.37 12.47
N LEU A 2 -1.88 1.25 11.31
CA LEU A 2 -1.35 0.72 10.02
C LEU A 2 -0.36 -0.47 10.18
N PRO A 3 -0.89 -1.76 10.21
CA PRO A 3 -0.02 -2.98 10.24
C PRO A 3 0.91 -3.04 9.00
N LEU A 4 0.31 -3.22 7.81
CA LEU A 4 1.00 -3.22 6.49
C LEU A 4 -0.07 -3.41 5.40
N LEU A 5 0.15 -2.85 4.20
CA LEU A 5 -0.82 -2.84 3.07
C LEU A 5 -2.18 -2.18 3.46
N PHE A 6 -2.23 -1.58 4.65
CA PHE A 6 -3.48 -1.17 5.33
C PHE A 6 -3.20 0.04 6.20
N THR A 7 -3.97 1.12 5.97
CA THR A 7 -3.91 2.36 6.74
C THR A 7 -5.31 3.00 6.71
N PRO A 8 -6.16 2.75 7.75
CA PRO A 8 -7.54 3.27 7.78
C PRO A 8 -7.55 4.80 7.94
N VAL A 9 -7.84 5.50 6.81
CA VAL A 9 -7.94 6.97 6.76
C VAL A 9 -9.39 7.37 6.42
N THR A 10 -9.66 8.68 6.46
CA THR A 10 -10.97 9.25 6.12
C THR A 10 -10.86 10.06 4.81
N LYS A 11 -11.00 9.36 3.67
CA LYS A 11 -10.96 9.96 2.34
C LYS A 11 -12.31 10.62 2.02
N GLY A 12 -12.29 11.69 1.21
CA GLY A 12 -13.49 12.48 0.93
C GLY A 12 -13.91 13.28 2.16
N SER A 13 -12.92 13.97 2.75
CA SER A 13 -13.08 14.68 4.02
C SER A 13 -14.00 15.93 3.88
N GLY A 14 -14.09 16.49 2.65
CA GLY A 14 -14.90 17.68 2.39
C GLY A 14 -16.40 17.41 2.43
N GLY A 15 -17.01 17.60 3.61
CA GLY A 15 -18.46 17.38 3.81
C GLY A 15 -18.82 15.90 3.85
N SER A 16 -17.85 15.05 4.27
CA SER A 16 -17.99 13.57 4.37
C SER A 16 -18.26 12.91 2.99
N GLY A 17 -18.03 13.67 1.91
CA GLY A 17 -18.21 13.20 0.54
C GLY A 17 -16.96 13.45 -0.28
N GLY A 18 -16.58 14.74 -0.39
CA GLY A 18 -15.41 15.17 -1.15
C GLY A 18 -15.62 14.95 -2.65
N SER A 19 -15.13 13.82 -3.16
CA SER A 19 -15.32 13.39 -4.57
C SER A 19 -16.67 12.67 -4.76
N GLY A 20 -17.41 12.49 -3.65
CA GLY A 20 -18.69 11.78 -3.64
C GLY A 20 -18.61 10.51 -2.80
N GLY A 21 -18.58 9.35 -3.48
CA GLY A 21 -18.47 8.05 -2.83
C GLY A 21 -17.14 7.39 -3.14
N SER A 22 -16.19 7.47 -2.19
CA SER A 22 -14.85 6.85 -2.31
C SER A 22 -14.51 6.06 -1.02
N GLY A 23 -13.71 4.98 -1.19
CA GLY A 23 -13.18 4.21 -0.05
C GLY A 23 -12.03 4.93 0.64
N ARG A 24 -11.23 4.20 1.41
CA ARG A 24 -10.07 4.78 2.16
C ARG A 24 -8.75 4.55 1.37
N ASP A 25 -7.80 5.48 1.54
CA ASP A 25 -6.46 5.37 0.93
C ASP A 25 -5.55 4.69 1.95
N LEU A 26 -5.07 3.48 1.65
CA LEU A 26 -4.19 2.79 2.58
C LEU A 26 -2.74 3.13 2.17
N ARG A 27 -2.08 3.98 2.98
CA ARG A 27 -0.69 4.39 2.74
C ARG A 27 0.18 3.88 3.89
N ALA A 28 0.96 2.85 3.61
CA ALA A 28 1.84 2.19 4.59
C ALA A 28 3.21 1.99 3.97
N GLU A 29 4.25 2.18 4.77
CA GLU A 29 5.62 1.92 4.36
C GLU A 29 5.91 0.41 4.45
N LEU A 30 6.45 -0.15 3.36
CA LEU A 30 6.65 -1.60 3.21
C LEU A 30 8.14 -1.94 3.48
N PRO A 31 8.48 -2.61 4.62
CA PRO A 31 9.86 -3.11 4.89
C PRO A 31 10.23 -4.25 3.89
N LEU A 32 11.31 -4.04 3.14
CA LEU A 32 11.72 -4.94 2.06
C LEU A 32 13.25 -5.05 2.07
N THR A 33 13.79 -6.27 1.95
CA THR A 33 15.25 -6.49 1.96
C THR A 33 15.86 -6.05 0.61
N LEU A 34 17.20 -5.94 0.55
CA LEU A 34 17.93 -5.56 -0.67
C LEU A 34 17.80 -6.66 -1.74
N GLU A 35 17.69 -7.91 -1.26
CA GLU A 35 17.58 -9.11 -2.08
C GLU A 35 16.19 -9.14 -2.73
N GLU A 36 15.16 -8.92 -1.90
CA GLU A 36 13.74 -8.94 -2.34
C GLU A 36 13.39 -7.66 -3.13
N ALA A 37 14.19 -6.61 -2.95
CA ALA A 37 14.15 -5.41 -3.81
C ALA A 37 14.65 -5.76 -5.22
N PHE A 38 15.78 -6.51 -5.25
CA PHE A 38 16.40 -7.00 -6.51
C PHE A 38 15.46 -8.02 -7.21
N HIS A 39 14.82 -8.90 -6.44
CA HIS A 39 13.96 -9.99 -6.97
C HIS A 39 12.60 -9.42 -7.42
N GLY A 40 12.08 -8.47 -6.64
CA GLY A 40 10.74 -7.94 -6.83
C GLY A 40 9.68 -9.01 -6.57
N GLY A 41 8.95 -9.40 -7.63
CA GLY A 41 7.91 -10.44 -7.54
C GLY A 41 6.75 -10.03 -6.63
N GLU A 42 6.35 -10.93 -5.73
CA GLU A 42 5.29 -10.66 -4.72
C GLU A 42 5.94 -10.48 -3.34
N ARG A 43 5.20 -9.81 -2.44
CA ARG A 43 5.62 -9.56 -1.06
C ARG A 43 4.46 -9.87 -0.12
N VAL A 44 4.70 -10.81 0.80
CA VAL A 44 3.71 -11.27 1.79
C VAL A 44 3.56 -10.21 2.89
N VAL A 45 2.40 -9.52 2.90
CA VAL A 45 2.12 -8.38 3.80
C VAL A 45 0.77 -8.62 4.54
N GLU A 46 0.66 -8.10 5.79
CA GLU A 46 -0.53 -8.28 6.65
C GLU A 46 -1.47 -7.07 6.58
N VAL A 47 -2.58 -7.22 5.85
CA VAL A 47 -3.60 -6.17 5.63
C VAL A 47 -4.83 -6.46 6.50
N ALA A 48 -4.94 -5.72 7.63
CA ALA A 48 -6.06 -5.79 8.58
C ALA A 48 -6.23 -7.21 9.19
N GLY A 49 -5.10 -7.95 9.27
CA GLY A 49 -5.07 -9.31 9.83
C GLY A 49 -5.06 -10.42 8.77
N ARG A 50 -5.35 -10.08 7.49
CA ARG A 50 -5.31 -11.07 6.38
C ARG A 50 -3.93 -11.05 5.71
N ARG A 51 -3.52 -12.20 5.13
CA ARG A 51 -2.24 -12.33 4.41
C ARG A 51 -2.48 -12.24 2.90
N VAL A 52 -2.03 -11.12 2.30
CA VAL A 52 -2.10 -10.91 0.83
C VAL A 52 -0.68 -10.64 0.31
N SER A 53 -0.32 -11.24 -0.82
CA SER A 53 0.95 -11.00 -1.48
C SER A 53 0.76 -9.93 -2.56
N VAL A 54 1.37 -8.75 -2.35
CA VAL A 54 1.27 -7.60 -3.27
C VAL A 54 2.51 -7.57 -4.18
N ARG A 55 2.30 -7.32 -5.48
CA ARG A 55 3.39 -7.34 -6.46
C ARG A 55 4.16 -6.01 -6.42
N ILE A 56 5.48 -6.15 -6.27
CA ILE A 56 6.45 -5.05 -6.18
C ILE A 56 7.44 -5.17 -7.37
N PRO A 57 7.93 -4.03 -7.96
CA PRO A 57 8.91 -4.06 -9.08
C PRO A 57 10.33 -4.48 -8.61
N PRO A 58 11.06 -5.35 -9.39
CA PRO A 58 12.50 -5.61 -9.16
C PRO A 58 13.37 -4.38 -9.51
N GLY A 59 14.44 -4.16 -8.73
CA GLY A 59 15.27 -2.97 -8.86
C GLY A 59 14.66 -1.74 -8.21
N VAL A 60 13.80 -1.94 -7.19
CA VAL A 60 13.14 -0.86 -6.44
C VAL A 60 14.06 -0.41 -5.27
N ARG A 61 13.96 0.88 -4.87
CA ARG A 61 14.80 1.47 -3.80
C ARG A 61 13.97 2.07 -2.66
N GLU A 62 14.72 2.57 -1.66
CA GLU A 62 14.22 3.29 -0.49
C GLU A 62 13.43 4.55 -0.92
N GLY A 63 12.29 4.78 -0.26
CA GLY A 63 11.45 5.95 -0.51
C GLY A 63 10.51 5.79 -1.70
N SER A 64 10.74 4.76 -2.54
CA SER A 64 9.91 4.52 -3.73
C SER A 64 8.53 4.02 -3.29
N VAL A 65 7.49 4.78 -3.63
CA VAL A 65 6.11 4.43 -3.28
C VAL A 65 5.42 3.74 -4.49
N ILE A 66 4.75 2.63 -4.20
CA ILE A 66 4.07 1.78 -5.19
C ILE A 66 2.57 2.06 -5.08
N ARG A 67 2.03 2.82 -6.06
CA ARG A 67 0.60 3.15 -6.10
C ARG A 67 -0.14 2.10 -6.93
N VAL A 68 -0.99 1.32 -6.25
CA VAL A 68 -1.97 0.45 -6.91
C VAL A 68 -3.36 1.15 -6.76
N PRO A 69 -3.85 1.85 -7.83
CA PRO A 69 -5.11 2.65 -7.76
C PRO A 69 -6.38 1.78 -7.56
N GLY A 70 -7.19 2.15 -6.55
CA GLY A 70 -8.46 1.47 -6.26
C GLY A 70 -8.31 0.09 -5.63
N MET A 71 -7.16 -0.16 -4.98
CA MET A 71 -6.86 -1.46 -4.31
C MET A 71 -6.92 -1.32 -2.78
N GLY A 72 -6.72 -0.09 -2.29
CA GLY A 72 -6.76 0.20 -0.86
C GLY A 72 -8.16 0.01 -0.24
N GLY A 73 -9.01 1.05 -0.36
CA GLY A 73 -10.41 0.97 0.05
C GLY A 73 -11.22 0.11 -0.91
N GLN A 74 -11.34 -1.19 -0.58
CA GLN A 74 -12.10 -2.17 -1.36
C GLN A 74 -13.61 -2.05 -1.12
N GLY A 75 -14.38 -2.27 -2.18
CA GLY A 75 -15.83 -2.16 -2.18
C GLY A 75 -16.32 -1.56 -3.48
N ASN A 76 -17.62 -1.17 -3.52
CA ASN A 76 -18.18 -0.37 -4.62
C ASN A 76 -17.48 1.03 -4.70
N PRO A 77 -17.25 1.77 -3.54
CA PRO A 77 -16.36 2.95 -3.53
C PRO A 77 -14.86 2.56 -3.40
N PRO A 78 -14.01 2.81 -4.45
CA PRO A 78 -12.57 2.45 -4.41
C PRO A 78 -11.70 3.51 -3.68
N GLY A 79 -10.61 3.05 -3.06
CA GLY A 79 -9.57 3.92 -2.49
C GLY A 79 -8.18 3.45 -2.91
N ASP A 80 -7.21 4.37 -3.01
CA ASP A 80 -5.84 4.07 -3.50
C ASP A 80 -5.01 3.26 -2.49
N LEU A 81 -4.01 2.54 -3.01
CA LEU A 81 -3.02 1.82 -2.22
C LEU A 81 -1.63 2.44 -2.49
N LEU A 82 -0.92 2.81 -1.42
CA LEU A 82 0.41 3.46 -1.48
C LEU A 82 1.39 2.67 -0.58
N LEU A 83 2.46 2.10 -1.16
CA LEU A 83 3.45 1.29 -0.41
C LEU A 83 4.86 1.89 -0.52
N VAL A 84 5.31 2.57 0.55
CA VAL A 84 6.62 3.27 0.55
C VAL A 84 7.74 2.27 0.93
N VAL A 85 8.41 1.71 -0.10
CA VAL A 85 9.48 0.70 0.06
C VAL A 85 10.61 1.23 0.98
N ARG A 86 10.92 0.42 2.00
CA ARG A 86 11.98 0.66 2.96
C ARG A 86 13.05 -0.39 2.75
N LEU A 87 14.25 0.02 2.30
CA LEU A 87 15.37 -0.91 2.15
C LEU A 87 15.94 -1.25 3.52
N LEU A 88 15.91 -2.53 3.88
CA LEU A 88 16.48 -3.04 5.12
C LEU A 88 18.00 -3.24 4.92
N PRO A 89 18.87 -2.73 5.85
CA PRO A 89 20.35 -2.77 5.68
C PRO A 89 20.91 -4.21 5.77
N HIS A 90 21.93 -4.50 4.95
CA HIS A 90 22.61 -5.83 4.89
C HIS A 90 24.13 -5.61 4.80
N MET A 1 -2.22 1.47 15.68
CA MET A 1 -1.90 2.26 14.47
C MET A 1 -1.74 1.35 13.25
N LEU A 2 -1.62 1.99 12.05
CA LEU A 2 -1.44 1.32 10.75
C LEU A 2 -0.33 0.22 10.80
N PRO A 3 -0.64 -1.06 10.43
CA PRO A 3 0.35 -2.15 10.40
C PRO A 3 1.09 -2.19 9.04
N LEU A 4 0.45 -2.79 8.01
CA LEU A 4 1.01 -2.92 6.66
C LEU A 4 -0.16 -3.11 5.68
N LEU A 5 -0.02 -2.49 4.50
CA LEU A 5 -1.05 -2.39 3.44
C LEU A 5 -2.38 -1.74 3.92
N PHE A 6 -2.40 -1.20 5.16
CA PHE A 6 -3.62 -0.72 5.84
C PHE A 6 -3.31 0.59 6.56
N THR A 7 -4.13 1.62 6.32
CA THR A 7 -4.00 2.96 6.95
C THR A 7 -5.38 3.64 7.02
N PRO A 8 -6.09 3.59 8.18
CA PRO A 8 -7.48 4.10 8.30
C PRO A 8 -7.54 5.65 8.26
N VAL A 9 -7.52 6.20 7.03
CA VAL A 9 -7.67 7.64 6.78
C VAL A 9 -9.17 8.01 6.73
N THR A 10 -9.48 9.31 6.65
CA THR A 10 -10.86 9.82 6.57
C THR A 10 -10.91 11.02 5.62
N LYS A 11 -10.74 10.72 4.32
CA LYS A 11 -10.68 11.73 3.24
C LYS A 11 -12.09 12.00 2.68
N GLY A 12 -12.71 13.09 3.18
CA GLY A 12 -14.05 13.49 2.73
C GLY A 12 -14.01 14.14 1.34
N SER A 13 -14.98 13.78 0.48
CA SER A 13 -15.14 14.34 -0.87
C SER A 13 -15.44 15.86 -0.78
N GLY A 14 -16.29 16.23 0.21
CA GLY A 14 -16.69 17.60 0.45
C GLY A 14 -17.47 18.21 -0.71
N GLY A 15 -18.58 17.56 -1.07
CA GLY A 15 -19.43 18.03 -2.16
C GLY A 15 -20.57 17.06 -2.44
N SER A 16 -21.71 17.60 -2.94
CA SER A 16 -22.91 16.82 -3.27
C SER A 16 -22.66 15.93 -4.50
N GLY A 17 -22.13 16.55 -5.57
CA GLY A 17 -21.73 15.83 -6.79
C GLY A 17 -20.57 14.87 -6.55
N GLY A 18 -19.79 15.16 -5.49
CA GLY A 18 -18.70 14.30 -5.04
C GLY A 18 -19.22 13.08 -4.28
N SER A 19 -19.75 12.10 -5.04
CA SER A 19 -20.24 10.84 -4.48
C SER A 19 -19.07 9.86 -4.42
N GLY A 20 -18.28 9.97 -3.34
CA GLY A 20 -17.09 9.14 -3.11
C GLY A 20 -15.93 9.53 -4.00
N GLY A 21 -15.91 8.99 -5.24
CA GLY A 21 -14.79 9.19 -6.18
C GLY A 21 -13.66 8.20 -5.90
N SER A 22 -13.18 8.22 -4.65
CA SER A 22 -12.20 7.28 -4.11
C SER A 22 -12.51 7.06 -2.63
N GLY A 23 -12.38 5.80 -2.16
CA GLY A 23 -12.61 5.44 -0.76
C GLY A 23 -11.48 5.90 0.15
N ARG A 24 -10.84 4.96 0.87
CA ARG A 24 -9.72 5.27 1.77
C ARG A 24 -8.38 5.00 1.06
N ASP A 25 -7.43 5.94 1.16
CA ASP A 25 -6.10 5.78 0.57
C ASP A 25 -5.19 5.25 1.66
N LEU A 26 -4.82 3.96 1.57
CA LEU A 26 -4.05 3.33 2.63
C LEU A 26 -2.57 3.46 2.27
N ARG A 27 -1.85 4.32 3.02
CA ARG A 27 -0.43 4.57 2.81
C ARG A 27 0.37 3.89 3.92
N ALA A 28 1.00 2.77 3.57
CA ALA A 28 1.79 1.98 4.50
C ALA A 28 3.21 1.83 3.95
N GLU A 29 4.19 2.04 4.82
CA GLU A 29 5.60 1.86 4.50
C GLU A 29 5.92 0.36 4.61
N LEU A 30 6.41 -0.20 3.50
CA LEU A 30 6.62 -1.63 3.35
C LEU A 30 8.10 -1.93 3.61
N PRO A 31 8.45 -2.61 4.76
CA PRO A 31 9.85 -2.99 5.04
C PRO A 31 10.28 -4.17 4.13
N LEU A 32 11.25 -3.91 3.25
CA LEU A 32 11.69 -4.85 2.22
C LEU A 32 13.21 -5.00 2.27
N THR A 33 13.70 -6.23 2.15
CA THR A 33 15.15 -6.52 2.23
C THR A 33 15.82 -6.19 0.88
N LEU A 34 17.15 -6.05 0.90
CA LEU A 34 17.96 -5.72 -0.29
C LEU A 34 17.97 -6.87 -1.30
N GLU A 35 17.79 -8.09 -0.75
CA GLU A 35 17.73 -9.33 -1.53
C GLU A 35 16.44 -9.33 -2.36
N GLU A 36 15.32 -9.05 -1.66
CA GLU A 36 13.98 -9.03 -2.26
C GLU A 36 13.75 -7.79 -3.13
N ALA A 37 14.55 -6.74 -2.89
CA ALA A 37 14.60 -5.56 -3.77
C ALA A 37 15.26 -5.92 -5.10
N PHE A 38 16.39 -6.65 -4.99
CA PHE A 38 17.19 -7.15 -6.13
C PHE A 38 16.37 -8.11 -7.01
N HIS A 39 15.59 -9.01 -6.35
CA HIS A 39 14.77 -10.02 -7.06
C HIS A 39 13.52 -9.35 -7.69
N GLY A 40 12.82 -8.55 -6.87
CA GLY A 40 11.63 -7.82 -7.30
C GLY A 40 10.47 -8.72 -7.75
N GLY A 41 10.11 -9.68 -6.87
CA GLY A 41 8.98 -10.59 -7.14
C GLY A 41 7.73 -10.18 -6.38
N GLU A 42 7.10 -11.13 -5.67
CA GLU A 42 5.91 -10.84 -4.82
C GLU A 42 6.36 -10.67 -3.36
N ARG A 43 5.50 -9.98 -2.59
CA ARG A 43 5.75 -9.65 -1.18
C ARG A 43 4.47 -9.91 -0.38
N VAL A 44 4.56 -10.81 0.61
CA VAL A 44 3.41 -11.22 1.43
C VAL A 44 3.26 -10.25 2.62
N VAL A 45 2.24 -9.40 2.53
CA VAL A 45 1.91 -8.36 3.53
C VAL A 45 0.52 -8.68 4.12
N GLU A 46 0.18 -8.09 5.27
CA GLU A 46 -1.07 -8.40 5.98
C GLU A 46 -1.90 -7.12 6.23
N VAL A 47 -3.07 -7.04 5.55
CA VAL A 47 -3.99 -5.89 5.62
C VAL A 47 -5.25 -6.27 6.46
N ALA A 48 -5.31 -5.74 7.70
CA ALA A 48 -6.45 -5.98 8.64
C ALA A 48 -6.68 -7.49 8.92
N GLY A 49 -5.59 -8.29 8.83
CA GLY A 49 -5.64 -9.74 9.09
C GLY A 49 -5.67 -10.58 7.81
N ARG A 50 -5.59 -9.94 6.63
CA ARG A 50 -5.64 -10.64 5.31
C ARG A 50 -4.23 -10.81 4.73
N ARG A 51 -3.81 -12.06 4.47
CA ARG A 51 -2.57 -12.37 3.76
C ARG A 51 -2.75 -12.08 2.26
N VAL A 52 -1.86 -11.28 1.69
CA VAL A 52 -1.88 -10.94 0.25
C VAL A 52 -0.46 -10.70 -0.27
N SER A 53 -0.13 -11.33 -1.40
CA SER A 53 1.14 -11.16 -2.08
C SER A 53 1.04 -10.04 -3.13
N VAL A 54 1.64 -8.87 -2.82
CA VAL A 54 1.69 -7.70 -3.72
C VAL A 54 3.06 -7.67 -4.41
N ARG A 55 3.07 -7.48 -5.74
CA ARG A 55 4.31 -7.51 -6.53
C ARG A 55 5.03 -6.15 -6.46
N ILE A 56 6.31 -6.24 -6.13
CA ILE A 56 7.27 -5.13 -6.09
C ILE A 56 8.09 -5.12 -7.41
N PRO A 57 8.47 -3.92 -7.95
CA PRO A 57 9.30 -3.83 -9.19
C PRO A 57 10.75 -4.37 -8.95
N PRO A 58 11.36 -5.06 -9.97
CA PRO A 58 12.78 -5.53 -9.90
C PRO A 58 13.77 -4.36 -9.76
N GLY A 59 14.68 -4.46 -8.78
CA GLY A 59 15.62 -3.39 -8.46
C GLY A 59 14.90 -2.15 -7.95
N VAL A 60 13.96 -2.36 -7.01
CA VAL A 60 13.19 -1.26 -6.40
C VAL A 60 14.06 -0.50 -5.38
N ARG A 61 13.83 0.82 -5.29
CA ARG A 61 14.64 1.74 -4.50
C ARG A 61 13.93 2.15 -3.19
N GLU A 62 14.72 2.82 -2.35
CA GLU A 62 14.28 3.38 -1.08
C GLU A 62 13.32 4.56 -1.32
N GLY A 63 12.21 4.58 -0.56
CA GLY A 63 11.19 5.60 -0.65
C GLY A 63 10.29 5.50 -1.87
N SER A 64 10.47 4.45 -2.71
CA SER A 64 9.66 4.27 -3.93
C SER A 64 8.24 3.87 -3.50
N VAL A 65 7.26 4.71 -3.83
CA VAL A 65 5.86 4.47 -3.47
C VAL A 65 5.14 3.74 -4.62
N ILE A 66 4.41 2.68 -4.27
CA ILE A 66 3.68 1.83 -5.21
C ILE A 66 2.19 2.15 -5.07
N ARG A 67 1.63 2.90 -6.04
CA ARG A 67 0.21 3.23 -6.07
C ARG A 67 -0.55 2.17 -6.87
N VAL A 68 -1.27 1.30 -6.16
CA VAL A 68 -2.15 0.30 -6.78
C VAL A 68 -3.59 0.87 -6.75
N PRO A 69 -4.18 1.22 -7.94
CA PRO A 69 -5.47 1.97 -8.03
C PRO A 69 -6.69 1.14 -7.57
N GLY A 70 -7.44 1.69 -6.60
CA GLY A 70 -8.72 1.11 -6.14
C GLY A 70 -8.57 -0.22 -5.38
N MET A 71 -7.35 -0.54 -4.92
CA MET A 71 -7.05 -1.82 -4.22
C MET A 71 -6.68 -1.58 -2.73
N GLY A 72 -6.92 -0.36 -2.26
CA GLY A 72 -6.62 0.03 -0.88
C GLY A 72 -7.83 -0.08 0.03
N GLY A 73 -8.45 1.08 0.33
CA GLY A 73 -9.54 1.17 1.30
C GLY A 73 -10.80 0.43 0.88
N GLN A 74 -11.23 -0.53 1.72
CA GLN A 74 -12.42 -1.34 1.46
C GLN A 74 -13.69 -0.51 1.64
N GLY A 75 -14.71 -0.85 0.84
CA GLY A 75 -16.01 -0.18 0.87
C GLY A 75 -16.73 -0.33 -0.46
N ASN A 76 -17.84 0.43 -0.62
CA ASN A 76 -18.56 0.49 -1.90
C ASN A 76 -17.75 1.36 -2.92
N PRO A 77 -17.25 2.62 -2.56
CA PRO A 77 -16.22 3.29 -3.36
C PRO A 77 -14.80 2.78 -2.98
N PRO A 78 -14.11 2.04 -3.89
CA PRO A 78 -12.75 1.50 -3.61
C PRO A 78 -11.69 2.62 -3.53
N GLY A 79 -10.90 2.63 -2.45
CA GLY A 79 -9.84 3.62 -2.25
C GLY A 79 -8.52 3.16 -2.80
N ASP A 80 -7.56 4.08 -2.91
CA ASP A 80 -6.24 3.80 -3.52
C ASP A 80 -5.29 3.16 -2.50
N LEU A 81 -4.27 2.48 -3.02
CA LEU A 81 -3.29 1.76 -2.21
C LEU A 81 -1.89 2.35 -2.45
N LEU A 82 -1.16 2.64 -1.36
CA LEU A 82 0.17 3.28 -1.41
C LEU A 82 1.17 2.45 -0.56
N LEU A 83 2.30 2.03 -1.18
CA LEU A 83 3.36 1.26 -0.50
C LEU A 83 4.72 1.95 -0.64
N VAL A 84 5.15 2.61 0.44
CA VAL A 84 6.43 3.32 0.46
C VAL A 84 7.54 2.31 0.85
N VAL A 85 8.19 1.74 -0.20
CA VAL A 85 9.25 0.71 -0.03
C VAL A 85 10.41 1.25 0.82
N ARG A 86 10.60 0.64 1.99
CA ARG A 86 11.66 0.96 2.93
C ARG A 86 12.71 -0.15 2.89
N LEU A 87 13.85 0.13 2.23
CA LEU A 87 14.96 -0.83 2.13
C LEU A 87 15.61 -1.03 3.52
N LEU A 88 15.31 -2.17 4.13
CA LEU A 88 15.89 -2.60 5.41
C LEU A 88 17.43 -2.74 5.32
N PRO A 89 18.17 -2.50 6.45
CA PRO A 89 19.63 -2.72 6.50
C PRO A 89 19.96 -4.23 6.47
N HIS A 90 21.24 -4.53 6.23
CA HIS A 90 21.77 -5.90 6.27
C HIS A 90 22.38 -6.15 7.68
N MET A 1 -4.30 0.68 13.95
CA MET A 1 -3.17 1.37 13.31
C MET A 1 -2.94 0.73 11.93
N LEU A 2 -1.79 1.04 11.30
CA LEU A 2 -1.38 0.50 10.00
C LEU A 2 -0.34 -0.63 10.17
N PRO A 3 -0.76 -1.94 10.11
CA PRO A 3 0.19 -3.08 10.15
C PRO A 3 1.02 -3.16 8.85
N LEU A 4 0.35 -3.48 7.73
CA LEU A 4 0.96 -3.53 6.39
C LEU A 4 -0.17 -3.73 5.36
N LEU A 5 0.00 -3.08 4.20
CA LEU A 5 -1.00 -2.99 3.09
C LEU A 5 -2.35 -2.31 3.55
N PHE A 6 -2.38 -1.84 4.79
CA PHE A 6 -3.59 -1.32 5.44
C PHE A 6 -3.21 -0.10 6.24
N THR A 7 -3.96 1.00 6.06
CA THR A 7 -3.74 2.26 6.78
C THR A 7 -5.08 3.00 6.96
N PRO A 8 -5.71 2.86 8.16
CA PRO A 8 -7.04 3.45 8.43
C PRO A 8 -7.01 5.00 8.53
N VAL A 9 -7.00 5.65 7.36
CA VAL A 9 -7.14 7.11 7.21
C VAL A 9 -8.63 7.47 7.20
N THR A 10 -8.93 8.76 7.42
CA THR A 10 -10.30 9.30 7.40
C THR A 10 -10.27 10.74 6.84
N LYS A 11 -10.15 10.89 5.50
CA LYS A 11 -10.17 12.21 4.85
C LYS A 11 -11.62 12.69 4.72
N GLY A 12 -11.91 13.87 5.30
CA GLY A 12 -13.28 14.40 5.37
C GLY A 12 -14.06 13.84 6.55
N SER A 13 -15.18 14.49 6.87
CA SER A 13 -16.08 14.11 8.00
C SER A 13 -17.35 13.41 7.48
N GLY A 14 -17.29 12.88 6.24
CA GLY A 14 -18.44 12.32 5.56
C GLY A 14 -19.31 13.43 4.99
N GLY A 15 -20.48 13.67 5.61
CA GLY A 15 -21.42 14.72 5.18
C GLY A 15 -21.89 14.53 3.74
N SER A 16 -22.13 15.64 3.04
CA SER A 16 -22.45 15.63 1.61
C SER A 16 -21.16 15.34 0.80
N GLY A 17 -21.01 14.07 0.38
CA GLY A 17 -19.89 13.64 -0.46
C GLY A 17 -20.30 13.55 -1.92
N GLY A 18 -19.36 13.83 -2.84
CA GLY A 18 -19.63 13.77 -4.29
C GLY A 18 -19.27 12.41 -4.87
N SER A 19 -18.68 12.42 -6.07
CA SER A 19 -18.20 11.21 -6.74
C SER A 19 -16.86 10.78 -6.11
N GLY A 20 -16.91 9.76 -5.24
CA GLY A 20 -15.74 9.26 -4.54
C GLY A 20 -14.84 8.40 -5.44
N GLY A 21 -14.07 9.09 -6.30
CA GLY A 21 -13.13 8.43 -7.21
C GLY A 21 -12.08 7.65 -6.44
N SER A 22 -11.54 8.29 -5.38
CA SER A 22 -10.64 7.66 -4.40
C SER A 22 -11.34 7.67 -3.02
N GLY A 23 -11.68 6.47 -2.51
CA GLY A 23 -12.30 6.31 -1.19
C GLY A 23 -11.32 6.48 -0.04
N ARG A 24 -10.78 5.36 0.47
CA ARG A 24 -9.75 5.39 1.53
C ARG A 24 -8.38 5.21 0.88
N ASP A 25 -7.42 6.07 1.24
CA ASP A 25 -6.08 6.04 0.67
C ASP A 25 -5.15 5.41 1.71
N LEU A 26 -4.77 4.14 1.54
CA LEU A 26 -3.99 3.43 2.55
C LEU A 26 -2.49 3.60 2.21
N ARG A 27 -1.76 4.37 3.02
CA ARG A 27 -0.32 4.55 2.85
C ARG A 27 0.41 3.80 3.96
N ALA A 28 1.00 2.65 3.60
CA ALA A 28 1.68 1.75 4.54
C ALA A 28 3.14 1.58 4.11
N GLU A 29 4.05 1.83 5.06
CA GLU A 29 5.49 1.65 4.85
C GLU A 29 5.82 0.14 4.84
N LEU A 30 6.35 -0.34 3.70
CA LEU A 30 6.64 -1.75 3.46
C LEU A 30 8.16 -2.00 3.67
N PRO A 31 8.56 -2.76 4.76
CA PRO A 31 9.97 -3.14 4.99
C PRO A 31 10.47 -4.16 3.93
N LEU A 32 11.58 -3.84 3.26
CA LEU A 32 12.09 -4.63 2.13
C LEU A 32 13.62 -4.55 2.10
N THR A 33 14.32 -5.68 1.94
CA THR A 33 15.80 -5.70 1.90
C THR A 33 16.30 -5.47 0.45
N LEU A 34 17.63 -5.28 0.30
CA LEU A 34 18.28 -5.04 -1.01
C LEU A 34 18.10 -6.23 -1.95
N GLU A 35 18.14 -7.45 -1.34
CA GLU A 35 18.01 -8.72 -2.05
C GLU A 35 16.62 -8.81 -2.69
N GLU A 36 15.60 -8.54 -1.86
CA GLU A 36 14.18 -8.64 -2.24
C GLU A 36 13.78 -7.48 -3.15
N ALA A 37 14.51 -6.37 -3.03
CA ALA A 37 14.37 -5.19 -3.91
C ALA A 37 14.84 -5.53 -5.33
N PHE A 38 15.94 -6.32 -5.42
CA PHE A 38 16.49 -6.81 -6.68
C PHE A 38 15.58 -7.90 -7.30
N HIS A 39 15.02 -8.78 -6.43
CA HIS A 39 14.19 -9.92 -6.89
C HIS A 39 12.88 -9.43 -7.51
N GLY A 40 12.19 -8.52 -6.79
CA GLY A 40 10.97 -7.87 -7.28
C GLY A 40 9.87 -8.86 -7.67
N GLY A 41 9.44 -9.66 -6.68
CA GLY A 41 8.37 -10.64 -6.89
C GLY A 41 7.21 -10.40 -5.93
N GLU A 42 6.42 -11.45 -5.66
CA GLU A 42 5.28 -11.36 -4.74
C GLU A 42 5.78 -11.31 -3.28
N ARG A 43 5.38 -10.25 -2.58
CA ARG A 43 5.82 -9.94 -1.22
C ARG A 43 4.61 -10.16 -0.31
N VAL A 44 4.76 -11.08 0.65
CA VAL A 44 3.68 -11.55 1.52
C VAL A 44 3.51 -10.57 2.68
N VAL A 45 2.43 -9.79 2.61
CA VAL A 45 2.07 -8.74 3.57
C VAL A 45 0.72 -9.11 4.23
N GLU A 46 0.37 -8.48 5.38
CA GLU A 46 -0.88 -8.81 6.09
C GLU A 46 -1.76 -7.54 6.26
N VAL A 47 -2.90 -7.54 5.55
CA VAL A 47 -3.86 -6.41 5.50
C VAL A 47 -5.10 -6.76 6.37
N ALA A 48 -5.22 -6.04 7.52
CA ALA A 48 -6.37 -6.18 8.45
C ALA A 48 -6.50 -7.60 9.06
N GLY A 49 -5.38 -8.37 9.06
CA GLY A 49 -5.36 -9.75 9.56
C GLY A 49 -5.39 -10.80 8.45
N ARG A 50 -5.72 -10.37 7.22
CA ARG A 50 -5.76 -11.23 6.02
C ARG A 50 -4.38 -11.21 5.34
N ARG A 51 -3.82 -12.40 5.08
CA ARG A 51 -2.51 -12.53 4.43
C ARG A 51 -2.69 -12.59 2.90
N VAL A 52 -1.92 -11.76 2.18
CA VAL A 52 -1.96 -11.65 0.72
C VAL A 52 -0.55 -11.30 0.18
N SER A 53 -0.25 -11.76 -1.03
CA SER A 53 1.04 -11.53 -1.68
C SER A 53 0.91 -10.40 -2.73
N VAL A 54 1.50 -9.23 -2.44
CA VAL A 54 1.47 -8.06 -3.35
C VAL A 54 2.80 -7.98 -4.12
N ARG A 55 2.72 -7.94 -5.46
CA ARG A 55 3.91 -7.90 -6.31
C ARG A 55 4.59 -6.51 -6.22
N ILE A 56 5.90 -6.54 -5.93
CA ILE A 56 6.78 -5.36 -5.91
C ILE A 56 7.60 -5.34 -7.24
N PRO A 57 7.96 -4.15 -7.79
CA PRO A 57 8.76 -4.05 -9.04
C PRO A 57 10.26 -4.38 -8.79
N PRO A 58 10.93 -5.20 -9.67
CA PRO A 58 12.39 -5.44 -9.58
C PRO A 58 13.20 -4.13 -9.81
N GLY A 59 14.21 -3.92 -8.96
CA GLY A 59 15.00 -2.68 -8.96
C GLY A 59 14.35 -1.57 -8.13
N VAL A 60 13.40 -1.95 -7.24
CA VAL A 60 12.70 -1.01 -6.35
C VAL A 60 13.68 -0.57 -5.22
N ARG A 61 13.55 0.68 -4.76
CA ARG A 61 14.50 1.28 -3.78
C ARG A 61 13.77 2.08 -2.72
N GLU A 62 14.59 2.62 -1.80
CA GLU A 62 14.18 3.48 -0.70
C GLU A 62 13.41 4.70 -1.22
N GLY A 63 12.15 4.83 -0.77
CA GLY A 63 11.29 5.95 -1.12
C GLY A 63 10.33 5.65 -2.27
N SER A 64 10.55 4.51 -2.96
CA SER A 64 9.68 4.08 -4.07
C SER A 64 8.32 3.65 -3.52
N VAL A 65 7.25 4.30 -3.99
CA VAL A 65 5.88 4.04 -3.53
C VAL A 65 5.13 3.25 -4.61
N ILE A 66 4.63 2.07 -4.22
CA ILE A 66 3.90 1.16 -5.11
C ILE A 66 2.40 1.49 -5.02
N ARG A 67 1.89 2.20 -6.03
CA ARG A 67 0.49 2.66 -6.04
C ARG A 67 -0.37 1.67 -6.83
N VAL A 68 -1.23 0.94 -6.12
CA VAL A 68 -2.28 0.10 -6.73
C VAL A 68 -3.63 0.83 -6.58
N PRO A 69 -4.09 1.59 -7.63
CA PRO A 69 -5.34 2.39 -7.58
C PRO A 69 -6.59 1.48 -7.44
N GLY A 70 -7.43 1.77 -6.42
CA GLY A 70 -8.70 1.07 -6.22
C GLY A 70 -8.64 -0.03 -5.17
N MET A 71 -7.43 -0.55 -4.90
CA MET A 71 -7.23 -1.71 -3.98
C MET A 71 -7.34 -1.31 -2.50
N GLY A 72 -6.93 -0.07 -2.19
CA GLY A 72 -6.90 0.43 -0.81
C GLY A 72 -8.29 0.55 -0.17
N GLY A 73 -8.98 1.66 -0.47
CA GLY A 73 -10.36 1.88 -0.03
C GLY A 73 -11.34 0.89 -0.65
N GLN A 74 -11.59 -0.21 0.07
CA GLN A 74 -12.64 -1.19 -0.23
C GLN A 74 -13.93 -0.81 0.50
N GLY A 75 -15.09 -1.21 -0.06
CA GLY A 75 -16.39 -0.96 0.54
C GLY A 75 -17.41 -0.53 -0.50
N ASN A 76 -17.14 0.63 -1.12
CA ASN A 76 -18.00 1.22 -2.18
C ASN A 76 -17.16 2.17 -3.11
N PRO A 77 -16.45 3.25 -2.57
CA PRO A 77 -15.57 4.11 -3.38
C PRO A 77 -14.13 3.55 -3.40
N PRO A 78 -13.62 3.08 -4.59
CA PRO A 78 -12.27 2.45 -4.69
C PRO A 78 -11.16 3.47 -4.36
N GLY A 79 -10.33 3.16 -3.37
CA GLY A 79 -9.28 4.08 -2.90
C GLY A 79 -7.88 3.58 -3.24
N ASP A 80 -6.91 4.49 -3.23
CA ASP A 80 -5.53 4.18 -3.64
C ASP A 80 -4.77 3.42 -2.55
N LEU A 81 -3.99 2.45 -2.98
CA LEU A 81 -3.05 1.71 -2.14
C LEU A 81 -1.65 2.27 -2.40
N LEU A 82 -0.94 2.67 -1.34
CA LEU A 82 0.39 3.32 -1.41
C LEU A 82 1.37 2.56 -0.50
N LEU A 83 2.25 1.74 -1.10
CA LEU A 83 3.28 0.98 -0.34
C LEU A 83 4.63 1.70 -0.43
N VAL A 84 4.97 2.40 0.64
CA VAL A 84 6.18 3.23 0.69
C VAL A 84 7.36 2.36 1.13
N VAL A 85 8.15 1.91 0.15
CA VAL A 85 9.24 0.96 0.34
C VAL A 85 10.37 1.54 1.23
N ARG A 86 10.51 0.94 2.42
CA ARG A 86 11.59 1.22 3.36
C ARG A 86 12.66 0.12 3.21
N LEU A 87 13.86 0.49 2.73
CA LEU A 87 14.98 -0.45 2.63
C LEU A 87 15.53 -0.76 4.04
N LEU A 88 15.64 -2.06 4.33
CA LEU A 88 16.17 -2.57 5.60
C LEU A 88 17.69 -2.63 5.54
N PRO A 89 18.41 -2.43 6.70
CA PRO A 89 19.89 -2.59 6.78
C PRO A 89 20.34 -4.06 6.56
N HIS A 90 21.66 -4.26 6.46
CA HIS A 90 22.26 -5.58 6.19
C HIS A 90 22.04 -6.52 7.41
N MET A 1 0.35 3.76 15.00
CA MET A 1 -0.55 3.89 13.83
C MET A 1 0.09 3.28 12.56
N LEU A 2 -0.79 3.09 11.52
CA LEU A 2 -0.50 2.41 10.24
C LEU A 2 0.48 1.20 10.34
N PRO A 3 -0.06 -0.05 10.50
CA PRO A 3 0.74 -1.29 10.26
C PRO A 3 1.10 -1.44 8.76
N LEU A 4 1.71 -2.56 8.38
CA LEU A 4 2.04 -2.84 6.97
C LEU A 4 0.75 -3.15 6.19
N LEU A 5 0.64 -2.50 5.02
CA LEU A 5 -0.51 -2.55 4.08
C LEU A 5 -1.74 -1.75 4.59
N PHE A 6 -2.04 -1.86 5.89
CA PHE A 6 -3.21 -1.20 6.53
C PHE A 6 -2.86 0.22 7.01
N THR A 7 -3.73 1.20 6.67
CA THR A 7 -3.55 2.61 7.07
C THR A 7 -4.94 3.29 7.18
N PRO A 8 -5.58 3.30 8.39
CA PRO A 8 -7.00 3.70 8.55
C PRO A 8 -7.24 5.22 8.41
N VAL A 9 -7.33 5.68 7.16
CA VAL A 9 -7.58 7.10 6.82
C VAL A 9 -9.02 7.26 6.28
N THR A 10 -9.31 8.41 5.65
CA THR A 10 -10.56 8.63 4.94
C THR A 10 -10.27 8.95 3.45
N LYS A 11 -9.09 9.59 3.20
CA LYS A 11 -8.68 10.07 1.86
C LYS A 11 -7.23 10.58 1.93
N GLY A 12 -6.48 10.50 0.81
CA GLY A 12 -5.09 10.93 0.80
C GLY A 12 -4.50 11.11 -0.60
N SER A 13 -4.47 10.02 -1.39
CA SER A 13 -3.82 10.01 -2.71
C SER A 13 -4.71 10.65 -3.77
N GLY A 14 -5.98 10.21 -3.85
CA GLY A 14 -6.92 10.73 -4.83
C GLY A 14 -8.30 10.10 -4.73
N GLY A 15 -9.34 10.92 -4.99
CA GLY A 15 -10.73 10.48 -4.98
C GLY A 15 -11.62 11.49 -5.66
N SER A 16 -11.43 11.64 -6.98
CA SER A 16 -12.19 12.57 -7.81
C SER A 16 -13.63 12.06 -8.00
N GLY A 17 -14.54 12.61 -7.18
CA GLY A 17 -15.94 12.25 -7.22
C GLY A 17 -16.71 13.04 -6.18
N GLY A 18 -16.83 14.36 -6.43
CA GLY A 18 -17.53 15.28 -5.52
C GLY A 18 -19.05 15.26 -5.65
N SER A 19 -19.62 14.04 -5.67
CA SER A 19 -21.08 13.79 -5.71
C SER A 19 -21.43 12.64 -4.75
N GLY A 20 -20.53 12.39 -3.77
CA GLY A 20 -20.70 11.30 -2.81
C GLY A 20 -19.40 10.98 -2.07
N GLY A 21 -18.28 11.11 -2.80
CA GLY A 21 -16.93 10.85 -2.26
C GLY A 21 -16.33 9.55 -2.79
N SER A 22 -15.39 8.96 -2.00
CA SER A 22 -14.63 7.76 -2.41
C SER A 22 -14.20 6.94 -1.15
N GLY A 23 -13.43 5.85 -1.39
CA GLY A 23 -12.84 5.05 -0.31
C GLY A 23 -11.55 5.63 0.22
N ARG A 24 -11.05 5.02 1.31
CA ARG A 24 -9.83 5.46 2.00
C ARG A 24 -8.57 4.91 1.30
N ASP A 25 -7.54 5.77 1.21
CA ASP A 25 -6.31 5.48 0.46
C ASP A 25 -5.22 5.07 1.44
N LEU A 26 -4.85 3.78 1.46
CA LEU A 26 -3.99 3.27 2.52
C LEU A 26 -2.54 3.43 2.08
N ARG A 27 -1.82 4.36 2.73
CA ARG A 27 -0.39 4.54 2.51
C ARG A 27 0.39 3.99 3.71
N ALA A 28 1.07 2.88 3.49
CA ALA A 28 1.89 2.23 4.51
C ALA A 28 3.29 2.03 3.93
N GLU A 29 4.33 2.21 4.75
CA GLU A 29 5.71 1.90 4.36
C GLU A 29 5.91 0.39 4.35
N LEU A 30 6.55 -0.13 3.29
CA LEU A 30 6.82 -1.56 3.12
C LEU A 30 8.29 -1.81 3.51
N PRO A 31 8.57 -2.37 4.74
CA PRO A 31 9.94 -2.76 5.15
C PRO A 31 10.43 -3.94 4.29
N LEU A 32 11.47 -3.71 3.49
CA LEU A 32 11.93 -4.65 2.46
C LEU A 32 13.45 -4.72 2.49
N THR A 33 14.05 -5.94 2.43
CA THR A 33 15.53 -6.07 2.42
C THR A 33 16.10 -5.73 1.03
N LEU A 34 17.42 -5.50 0.97
CA LEU A 34 18.14 -5.11 -0.26
C LEU A 34 18.06 -6.20 -1.35
N GLU A 35 17.98 -7.47 -0.91
CA GLU A 35 17.93 -8.64 -1.80
C GLU A 35 16.54 -8.76 -2.41
N GLU A 36 15.50 -8.63 -1.57
CA GLU A 36 14.09 -8.66 -2.00
C GLU A 36 13.80 -7.51 -2.98
N ALA A 37 14.45 -6.36 -2.74
CA ALA A 37 14.41 -5.20 -3.62
C ALA A 37 15.04 -5.51 -4.98
N PHE A 38 16.27 -6.05 -4.94
CA PHE A 38 17.11 -6.35 -6.11
C PHE A 38 16.41 -7.33 -7.07
N HIS A 39 15.91 -8.44 -6.52
CA HIS A 39 15.28 -9.50 -7.30
C HIS A 39 13.86 -9.09 -7.68
N GLY A 40 13.14 -8.47 -6.71
CA GLY A 40 11.72 -8.15 -6.87
C GLY A 40 10.83 -9.38 -6.76
N GLY A 41 9.56 -9.24 -7.15
CA GLY A 41 8.59 -10.35 -7.15
C GLY A 41 7.38 -10.05 -6.30
N GLU A 42 6.59 -11.09 -5.97
CA GLU A 42 5.40 -10.93 -5.13
C GLU A 42 5.79 -11.00 -3.65
N ARG A 43 5.38 -9.96 -2.92
CA ARG A 43 5.55 -9.84 -1.46
C ARG A 43 4.17 -9.89 -0.82
N VAL A 44 3.97 -10.85 0.08
CA VAL A 44 2.65 -11.15 0.66
C VAL A 44 2.57 -10.55 2.06
N VAL A 45 1.78 -9.46 2.19
CA VAL A 45 1.64 -8.67 3.43
C VAL A 45 0.15 -8.60 3.80
N GLU A 46 -0.16 -8.43 5.09
CA GLU A 46 -1.53 -8.53 5.60
C GLU A 46 -2.10 -7.14 5.97
N VAL A 47 -3.34 -6.88 5.51
CA VAL A 47 -4.10 -5.65 5.80
C VAL A 47 -5.34 -6.00 6.67
N ALA A 48 -5.27 -5.68 7.97
CA ALA A 48 -6.42 -5.81 8.92
C ALA A 48 -6.96 -7.27 9.02
N GLY A 49 -6.08 -8.26 8.77
CA GLY A 49 -6.45 -9.68 8.79
C GLY A 49 -6.68 -10.29 7.41
N ARG A 50 -6.36 -9.53 6.34
CA ARG A 50 -6.53 -9.99 4.94
C ARG A 50 -5.15 -10.10 4.28
N ARG A 51 -4.76 -11.32 3.88
CA ARG A 51 -3.42 -11.59 3.34
C ARG A 51 -3.40 -11.34 1.81
N VAL A 52 -2.76 -10.23 1.40
CA VAL A 52 -2.69 -9.77 0.00
C VAL A 52 -1.24 -9.87 -0.53
N SER A 53 -1.09 -10.42 -1.74
CA SER A 53 0.21 -10.50 -2.43
C SER A 53 0.39 -9.27 -3.33
N VAL A 54 1.24 -8.32 -2.90
CA VAL A 54 1.61 -7.13 -3.68
C VAL A 54 2.99 -7.33 -4.36
N ARG A 55 3.02 -7.22 -5.69
CA ARG A 55 4.26 -7.39 -6.46
C ARG A 55 5.14 -6.14 -6.35
N ILE A 56 6.28 -6.29 -5.67
CA ILE A 56 7.34 -5.27 -5.62
C ILE A 56 8.15 -5.31 -6.95
N PRO A 57 8.52 -4.11 -7.53
CA PRO A 57 9.30 -4.03 -8.79
C PRO A 57 10.70 -4.72 -8.69
N PRO A 58 11.12 -5.50 -9.74
CA PRO A 58 12.51 -6.04 -9.83
C PRO A 58 13.55 -4.92 -9.89
N GLY A 59 14.37 -4.81 -8.83
CA GLY A 59 15.32 -3.71 -8.69
C GLY A 59 14.65 -2.43 -8.19
N VAL A 60 13.71 -2.58 -7.23
CA VAL A 60 13.05 -1.41 -6.58
C VAL A 60 14.02 -0.77 -5.58
N ARG A 61 13.96 0.56 -5.45
CA ARG A 61 14.90 1.34 -4.64
C ARG A 61 14.23 1.97 -3.42
N GLU A 62 15.08 2.56 -2.58
CA GLU A 62 14.69 3.25 -1.35
C GLU A 62 13.81 4.49 -1.66
N GLY A 63 12.71 4.62 -0.91
CA GLY A 63 11.78 5.75 -1.03
C GLY A 63 10.63 5.48 -2.01
N SER A 64 10.84 4.52 -2.93
CA SER A 64 9.89 4.23 -4.03
C SER A 64 8.53 3.76 -3.51
N VAL A 65 7.46 4.48 -3.87
CA VAL A 65 6.09 4.15 -3.46
C VAL A 65 5.39 3.32 -4.58
N ILE A 66 4.87 2.15 -4.19
CA ILE A 66 4.19 1.21 -5.10
C ILE A 66 2.68 1.50 -5.03
N ARG A 67 2.12 1.94 -6.15
CA ARG A 67 0.71 2.31 -6.23
C ARG A 67 -0.12 1.19 -6.87
N VAL A 68 -1.10 0.66 -6.13
CA VAL A 68 -2.11 -0.26 -6.66
C VAL A 68 -3.49 0.42 -6.50
N PRO A 69 -4.04 1.05 -7.60
CA PRO A 69 -5.35 1.75 -7.54
C PRO A 69 -6.54 0.83 -7.17
N GLY A 70 -7.43 1.38 -6.32
CA GLY A 70 -8.67 0.71 -5.91
C GLY A 70 -8.50 -0.44 -4.91
N MET A 71 -7.26 -0.67 -4.42
CA MET A 71 -6.92 -1.86 -3.61
C MET A 71 -6.84 -1.54 -2.09
N GLY A 72 -6.75 -0.25 -1.76
CA GLY A 72 -6.69 0.19 -0.36
C GLY A 72 -8.05 0.09 0.33
N GLY A 73 -8.91 1.11 0.11
CA GLY A 73 -10.31 1.09 0.57
C GLY A 73 -11.12 -0.06 -0.02
N GLN A 74 -11.17 -1.17 0.72
CA GLN A 74 -11.98 -2.36 0.38
C GLN A 74 -13.38 -2.30 1.03
N GLY A 75 -14.25 -3.24 0.62
CA GLY A 75 -15.61 -3.38 1.15
C GLY A 75 -16.66 -3.08 0.10
N ASN A 76 -16.68 -1.82 -0.33
CA ASN A 76 -17.62 -1.29 -1.35
C ASN A 76 -17.24 0.13 -1.86
N PRO A 77 -16.59 1.08 -1.04
CA PRO A 77 -16.01 2.30 -1.60
C PRO A 77 -14.51 2.09 -1.94
N PRO A 78 -14.13 1.98 -3.26
CA PRO A 78 -12.73 1.72 -3.67
C PRO A 78 -11.81 2.90 -3.31
N GLY A 79 -10.74 2.59 -2.55
CA GLY A 79 -9.67 3.55 -2.24
C GLY A 79 -8.36 3.03 -2.74
N ASP A 80 -7.41 3.93 -3.00
CA ASP A 80 -6.11 3.60 -3.61
C ASP A 80 -5.15 2.94 -2.58
N LEU A 81 -4.10 2.27 -3.07
CA LEU A 81 -3.07 1.64 -2.21
C LEU A 81 -1.68 2.22 -2.56
N LEU A 82 -0.95 2.64 -1.52
CA LEU A 82 0.43 3.17 -1.63
C LEU A 82 1.34 2.40 -0.65
N LEU A 83 2.49 1.88 -1.15
CA LEU A 83 3.47 1.15 -0.31
C LEU A 83 4.88 1.70 -0.51
N VAL A 84 5.34 2.50 0.45
CA VAL A 84 6.61 3.23 0.35
C VAL A 84 7.77 2.32 0.81
N VAL A 85 8.46 1.72 -0.18
CA VAL A 85 9.58 0.78 0.05
C VAL A 85 10.70 1.40 0.92
N ARG A 86 10.86 0.84 2.12
CA ARG A 86 11.89 1.22 3.08
C ARG A 86 12.89 0.09 3.23
N LEU A 87 14.04 0.25 2.58
CA LEU A 87 15.10 -0.76 2.55
C LEU A 87 15.77 -0.89 3.92
N LEU A 88 15.64 -2.09 4.52
CA LEU A 88 16.15 -2.40 5.86
C LEU A 88 17.68 -2.62 5.80
N PRO A 89 18.42 -2.24 6.89
CA PRO A 89 19.89 -2.44 6.99
C PRO A 89 20.27 -3.94 6.91
N HIS A 90 21.00 -4.31 5.84
CA HIS A 90 21.43 -5.69 5.62
C HIS A 90 22.87 -5.87 6.18
N MET A 1 0.21 2.92 15.62
CA MET A 1 0.27 3.48 14.25
C MET A 1 -0.17 2.44 13.21
N LEU A 2 -0.41 2.90 11.97
CA LEU A 2 -0.60 2.05 10.77
C LEU A 2 0.45 0.89 10.69
N PRO A 3 0.01 -0.39 10.47
CA PRO A 3 0.90 -1.53 10.13
C PRO A 3 1.50 -1.44 8.69
N LEU A 4 2.04 -2.59 8.21
CA LEU A 4 2.68 -2.70 6.88
C LEU A 4 1.72 -2.36 5.72
N LEU A 5 0.49 -2.90 5.75
CA LEU A 5 -0.53 -2.51 4.78
C LEU A 5 -1.86 -2.39 5.52
N PHE A 6 -2.14 -1.18 6.01
CA PHE A 6 -3.41 -0.77 6.63
C PHE A 6 -3.20 0.63 7.21
N THR A 7 -3.78 1.65 6.57
CA THR A 7 -3.63 3.05 6.99
C THR A 7 -5.01 3.69 7.15
N PRO A 8 -5.57 3.69 8.40
CA PRO A 8 -6.93 4.19 8.66
C PRO A 8 -7.02 5.73 8.52
N VAL A 9 -7.23 6.19 7.27
CA VAL A 9 -7.46 7.59 6.94
C VAL A 9 -8.97 7.84 6.79
N THR A 10 -9.40 9.06 7.08
CA THR A 10 -10.78 9.50 6.82
C THR A 10 -10.79 10.25 5.49
N LYS A 11 -11.88 10.10 4.71
CA LYS A 11 -12.04 10.79 3.43
C LYS A 11 -12.46 12.25 3.68
N GLY A 12 -11.53 13.18 3.42
CA GLY A 12 -11.84 14.61 3.35
C GLY A 12 -12.68 14.90 2.11
N SER A 13 -14.01 15.01 2.30
CA SER A 13 -14.98 15.18 1.19
C SER A 13 -14.78 16.54 0.47
N GLY A 14 -14.16 17.50 1.18
CA GLY A 14 -13.79 18.79 0.59
C GLY A 14 -12.31 18.85 0.20
N GLY A 15 -11.74 17.68 -0.17
CA GLY A 15 -10.32 17.54 -0.52
C GLY A 15 -9.96 18.17 -1.87
N SER A 16 -10.40 17.51 -2.97
CA SER A 16 -10.15 17.98 -4.35
C SER A 16 -11.08 17.30 -5.37
N GLY A 17 -12.19 16.68 -4.88
CA GLY A 17 -13.14 15.96 -5.72
C GLY A 17 -12.60 14.61 -6.18
N GLY A 18 -12.81 13.56 -5.34
CA GLY A 18 -12.39 12.19 -5.65
C GLY A 18 -13.30 11.55 -6.71
N SER A 19 -12.91 11.68 -7.99
CA SER A 19 -13.74 11.31 -9.17
C SER A 19 -14.03 9.79 -9.25
N GLY A 20 -15.22 9.41 -8.78
CA GLY A 20 -15.73 8.05 -8.93
C GLY A 20 -15.17 7.08 -7.89
N GLY A 21 -13.88 6.76 -8.02
CA GLY A 21 -13.17 5.89 -7.06
C GLY A 21 -12.65 6.66 -5.85
N SER A 22 -11.53 6.18 -5.28
CA SER A 22 -10.85 6.78 -4.12
C SER A 22 -11.76 6.78 -2.87
N GLY A 23 -11.83 5.60 -2.25
CA GLY A 23 -12.53 5.40 -0.99
C GLY A 23 -11.63 5.74 0.20
N ARG A 24 -11.09 4.71 0.86
CA ARG A 24 -10.10 4.89 1.94
C ARG A 24 -8.70 4.70 1.34
N ASP A 25 -7.85 5.73 1.37
CA ASP A 25 -6.56 5.71 0.66
C ASP A 25 -5.47 5.30 1.65
N LEU A 26 -5.00 4.03 1.56
CA LEU A 26 -4.09 3.48 2.56
C LEU A 26 -2.65 3.74 2.08
N ARG A 27 -1.94 4.61 2.78
CA ARG A 27 -0.51 4.88 2.54
C ARG A 27 0.30 4.31 3.69
N ALA A 28 0.97 3.20 3.46
CA ALA A 28 1.74 2.47 4.47
C ALA A 28 3.11 2.11 3.90
N GLU A 29 4.06 1.81 4.80
CA GLU A 29 5.46 1.59 4.45
C GLU A 29 5.76 0.09 4.38
N LEU A 30 6.49 -0.33 3.34
CA LEU A 30 6.80 -1.72 3.06
C LEU A 30 8.28 -1.99 3.44
N PRO A 31 8.56 -2.63 4.63
CA PRO A 31 9.91 -3.10 4.97
C PRO A 31 10.38 -4.18 3.97
N LEU A 32 11.49 -3.90 3.28
CA LEU A 32 11.97 -4.74 2.17
C LEU A 32 13.49 -4.75 2.15
N THR A 33 14.11 -5.94 1.97
CA THR A 33 15.57 -6.09 1.95
C THR A 33 16.13 -5.89 0.53
N LEU A 34 17.48 -5.78 0.41
CA LEU A 34 18.17 -5.51 -0.87
C LEU A 34 17.95 -6.65 -1.88
N GLU A 35 17.92 -7.90 -1.37
CA GLU A 35 17.75 -9.10 -2.20
C GLU A 35 16.36 -9.05 -2.87
N GLU A 36 15.33 -8.90 -2.01
CA GLU A 36 13.92 -8.87 -2.41
C GLU A 36 13.61 -7.68 -3.31
N ALA A 37 14.29 -6.56 -3.04
CA ALA A 37 14.22 -5.35 -3.85
C ALA A 37 14.66 -5.63 -5.28
N PHE A 38 15.84 -6.28 -5.40
CA PHE A 38 16.47 -6.62 -6.69
C PHE A 38 15.66 -7.72 -7.42
N HIS A 39 15.07 -8.66 -6.65
CA HIS A 39 14.29 -9.78 -7.21
C HIS A 39 13.01 -9.26 -7.89
N GLY A 40 12.30 -8.37 -7.18
CA GLY A 40 11.01 -7.87 -7.64
C GLY A 40 9.94 -8.96 -7.66
N GLY A 41 9.95 -9.81 -6.61
CA GLY A 41 9.02 -10.93 -6.50
C GLY A 41 7.68 -10.53 -5.91
N GLU A 42 6.90 -11.53 -5.47
CA GLU A 42 5.68 -11.30 -4.67
C GLU A 42 6.03 -11.16 -3.20
N ARG A 43 5.31 -10.29 -2.50
CA ARG A 43 5.55 -9.97 -1.09
C ARG A 43 4.24 -10.19 -0.32
N VAL A 44 4.27 -11.09 0.67
CA VAL A 44 3.11 -11.37 1.53
C VAL A 44 3.04 -10.30 2.63
N VAL A 45 1.88 -9.64 2.69
CA VAL A 45 1.57 -8.58 3.67
C VAL A 45 0.12 -8.79 4.16
N GLU A 46 -0.25 -8.17 5.30
CA GLU A 46 -1.61 -8.32 5.87
C GLU A 46 -2.31 -6.96 5.97
N VAL A 47 -3.55 -6.91 5.44
CA VAL A 47 -4.44 -5.74 5.51
C VAL A 47 -5.74 -6.10 6.26
N ALA A 48 -5.96 -5.50 7.45
CA ALA A 48 -7.19 -5.66 8.25
C ALA A 48 -7.51 -7.16 8.58
N GLY A 49 -6.43 -7.95 8.76
CA GLY A 49 -6.53 -9.39 9.08
C GLY A 49 -6.69 -10.28 7.84
N ARG A 50 -6.32 -9.75 6.66
CA ARG A 50 -6.48 -10.46 5.36
C ARG A 50 -5.13 -10.51 4.62
N ARG A 51 -4.69 -11.72 4.24
CA ARG A 51 -3.43 -11.92 3.48
C ARG A 51 -3.59 -11.46 2.03
N VAL A 52 -2.77 -10.48 1.61
CA VAL A 52 -2.64 -10.05 0.21
C VAL A 52 -1.16 -10.12 -0.22
N SER A 53 -0.93 -10.55 -1.48
CA SER A 53 0.40 -10.65 -2.08
C SER A 53 0.56 -9.52 -3.11
N VAL A 54 1.44 -8.55 -2.82
CA VAL A 54 1.74 -7.42 -3.70
C VAL A 54 3.07 -7.66 -4.44
N ARG A 55 3.06 -7.47 -5.77
CA ARG A 55 4.25 -7.63 -6.61
C ARG A 55 5.08 -6.34 -6.52
N ILE A 56 6.27 -6.45 -5.94
CA ILE A 56 7.23 -5.35 -5.81
C ILE A 56 8.06 -5.21 -7.11
N PRO A 57 8.47 -3.97 -7.53
CA PRO A 57 9.32 -3.77 -8.74
C PRO A 57 10.76 -4.36 -8.58
N PRO A 58 11.36 -4.96 -9.66
CA PRO A 58 12.78 -5.41 -9.66
C PRO A 58 13.74 -4.21 -9.63
N GLY A 59 14.67 -4.25 -8.67
CA GLY A 59 15.61 -3.15 -8.42
C GLY A 59 14.97 -1.95 -7.72
N VAL A 60 13.88 -2.19 -6.94
CA VAL A 60 13.14 -1.11 -6.24
C VAL A 60 13.97 -0.56 -5.06
N ARG A 61 13.84 0.74 -4.79
CA ARG A 61 14.71 1.46 -3.84
C ARG A 61 13.93 2.08 -2.68
N GLU A 62 14.71 2.62 -1.74
CA GLU A 62 14.25 3.38 -0.58
C GLU A 62 13.59 4.68 -1.05
N GLY A 63 12.30 4.85 -0.68
CA GLY A 63 11.51 6.02 -1.07
C GLY A 63 10.51 5.72 -2.17
N SER A 64 10.78 4.67 -2.97
CA SER A 64 9.92 4.27 -4.10
C SER A 64 8.54 3.82 -3.58
N VAL A 65 7.48 4.49 -4.02
CA VAL A 65 6.10 4.19 -3.59
C VAL A 65 5.37 3.39 -4.70
N ILE A 66 4.81 2.25 -4.29
CA ILE A 66 4.08 1.33 -5.16
C ILE A 66 2.59 1.71 -5.12
N ARG A 67 2.13 2.42 -6.15
CA ARG A 67 0.73 2.87 -6.23
C ARG A 67 -0.12 1.77 -6.87
N VAL A 68 -0.98 1.15 -6.05
CA VAL A 68 -1.97 0.18 -6.51
C VAL A 68 -3.38 0.83 -6.33
N PRO A 69 -3.93 1.49 -7.38
CA PRO A 69 -5.24 2.19 -7.30
C PRO A 69 -6.43 1.20 -7.29
N GLY A 70 -7.26 1.26 -6.23
CA GLY A 70 -8.46 0.43 -6.11
C GLY A 70 -8.31 -0.73 -5.12
N MET A 71 -7.06 -1.11 -4.82
CA MET A 71 -6.75 -2.25 -3.92
C MET A 71 -6.28 -1.78 -2.52
N GLY A 72 -6.52 -0.49 -2.21
CA GLY A 72 -6.27 0.06 -0.88
C GLY A 72 -7.42 -0.20 0.07
N GLY A 73 -8.26 0.82 0.32
CA GLY A 73 -9.45 0.69 1.16
C GLY A 73 -10.52 -0.20 0.53
N GLN A 74 -10.60 -1.44 1.02
CA GLN A 74 -11.57 -2.46 0.57
C GLN A 74 -12.87 -2.35 1.38
N GLY A 75 -13.98 -2.85 0.81
CA GLY A 75 -15.29 -2.83 1.47
C GLY A 75 -16.41 -2.69 0.45
N ASN A 76 -16.44 -1.52 -0.21
CA ASN A 76 -17.42 -1.17 -1.27
C ASN A 76 -16.86 -0.01 -2.15
N PRO A 77 -16.44 1.19 -1.58
CA PRO A 77 -15.74 2.22 -2.39
C PRO A 77 -14.21 1.93 -2.45
N PRO A 78 -13.67 1.53 -3.66
CA PRO A 78 -12.25 1.12 -3.79
C PRO A 78 -11.30 2.29 -3.51
N GLY A 79 -10.41 2.11 -2.55
CA GLY A 79 -9.43 3.14 -2.16
C GLY A 79 -8.10 2.92 -2.84
N ASP A 80 -7.26 3.95 -2.86
CA ASP A 80 -5.92 3.88 -3.48
C ASP A 80 -4.93 3.27 -2.48
N LEU A 81 -3.87 2.61 -2.99
CA LEU A 81 -2.83 2.02 -2.14
C LEU A 81 -1.47 2.63 -2.49
N LEU A 82 -0.72 3.04 -1.46
CA LEU A 82 0.63 3.61 -1.59
C LEU A 82 1.59 2.86 -0.65
N LEU A 83 2.43 1.96 -1.19
CA LEU A 83 3.42 1.20 -0.39
C LEU A 83 4.82 1.80 -0.57
N VAL A 84 5.25 2.58 0.41
CA VAL A 84 6.53 3.29 0.38
C VAL A 84 7.63 2.33 0.85
N VAL A 85 8.36 1.75 -0.13
CA VAL A 85 9.43 0.78 0.11
C VAL A 85 10.55 1.37 0.97
N ARG A 86 10.72 0.76 2.14
CA ARG A 86 11.78 1.04 3.07
C ARG A 86 12.86 -0.04 2.93
N LEU A 87 13.99 0.33 2.28
CA LEU A 87 15.15 -0.57 2.19
C LEU A 87 15.77 -0.74 3.58
N LEU A 88 15.60 -1.92 4.15
CA LEU A 88 16.11 -2.28 5.48
C LEU A 88 17.65 -2.36 5.45
N PRO A 89 18.33 -2.24 6.64
CA PRO A 89 19.80 -2.39 6.76
C PRO A 89 20.27 -3.87 6.65
N HIS A 90 19.83 -4.55 5.57
CA HIS A 90 20.20 -5.93 5.24
C HIS A 90 20.39 -6.03 3.71
N MET A 1 -1.05 2.37 15.93
CA MET A 1 -1.04 3.12 14.64
C MET A 1 -1.13 2.14 13.46
N LEU A 2 -0.99 2.68 12.23
CA LEU A 2 -1.03 1.91 10.98
C LEU A 2 0.03 0.78 10.97
N PRO A 3 -0.38 -0.52 10.76
CA PRO A 3 0.56 -1.62 10.45
C PRO A 3 0.92 -1.64 8.95
N LEU A 4 1.37 -2.79 8.45
CA LEU A 4 1.78 -2.97 7.05
C LEU A 4 0.54 -3.22 6.16
N LEU A 5 0.57 -2.60 4.97
CA LEU A 5 -0.49 -2.64 3.92
C LEU A 5 -1.84 -1.96 4.36
N PHE A 6 -1.99 -1.70 5.67
CA PHE A 6 -3.22 -1.18 6.27
C PHE A 6 -2.94 0.16 6.92
N THR A 7 -3.67 1.19 6.48
CA THR A 7 -3.52 2.56 6.96
C THR A 7 -4.89 3.15 7.22
N PRO A 8 -5.44 3.01 8.47
CA PRO A 8 -6.81 3.45 8.77
C PRO A 8 -6.96 4.99 8.67
N VAL A 9 -7.38 5.41 7.47
CA VAL A 9 -7.67 6.81 7.12
C VAL A 9 -9.11 6.92 6.61
N THR A 10 -9.59 8.15 6.47
CA THR A 10 -10.88 8.46 5.86
C THR A 10 -10.77 9.84 5.20
N LYS A 11 -11.41 10.01 4.03
CA LYS A 11 -11.31 11.26 3.23
C LYS A 11 -12.25 12.33 3.81
N GLY A 12 -11.86 12.85 4.99
CA GLY A 12 -12.72 13.70 5.81
C GLY A 12 -13.83 12.89 6.50
N SER A 13 -14.73 13.61 7.20
CA SER A 13 -16.01 13.04 7.68
C SER A 13 -16.98 12.90 6.49
N GLY A 14 -16.88 13.87 5.57
CA GLY A 14 -17.69 13.91 4.36
C GLY A 14 -17.22 15.04 3.48
N GLY A 15 -16.15 14.78 2.69
CA GLY A 15 -15.51 15.80 1.85
C GLY A 15 -16.43 16.37 0.77
N SER A 16 -17.17 17.45 1.11
CA SER A 16 -18.19 18.10 0.24
C SER A 16 -19.22 17.04 -0.25
N GLY A 17 -19.58 16.13 0.67
CA GLY A 17 -20.41 14.98 0.35
C GLY A 17 -19.57 13.75 0.11
N GLY A 18 -19.69 13.18 -1.12
CA GLY A 18 -18.95 11.98 -1.52
C GLY A 18 -19.25 10.77 -0.65
N SER A 19 -20.53 10.65 -0.21
CA SER A 19 -21.06 9.53 0.64
C SER A 19 -20.45 9.52 2.08
N GLY A 20 -19.52 10.44 2.36
CA GLY A 20 -18.72 10.39 3.58
C GLY A 20 -17.24 10.50 3.26
N GLY A 21 -16.39 9.79 4.01
CA GLY A 21 -14.95 9.75 3.74
C GLY A 21 -14.59 8.62 2.81
N SER A 22 -15.20 8.63 1.61
CA SER A 22 -15.08 7.56 0.61
C SER A 22 -13.75 7.63 -0.16
N GLY A 23 -13.34 6.48 -0.73
CA GLY A 23 -12.08 6.36 -1.48
C GLY A 23 -10.87 6.61 -0.61
N ARG A 24 -10.73 5.79 0.45
CA ARG A 24 -9.65 5.92 1.44
C ARG A 24 -8.31 5.53 0.81
N ASP A 25 -7.28 6.35 1.00
CA ASP A 25 -5.97 6.12 0.40
C ASP A 25 -5.10 5.49 1.50
N LEU A 26 -4.85 4.17 1.43
CA LEU A 26 -4.07 3.53 2.50
C LEU A 26 -2.61 3.66 2.09
N ARG A 27 -1.89 4.56 2.78
CA ARG A 27 -0.48 4.82 2.52
C ARG A 27 0.33 4.19 3.65
N ALA A 28 0.93 3.04 3.35
CA ALA A 28 1.68 2.25 4.32
C ALA A 28 3.07 2.00 3.75
N GLU A 29 4.07 2.15 4.59
CA GLU A 29 5.47 1.91 4.23
C GLU A 29 5.78 0.41 4.32
N LEU A 30 6.37 -0.15 3.24
CA LEU A 30 6.60 -1.59 3.10
C LEU A 30 8.08 -1.91 3.41
N PRO A 31 8.37 -2.51 4.62
CA PRO A 31 9.73 -3.05 4.93
C PRO A 31 10.13 -4.18 3.95
N LEU A 32 11.20 -3.93 3.19
CA LEU A 32 11.62 -4.78 2.06
C LEU A 32 13.15 -4.77 1.97
N THR A 33 13.79 -5.95 2.00
CA THR A 33 15.26 -6.06 2.02
C THR A 33 15.85 -5.78 0.63
N LEU A 34 17.19 -5.61 0.57
CA LEU A 34 17.93 -5.37 -0.69
C LEU A 34 17.79 -6.57 -1.65
N GLU A 35 17.81 -7.77 -1.05
CA GLU A 35 17.71 -9.06 -1.74
C GLU A 35 16.33 -9.18 -2.43
N GLU A 36 15.27 -8.96 -1.65
CA GLU A 36 13.87 -9.07 -2.11
C GLU A 36 13.51 -7.94 -3.10
N ALA A 37 14.13 -6.76 -2.89
CA ALA A 37 14.00 -5.61 -3.80
C ALA A 37 14.57 -5.95 -5.19
N PHE A 38 15.77 -6.59 -5.18
CA PHE A 38 16.49 -7.02 -6.38
C PHE A 38 15.70 -8.13 -7.11
N HIS A 39 15.10 -9.06 -6.31
CA HIS A 39 14.33 -10.20 -6.85
C HIS A 39 13.13 -9.70 -7.66
N GLY A 40 12.38 -8.74 -7.07
CA GLY A 40 11.20 -8.15 -7.71
C GLY A 40 10.11 -9.18 -7.98
N GLY A 41 9.73 -9.92 -6.93
CA GLY A 41 8.66 -10.91 -7.02
C GLY A 41 7.40 -10.42 -6.34
N GLU A 42 6.69 -11.33 -5.66
CA GLU A 42 5.58 -10.97 -4.78
C GLU A 42 6.12 -10.82 -3.35
N ARG A 43 5.50 -9.94 -2.58
CA ARG A 43 5.84 -9.70 -1.17
C ARG A 43 4.57 -9.91 -0.35
N VAL A 44 4.61 -10.91 0.55
CA VAL A 44 3.45 -11.33 1.33
C VAL A 44 3.35 -10.47 2.60
N VAL A 45 2.37 -9.55 2.59
CA VAL A 45 2.11 -8.57 3.67
C VAL A 45 0.63 -8.71 4.09
N GLU A 46 0.28 -8.28 5.32
CA GLU A 46 -1.10 -8.49 5.89
C GLU A 46 -1.83 -7.14 6.07
N VAL A 47 -2.99 -6.98 5.39
CA VAL A 47 -3.88 -5.82 5.56
C VAL A 47 -5.13 -6.23 6.38
N ALA A 48 -5.16 -5.82 7.67
CA ALA A 48 -6.35 -5.99 8.55
C ALA A 48 -6.72 -7.48 8.76
N GLY A 49 -5.72 -8.38 8.69
CA GLY A 49 -5.93 -9.84 8.83
C GLY A 49 -5.93 -10.59 7.50
N ARG A 50 -6.03 -9.84 6.39
CA ARG A 50 -6.08 -10.41 5.03
C ARG A 50 -4.64 -10.45 4.46
N ARG A 51 -4.14 -11.67 4.17
CA ARG A 51 -2.74 -11.88 3.75
C ARG A 51 -2.66 -11.74 2.21
N VAL A 52 -2.11 -10.61 1.73
CA VAL A 52 -2.03 -10.27 0.29
C VAL A 52 -0.57 -10.22 -0.19
N SER A 53 -0.25 -10.93 -1.29
CA SER A 53 1.04 -10.88 -1.96
C SER A 53 1.03 -9.77 -3.04
N VAL A 54 1.74 -8.66 -2.77
CA VAL A 54 1.82 -7.50 -3.67
C VAL A 54 3.13 -7.54 -4.47
N ARG A 55 3.03 -7.38 -5.80
CA ARG A 55 4.19 -7.52 -6.71
C ARG A 55 5.04 -6.22 -6.68
N ILE A 56 6.26 -6.39 -6.16
CA ILE A 56 7.28 -5.33 -6.06
C ILE A 56 8.16 -5.30 -7.34
N PRO A 57 8.58 -4.10 -7.85
CA PRO A 57 9.52 -4.00 -9.01
C PRO A 57 10.97 -4.48 -8.65
N PRO A 58 11.70 -5.17 -9.59
CA PRO A 58 13.12 -5.56 -9.39
C PRO A 58 14.05 -4.32 -9.44
N GLY A 59 14.88 -4.18 -8.40
CA GLY A 59 15.75 -3.02 -8.24
C GLY A 59 15.05 -1.82 -7.59
N VAL A 60 13.95 -2.08 -6.84
CA VAL A 60 13.19 -1.02 -6.15
C VAL A 60 13.97 -0.53 -4.90
N ARG A 61 13.78 0.75 -4.53
CA ARG A 61 14.60 1.42 -3.51
C ARG A 61 13.76 2.16 -2.47
N GLU A 62 14.49 2.75 -1.51
CA GLU A 62 13.95 3.54 -0.40
C GLU A 62 13.14 4.75 -0.91
N GLY A 63 11.92 4.92 -0.35
CA GLY A 63 11.04 6.03 -0.68
C GLY A 63 10.20 5.79 -1.92
N SER A 64 10.46 4.68 -2.64
CA SER A 64 9.72 4.33 -3.86
C SER A 64 8.31 3.86 -3.46
N VAL A 65 7.28 4.56 -3.92
CA VAL A 65 5.89 4.29 -3.55
C VAL A 65 5.19 3.51 -4.70
N ILE A 66 4.45 2.45 -4.32
CA ILE A 66 3.77 1.54 -5.25
C ILE A 66 2.26 1.82 -5.20
N ARG A 67 1.76 2.52 -6.22
CA ARG A 67 0.34 2.88 -6.33
C ARG A 67 -0.43 1.75 -7.01
N VAL A 68 -1.30 1.08 -6.23
CA VAL A 68 -2.22 0.06 -6.73
C VAL A 68 -3.66 0.62 -6.63
N PRO A 69 -4.28 1.07 -7.77
CA PRO A 69 -5.64 1.67 -7.77
C PRO A 69 -6.75 0.64 -7.45
N GLY A 70 -7.74 1.08 -6.64
CA GLY A 70 -8.93 0.27 -6.33
C GLY A 70 -8.70 -0.78 -5.23
N MET A 71 -7.44 -0.98 -4.79
CA MET A 71 -7.08 -2.05 -3.81
C MET A 71 -6.63 -1.45 -2.47
N GLY A 72 -6.95 -0.16 -2.25
CA GLY A 72 -6.63 0.53 -0.99
C GLY A 72 -7.77 0.45 0.01
N GLY A 73 -8.48 1.58 0.22
CA GLY A 73 -9.61 1.65 1.15
C GLY A 73 -10.78 0.76 0.73
N GLN A 74 -10.77 -0.48 1.20
CA GLN A 74 -11.79 -1.49 0.85
C GLN A 74 -13.08 -1.29 1.68
N GLY A 75 -14.23 -1.62 1.06
CA GLY A 75 -15.54 -1.42 1.66
C GLY A 75 -16.60 -1.34 0.57
N ASN A 76 -17.39 -0.26 0.56
CA ASN A 76 -18.30 0.07 -0.54
C ASN A 76 -17.54 0.84 -1.66
N PRO A 77 -16.76 1.96 -1.35
CA PRO A 77 -15.97 2.70 -2.36
C PRO A 77 -14.46 2.30 -2.33
N PRO A 78 -13.98 1.48 -3.33
CA PRO A 78 -12.57 1.01 -3.36
C PRO A 78 -11.59 2.20 -3.49
N GLY A 79 -10.66 2.30 -2.53
CA GLY A 79 -9.70 3.41 -2.47
C GLY A 79 -8.38 3.07 -3.14
N ASP A 80 -7.40 3.97 -2.98
CA ASP A 80 -6.07 3.83 -3.61
C ASP A 80 -5.06 3.27 -2.60
N LEU A 81 -4.12 2.44 -3.08
CA LEU A 81 -3.09 1.81 -2.24
C LEU A 81 -1.72 2.43 -2.58
N LEU A 82 -0.99 2.87 -1.54
CA LEU A 82 0.33 3.49 -1.69
C LEU A 82 1.35 2.80 -0.75
N LEU A 83 2.30 2.04 -1.33
CA LEU A 83 3.30 1.26 -0.56
C LEU A 83 4.71 1.85 -0.70
N VAL A 84 5.16 2.55 0.34
CA VAL A 84 6.45 3.25 0.34
C VAL A 84 7.57 2.28 0.80
N VAL A 85 8.24 1.65 -0.18
CA VAL A 85 9.33 0.67 0.05
C VAL A 85 10.45 1.26 0.94
N ARG A 86 10.59 0.67 2.14
CA ARG A 86 11.67 0.93 3.09
C ARG A 86 12.75 -0.15 2.92
N LEU A 87 13.96 0.24 2.48
CA LEU A 87 15.08 -0.73 2.32
C LEU A 87 15.58 -1.20 3.70
N LEU A 88 15.39 -2.51 3.98
CA LEU A 88 15.88 -3.15 5.21
C LEU A 88 17.30 -3.72 4.99
N PRO A 89 18.08 -3.90 6.10
CA PRO A 89 19.35 -4.68 6.07
C PRO A 89 19.13 -6.20 5.89
N HIS A 90 20.16 -7.01 6.21
CA HIS A 90 20.12 -8.48 6.04
C HIS A 90 21.14 -9.12 7.03
N MET A 1 0.83 3.50 14.85
CA MET A 1 -0.32 3.35 13.90
C MET A 1 0.19 2.88 12.54
N LEU A 2 -0.75 2.61 11.62
CA LEU A 2 -0.53 2.10 10.25
C LEU A 2 0.64 1.08 10.13
N PRO A 3 0.33 -0.27 10.16
CA PRO A 3 1.34 -1.33 9.87
C PRO A 3 1.73 -1.37 8.37
N LEU A 4 2.32 -2.50 7.91
CA LEU A 4 2.85 -2.67 6.53
C LEU A 4 1.76 -2.46 5.45
N LEU A 5 0.56 -2.98 5.64
CA LEU A 5 -0.58 -2.68 4.75
C LEU A 5 -1.83 -2.54 5.62
N PHE A 6 -2.15 -1.28 5.97
CA PHE A 6 -3.39 -0.84 6.66
C PHE A 6 -3.16 0.58 7.16
N THR A 7 -3.98 1.56 6.71
CA THR A 7 -3.82 2.97 7.08
C THR A 7 -5.19 3.68 7.20
N PRO A 8 -5.86 3.62 8.39
CA PRO A 8 -7.20 4.22 8.57
C PRO A 8 -7.12 5.77 8.67
N VAL A 9 -7.14 6.41 7.49
CA VAL A 9 -6.98 7.87 7.32
C VAL A 9 -8.29 8.64 7.57
N THR A 10 -8.24 9.96 7.33
CA THR A 10 -9.39 10.86 7.40
C THR A 10 -9.57 11.55 6.02
N LYS A 11 -10.40 10.92 5.15
CA LYS A 11 -10.70 11.45 3.80
C LYS A 11 -12.21 11.75 3.68
N GLY A 12 -12.55 12.84 2.97
CA GLY A 12 -13.92 13.25 2.73
C GLY A 12 -14.07 14.05 1.45
N SER A 13 -15.17 13.81 0.71
CA SER A 13 -15.46 14.46 -0.58
C SER A 13 -16.47 15.61 -0.37
N GLY A 14 -17.01 16.18 -1.48
CA GLY A 14 -17.96 17.28 -1.41
C GLY A 14 -19.41 16.83 -1.17
N GLY A 15 -19.66 16.27 0.03
CA GLY A 15 -21.00 15.88 0.49
C GLY A 15 -21.72 14.91 -0.44
N SER A 16 -22.56 15.46 -1.32
CA SER A 16 -23.30 14.69 -2.34
C SER A 16 -22.48 14.68 -3.66
N GLY A 17 -21.61 13.68 -3.82
CA GLY A 17 -20.81 13.53 -5.04
C GLY A 17 -19.39 13.04 -4.74
N GLY A 18 -18.67 12.62 -5.80
CA GLY A 18 -17.28 12.15 -5.69
C GLY A 18 -16.51 12.42 -6.97
N SER A 19 -16.02 13.66 -7.12
CA SER A 19 -15.26 14.10 -8.32
C SER A 19 -13.89 13.41 -8.35
N GLY A 20 -13.12 13.56 -7.26
CA GLY A 20 -11.85 12.87 -7.09
C GLY A 20 -12.05 11.41 -6.74
N GLY A 21 -11.26 10.52 -7.38
CA GLY A 21 -11.29 9.08 -7.11
C GLY A 21 -10.57 8.72 -5.82
N SER A 22 -11.19 9.08 -4.69
CA SER A 22 -10.61 8.93 -3.35
C SER A 22 -11.61 8.22 -2.42
N GLY A 23 -11.36 6.93 -2.17
CA GLY A 23 -12.07 6.16 -1.16
C GLY A 23 -11.41 6.34 0.19
N ARG A 24 -10.97 5.24 0.82
CA ARG A 24 -10.04 5.31 1.97
C ARG A 24 -8.62 5.10 1.42
N ASP A 25 -7.76 6.13 1.58
CA ASP A 25 -6.45 6.16 0.95
C ASP A 25 -5.45 5.52 1.91
N LEU A 26 -5.00 4.29 1.65
CA LEU A 26 -4.07 3.63 2.56
C LEU A 26 -2.64 3.89 2.07
N ARG A 27 -1.86 4.70 2.81
CA ARG A 27 -0.41 4.83 2.57
C ARG A 27 0.33 4.19 3.75
N ALA A 28 1.02 3.09 3.49
CA ALA A 28 1.82 2.39 4.46
C ALA A 28 3.20 2.11 3.85
N GLU A 29 4.21 1.98 4.70
CA GLU A 29 5.60 1.78 4.28
C GLU A 29 5.90 0.28 4.20
N LEU A 30 6.68 -0.11 3.20
CA LEU A 30 7.04 -1.50 2.94
C LEU A 30 8.47 -1.76 3.41
N PRO A 31 8.66 -2.44 4.60
CA PRO A 31 9.99 -2.95 5.01
C PRO A 31 10.43 -4.05 4.04
N LEU A 32 11.51 -3.80 3.31
CA LEU A 32 11.99 -4.70 2.28
C LEU A 32 13.52 -4.65 2.25
N THR A 33 14.18 -5.80 2.44
CA THR A 33 15.66 -5.86 2.52
C THR A 33 16.27 -5.70 1.12
N LEU A 34 17.58 -5.42 1.06
CA LEU A 34 18.31 -5.08 -0.19
C LEU A 34 18.22 -6.23 -1.23
N GLU A 35 18.21 -7.47 -0.71
CA GLU A 35 18.19 -8.70 -1.52
C GLU A 35 16.80 -8.87 -2.13
N GLU A 36 15.77 -8.76 -1.25
CA GLU A 36 14.35 -8.89 -1.61
C GLU A 36 13.89 -7.72 -2.49
N ALA A 37 14.60 -6.58 -2.36
CA ALA A 37 14.41 -5.40 -3.21
C ALA A 37 14.87 -5.70 -4.64
N PHE A 38 16.07 -6.29 -4.72
CA PHE A 38 16.68 -6.73 -5.99
C PHE A 38 15.79 -7.77 -6.69
N HIS A 39 15.28 -8.76 -5.91
CA HIS A 39 14.52 -9.89 -6.46
C HIS A 39 13.14 -9.45 -6.97
N GLY A 40 12.44 -8.64 -6.15
CA GLY A 40 11.09 -8.19 -6.48
C GLY A 40 10.06 -9.31 -6.37
N GLY A 41 9.13 -9.37 -7.34
CA GLY A 41 8.09 -10.41 -7.39
C GLY A 41 6.94 -10.12 -6.44
N GLU A 42 6.16 -11.14 -6.08
CA GLU A 42 5.03 -11.00 -5.13
C GLU A 42 5.55 -10.93 -3.70
N ARG A 43 4.96 -10.02 -2.91
CA ARG A 43 5.37 -9.74 -1.54
C ARG A 43 4.20 -10.08 -0.61
N VAL A 44 4.43 -11.03 0.31
CA VAL A 44 3.37 -11.51 1.20
C VAL A 44 3.27 -10.55 2.40
N VAL A 45 2.22 -9.72 2.37
CA VAL A 45 1.89 -8.75 3.42
C VAL A 45 0.44 -9.04 3.87
N GLU A 46 0.03 -8.57 5.07
CA GLU A 46 -1.33 -8.87 5.59
C GLU A 46 -2.08 -7.57 5.96
N VAL A 47 -3.18 -7.30 5.24
CA VAL A 47 -4.04 -6.13 5.47
C VAL A 47 -5.36 -6.55 6.15
N ALA A 48 -5.51 -6.14 7.43
CA ALA A 48 -6.75 -6.32 8.22
C ALA A 48 -7.15 -7.81 8.37
N GLY A 49 -6.13 -8.70 8.37
CA GLY A 49 -6.34 -10.15 8.50
C GLY A 49 -6.30 -10.88 7.16
N ARG A 50 -6.35 -10.12 6.05
CA ARG A 50 -6.25 -10.67 4.69
C ARG A 50 -4.78 -10.65 4.22
N ARG A 51 -4.20 -11.83 3.99
CA ARG A 51 -2.79 -11.96 3.61
C ARG A 51 -2.71 -11.97 2.06
N VAL A 52 -2.29 -10.83 1.50
CA VAL A 52 -2.28 -10.56 0.06
C VAL A 52 -0.85 -10.51 -0.50
N SER A 53 -0.73 -10.79 -1.81
CA SER A 53 0.55 -10.73 -2.54
C SER A 53 0.63 -9.42 -3.35
N VAL A 54 1.59 -8.56 -3.00
CA VAL A 54 1.85 -7.28 -3.66
C VAL A 54 3.01 -7.45 -4.65
N ARG A 55 2.73 -7.33 -5.95
CA ARG A 55 3.76 -7.45 -6.98
C ARG A 55 4.62 -6.18 -6.99
N ILE A 56 5.81 -6.29 -6.41
CA ILE A 56 6.78 -5.20 -6.27
C ILE A 56 7.82 -5.28 -7.42
N PRO A 57 8.26 -4.10 -8.00
CA PRO A 57 9.27 -4.08 -9.09
C PRO A 57 10.66 -4.64 -8.63
N PRO A 58 11.30 -5.56 -9.44
CA PRO A 58 12.67 -6.05 -9.15
C PRO A 58 13.74 -4.94 -9.31
N GLY A 59 14.62 -4.85 -8.32
CA GLY A 59 15.62 -3.79 -8.24
C GLY A 59 15.03 -2.47 -7.77
N VAL A 60 14.03 -2.55 -6.86
CA VAL A 60 13.29 -1.38 -6.36
C VAL A 60 14.13 -0.58 -5.33
N ARG A 61 14.05 0.76 -5.42
CA ARG A 61 14.89 1.68 -4.62
C ARG A 61 14.19 2.16 -3.33
N GLU A 62 14.96 2.94 -2.56
CA GLU A 62 14.53 3.58 -1.32
C GLU A 62 13.56 4.76 -1.63
N GLY A 63 12.41 4.75 -0.93
CA GLY A 63 11.39 5.78 -1.07
C GLY A 63 10.51 5.60 -2.30
N SER A 64 10.62 4.43 -2.99
CA SER A 64 9.82 4.16 -4.18
C SER A 64 8.40 3.75 -3.76
N VAL A 65 7.38 4.52 -4.19
CA VAL A 65 5.98 4.27 -3.80
C VAL A 65 5.27 3.42 -4.88
N ILE A 66 4.66 2.32 -4.44
CA ILE A 66 3.92 1.38 -5.29
C ILE A 66 2.43 1.69 -5.12
N ARG A 67 1.84 2.41 -6.08
CA ARG A 67 0.43 2.75 -6.04
C ARG A 67 -0.41 1.66 -6.71
N VAL A 68 -1.24 0.97 -5.90
CA VAL A 68 -2.20 -0.02 -6.42
C VAL A 68 -3.63 0.50 -6.14
N PRO A 69 -4.28 1.19 -7.13
CA PRO A 69 -5.68 1.69 -6.99
C PRO A 69 -6.69 0.54 -6.83
N GLY A 70 -7.63 0.71 -5.89
CA GLY A 70 -8.69 -0.28 -5.65
C GLY A 70 -8.32 -1.40 -4.69
N MET A 71 -7.03 -1.46 -4.28
CA MET A 71 -6.51 -2.47 -3.34
C MET A 71 -6.39 -1.88 -1.92
N GLY A 72 -6.59 -0.56 -1.80
CA GLY A 72 -6.49 0.15 -0.53
C GLY A 72 -7.77 0.03 0.30
N GLY A 73 -8.48 1.16 0.49
CA GLY A 73 -9.72 1.18 1.27
C GLY A 73 -10.86 0.41 0.62
N GLN A 74 -11.04 -0.84 1.03
CA GLN A 74 -12.07 -1.75 0.52
C GLN A 74 -13.46 -1.31 1.03
N GLY A 75 -14.28 -0.76 0.12
CA GLY A 75 -15.64 -0.33 0.43
C GLY A 75 -16.42 0.06 -0.81
N ASN A 76 -17.61 0.67 -0.60
CA ASN A 76 -18.46 1.20 -1.69
C ASN A 76 -17.73 2.32 -2.51
N PRO A 77 -16.99 3.29 -1.87
CA PRO A 77 -15.98 4.09 -2.58
C PRO A 77 -14.60 3.36 -2.53
N PRO A 78 -14.13 2.76 -3.67
CA PRO A 78 -12.85 1.99 -3.70
C PRO A 78 -11.63 2.92 -3.47
N GLY A 79 -10.81 2.57 -2.46
CA GLY A 79 -9.64 3.35 -2.09
C GLY A 79 -8.36 2.81 -2.71
N ASP A 80 -7.36 3.68 -2.88
CA ASP A 80 -6.08 3.30 -3.50
C ASP A 80 -5.06 2.96 -2.40
N LEU A 81 -3.99 2.29 -2.83
CA LEU A 81 -2.91 1.84 -1.96
C LEU A 81 -1.60 2.53 -2.37
N LEU A 82 -0.80 2.93 -1.38
CA LEU A 82 0.54 3.52 -1.56
C LEU A 82 1.53 2.76 -0.65
N LEU A 83 2.33 1.84 -1.20
CA LEU A 83 3.36 1.12 -0.42
C LEU A 83 4.74 1.67 -0.73
N VAL A 84 5.23 2.51 0.19
CA VAL A 84 6.50 3.23 0.01
C VAL A 84 7.65 2.35 0.52
N VAL A 85 8.36 1.72 -0.44
CA VAL A 85 9.47 0.78 -0.16
C VAL A 85 10.59 1.45 0.65
N ARG A 86 10.73 1.00 1.90
CA ARG A 86 11.84 1.34 2.77
C ARG A 86 12.84 0.17 2.80
N LEU A 87 14.02 0.41 2.20
CA LEU A 87 15.09 -0.58 2.15
C LEU A 87 15.70 -0.78 3.54
N LEU A 88 15.53 -1.98 4.11
CA LEU A 88 16.04 -2.34 5.44
C LEU A 88 17.58 -2.49 5.41
N PRO A 89 18.28 -2.31 6.57
CA PRO A 89 19.73 -2.58 6.72
C PRO A 89 20.11 -4.01 6.26
N HIS A 90 21.29 -4.15 5.61
CA HIS A 90 21.77 -5.45 5.12
C HIS A 90 22.05 -6.44 6.28
N MET A 1 -4.81 1.13 15.08
CA MET A 1 -3.73 1.82 14.34
C MET A 1 -3.61 1.23 12.92
N LEU A 2 -2.65 1.74 12.12
CA LEU A 2 -2.41 1.23 10.75
C LEU A 2 -1.35 0.10 10.79
N PRO A 3 -1.69 -1.15 10.31
CA PRO A 3 -0.68 -2.18 9.99
C PRO A 3 -0.13 -1.99 8.55
N LEU A 4 0.48 -3.06 8.01
CA LEU A 4 1.01 -3.06 6.63
C LEU A 4 -0.17 -3.16 5.63
N LEU A 5 0.03 -2.58 4.43
CA LEU A 5 -0.97 -2.51 3.33
C LEU A 5 -2.32 -1.81 3.71
N PHE A 6 -2.44 -1.33 4.96
CA PHE A 6 -3.71 -0.84 5.53
C PHE A 6 -3.46 0.41 6.35
N THR A 7 -4.30 1.43 6.15
CA THR A 7 -4.18 2.74 6.82
C THR A 7 -5.58 3.41 6.91
N PRO A 8 -6.30 3.27 8.07
CA PRO A 8 -7.72 3.68 8.21
C PRO A 8 -7.89 5.23 8.25
N VAL A 9 -7.80 5.86 7.06
CA VAL A 9 -7.96 7.31 6.90
C VAL A 9 -9.39 7.64 6.48
N THR A 10 -9.76 8.91 6.64
CA THR A 10 -10.92 9.50 6.00
C THR A 10 -10.41 10.65 5.10
N LYS A 11 -10.93 10.71 3.87
CA LYS A 11 -10.47 11.67 2.86
C LYS A 11 -10.98 13.10 3.18
N GLY A 12 -12.10 13.18 3.93
CA GLY A 12 -12.69 14.46 4.33
C GLY A 12 -13.52 14.35 5.60
N SER A 13 -14.15 15.46 6.00
CA SER A 13 -15.05 15.52 7.16
C SER A 13 -16.37 14.81 6.83
N GLY A 14 -17.01 15.25 5.72
CA GLY A 14 -18.22 14.62 5.21
C GLY A 14 -17.89 13.56 4.16
N GLY A 15 -17.25 12.46 4.61
CA GLY A 15 -16.82 11.37 3.72
C GLY A 15 -17.93 10.34 3.50
N SER A 16 -19.11 10.80 3.06
CA SER A 16 -20.29 9.96 2.81
C SER A 16 -20.05 9.08 1.56
N GLY A 17 -19.65 7.82 1.80
CA GLY A 17 -19.33 6.88 0.74
C GLY A 17 -18.02 7.22 0.05
N GLY A 18 -18.10 7.92 -1.09
CA GLY A 18 -16.93 8.28 -1.90
C GLY A 18 -16.61 7.21 -2.92
N SER A 19 -17.63 6.81 -3.69
CA SER A 19 -17.50 5.78 -4.73
C SER A 19 -16.66 6.29 -5.92
N GLY A 20 -15.88 5.38 -6.54
CA GLY A 20 -14.96 5.71 -7.63
C GLY A 20 -13.52 5.86 -7.12
N GLY A 21 -12.78 6.85 -7.65
CA GLY A 21 -11.41 7.13 -7.22
C GLY A 21 -11.38 8.11 -6.05
N SER A 22 -12.19 7.81 -5.02
CA SER A 22 -12.42 8.71 -3.86
C SER A 22 -12.63 7.91 -2.57
N GLY A 23 -12.14 6.66 -2.55
CA GLY A 23 -12.29 5.77 -1.40
C GLY A 23 -11.26 6.02 -0.30
N ARG A 24 -10.96 4.95 0.48
CA ARG A 24 -10.09 5.03 1.68
C ARG A 24 -8.63 4.80 1.26
N ASP A 25 -7.77 5.82 1.48
CA ASP A 25 -6.40 5.81 0.96
C ASP A 25 -5.51 5.06 1.94
N LEU A 26 -5.10 3.83 1.59
CA LEU A 26 -4.25 3.05 2.50
C LEU A 26 -2.80 3.27 2.07
N ARG A 27 -2.04 4.00 2.89
CA ARG A 27 -0.64 4.31 2.65
C ARG A 27 0.20 3.78 3.81
N ALA A 28 0.93 2.69 3.56
CA ALA A 28 1.74 2.00 4.56
C ALA A 28 3.15 1.82 3.98
N GLU A 29 4.15 1.98 4.85
CA GLU A 29 5.54 1.75 4.49
C GLU A 29 5.84 0.26 4.57
N LEU A 30 6.46 -0.26 3.50
CA LEU A 30 6.74 -1.68 3.35
C LEU A 30 8.22 -1.91 3.68
N PRO A 31 8.55 -2.56 4.85
CA PRO A 31 9.93 -2.97 5.16
C PRO A 31 10.34 -4.11 4.20
N LEU A 32 11.31 -3.83 3.33
CA LEU A 32 11.67 -4.69 2.21
C LEU A 32 13.19 -4.87 2.20
N THR A 33 13.67 -6.12 2.27
CA THR A 33 15.12 -6.41 2.30
C THR A 33 15.77 -6.10 0.95
N LEU A 34 17.11 -6.04 0.92
CA LEU A 34 17.88 -5.83 -0.33
C LEU A 34 17.64 -7.00 -1.32
N GLU A 35 17.36 -8.19 -0.75
CA GLU A 35 17.05 -9.40 -1.53
C GLU A 35 15.69 -9.23 -2.23
N GLU A 36 14.66 -8.96 -1.41
CA GLU A 36 13.26 -8.78 -1.86
C GLU A 36 13.12 -7.63 -2.86
N ALA A 37 13.91 -6.56 -2.62
CA ALA A 37 13.92 -5.35 -3.45
C ALA A 37 14.50 -5.64 -4.84
N PHE A 38 15.76 -6.19 -4.84
CA PHE A 38 16.53 -6.48 -6.06
C PHE A 38 15.77 -7.44 -6.99
N HIS A 39 15.24 -8.54 -6.41
CA HIS A 39 14.53 -9.59 -7.16
C HIS A 39 13.14 -9.08 -7.60
N GLY A 40 12.45 -8.41 -6.66
CA GLY A 40 11.09 -7.92 -6.90
C GLY A 40 10.07 -9.04 -6.78
N GLY A 41 9.26 -9.24 -7.85
CA GLY A 41 8.19 -10.23 -7.84
C GLY A 41 7.02 -9.78 -6.98
N GLU A 42 6.56 -10.65 -6.07
CA GLU A 42 5.48 -10.33 -5.10
C GLU A 42 6.05 -10.28 -3.67
N ARG A 43 5.29 -9.64 -2.78
CA ARG A 43 5.65 -9.47 -1.37
C ARG A 43 4.43 -9.81 -0.49
N VAL A 44 4.61 -10.79 0.40
CA VAL A 44 3.58 -11.23 1.34
C VAL A 44 3.41 -10.19 2.47
N VAL A 45 2.30 -9.45 2.43
CA VAL A 45 1.94 -8.38 3.40
C VAL A 45 0.56 -8.70 4.04
N GLU A 46 0.22 -8.04 5.17
CA GLU A 46 -1.05 -8.30 5.91
C GLU A 46 -1.91 -7.01 6.02
N VAL A 47 -3.09 -7.01 5.34
CA VAL A 47 -3.98 -5.84 5.26
C VAL A 47 -5.17 -6.06 6.23
N ALA A 48 -5.10 -5.37 7.40
CA ALA A 48 -6.00 -5.61 8.54
C ALA A 48 -5.88 -7.07 9.06
N GLY A 49 -4.69 -7.69 8.79
CA GLY A 49 -4.40 -9.08 9.17
C GLY A 49 -4.70 -10.09 8.06
N ARG A 50 -5.05 -9.61 6.85
CA ARG A 50 -5.36 -10.47 5.69
C ARG A 50 -4.08 -10.70 4.86
N ARG A 51 -3.61 -11.95 4.75
CA ARG A 51 -2.34 -12.27 4.10
C ARG A 51 -2.53 -12.32 2.57
N VAL A 52 -1.97 -11.33 1.87
CA VAL A 52 -2.00 -11.23 0.39
C VAL A 52 -0.59 -10.87 -0.12
N SER A 53 -0.26 -11.28 -1.36
CA SER A 53 1.04 -10.96 -1.98
C SER A 53 0.86 -9.85 -3.02
N VAL A 54 1.49 -8.69 -2.74
CA VAL A 54 1.43 -7.49 -3.61
C VAL A 54 2.72 -7.40 -4.46
N ARG A 55 2.56 -7.15 -5.76
CA ARG A 55 3.67 -7.15 -6.72
C ARG A 55 4.51 -5.85 -6.59
N ILE A 56 5.77 -6.06 -6.19
CA ILE A 56 6.77 -4.99 -6.04
C ILE A 56 7.70 -4.97 -7.29
N PRO A 57 8.15 -3.76 -7.77
CA PRO A 57 9.06 -3.64 -8.94
C PRO A 57 10.39 -4.42 -8.77
N PRO A 58 10.85 -5.18 -9.81
CA PRO A 58 12.18 -5.82 -9.80
C PRO A 58 13.30 -4.76 -9.74
N GLY A 59 14.06 -4.75 -8.62
CA GLY A 59 15.14 -3.79 -8.39
C GLY A 59 14.68 -2.52 -7.71
N VAL A 60 13.49 -2.57 -7.04
CA VAL A 60 12.88 -1.37 -6.41
C VAL A 60 13.75 -0.83 -5.26
N ARG A 61 13.81 0.51 -5.14
CA ARG A 61 14.74 1.21 -4.24
C ARG A 61 14.03 1.95 -3.10
N GLU A 62 14.87 2.54 -2.25
CA GLU A 62 14.47 3.30 -1.06
C GLU A 62 13.57 4.50 -1.42
N GLY A 63 12.49 4.68 -0.63
CA GLY A 63 11.56 5.79 -0.78
C GLY A 63 10.63 5.68 -1.98
N SER A 64 10.65 4.52 -2.66
CA SER A 64 9.81 4.30 -3.85
C SER A 64 8.40 3.89 -3.39
N VAL A 65 7.38 4.68 -3.75
CA VAL A 65 5.99 4.41 -3.37
C VAL A 65 5.24 3.68 -4.51
N ILE A 66 4.70 2.50 -4.19
CA ILE A 66 4.02 1.62 -5.14
C ILE A 66 2.52 1.92 -5.12
N ARG A 67 2.05 2.62 -6.14
CA ARG A 67 0.64 3.00 -6.27
C ARG A 67 -0.12 1.91 -7.04
N VAL A 68 -1.01 1.21 -6.32
CA VAL A 68 -1.93 0.23 -6.91
C VAL A 68 -3.37 0.81 -6.80
N PRO A 69 -3.96 1.30 -7.94
CA PRO A 69 -5.26 2.01 -7.93
C PRO A 69 -6.44 1.09 -7.56
N GLY A 70 -7.21 1.51 -6.53
CA GLY A 70 -8.42 0.78 -6.11
C GLY A 70 -8.13 -0.48 -5.30
N MET A 71 -6.87 -0.66 -4.86
CA MET A 71 -6.45 -1.84 -4.06
C MET A 71 -6.36 -1.48 -2.56
N GLY A 72 -6.57 -0.20 -2.25
CA GLY A 72 -6.60 0.28 -0.87
C GLY A 72 -7.89 -0.11 -0.15
N GLY A 73 -8.76 0.88 0.15
CA GLY A 73 -10.04 0.64 0.83
C GLY A 73 -10.97 -0.23 -0.02
N GLN A 74 -11.17 -1.48 0.40
CA GLN A 74 -12.01 -2.45 -0.33
C GLN A 74 -13.47 -2.34 0.15
N GLY A 75 -14.34 -1.96 -0.79
CA GLY A 75 -15.78 -1.83 -0.56
C GLY A 75 -16.45 -1.13 -1.74
N ASN A 76 -17.62 -0.51 -1.50
CA ASN A 76 -18.28 0.37 -2.50
C ASN A 76 -17.45 1.64 -2.80
N PRO A 77 -16.69 2.26 -1.82
CA PRO A 77 -15.64 3.26 -2.11
C PRO A 77 -14.25 2.59 -2.31
N PRO A 78 -13.79 2.37 -3.59
CA PRO A 78 -12.44 1.84 -3.84
C PRO A 78 -11.37 2.91 -3.53
N GLY A 79 -10.45 2.57 -2.63
CA GLY A 79 -9.39 3.48 -2.20
C GLY A 79 -8.09 3.19 -2.89
N ASP A 80 -7.22 4.18 -2.96
CA ASP A 80 -5.91 4.04 -3.62
C ASP A 80 -4.90 3.44 -2.62
N LEU A 81 -4.00 2.59 -3.12
CA LEU A 81 -2.97 1.92 -2.31
C LEU A 81 -1.59 2.55 -2.59
N LEU A 82 -0.87 2.92 -1.51
CA LEU A 82 0.48 3.49 -1.58
C LEU A 82 1.43 2.72 -0.63
N LEU A 83 2.40 1.99 -1.20
CA LEU A 83 3.41 1.23 -0.42
C LEU A 83 4.78 1.88 -0.51
N VAL A 84 5.18 2.56 0.56
CA VAL A 84 6.42 3.31 0.59
C VAL A 84 7.57 2.36 0.99
N VAL A 85 8.26 1.80 -0.03
CA VAL A 85 9.38 0.84 0.14
C VAL A 85 10.50 1.45 1.00
N ARG A 86 10.77 0.81 2.14
CA ARG A 86 11.85 1.16 3.06
C ARG A 86 12.86 -0.01 3.07
N LEU A 87 14.03 0.22 2.44
CA LEU A 87 15.06 -0.83 2.29
C LEU A 87 15.72 -1.13 3.65
N LEU A 88 15.63 -2.41 4.05
CA LEU A 88 16.26 -2.91 5.28
C LEU A 88 17.76 -3.13 5.04
N PRO A 89 18.64 -2.81 6.06
CA PRO A 89 20.12 -2.91 5.92
C PRO A 89 20.61 -4.38 5.90
N HIS A 90 21.87 -4.58 5.50
CA HIS A 90 22.49 -5.93 5.46
C HIS A 90 23.03 -6.31 6.87
N MET A 1 -1.61 2.07 14.46
CA MET A 1 -2.71 2.40 13.54
C MET A 1 -2.44 1.86 12.12
N LEU A 2 -1.25 2.15 11.57
CA LEU A 2 -0.81 1.63 10.25
C LEU A 2 0.38 0.63 10.44
N PRO A 3 0.13 -0.71 10.33
CA PRO A 3 1.20 -1.75 10.39
C PRO A 3 1.81 -2.01 8.99
N LEU A 4 1.02 -2.61 8.07
CA LEU A 4 1.42 -2.85 6.67
C LEU A 4 0.15 -3.05 5.82
N LEU A 5 0.20 -2.50 4.60
CA LEU A 5 -0.89 -2.50 3.59
C LEU A 5 -2.19 -1.79 4.09
N PHE A 6 -2.14 -1.22 5.30
CA PHE A 6 -3.30 -0.63 5.99
C PHE A 6 -2.87 0.71 6.58
N THR A 7 -3.70 1.75 6.38
CA THR A 7 -3.47 3.10 6.92
C THR A 7 -4.82 3.83 7.09
N PRO A 8 -5.36 3.92 8.34
CA PRO A 8 -6.68 4.51 8.58
C PRO A 8 -6.67 6.04 8.43
N VAL A 9 -6.95 6.50 7.19
CA VAL A 9 -6.97 7.94 6.81
C VAL A 9 -8.40 8.48 6.75
N THR A 10 -8.54 9.82 6.67
CA THR A 10 -9.82 10.48 6.44
C THR A 10 -10.08 10.60 4.91
N LYS A 11 -9.03 11.04 4.16
CA LYS A 11 -9.04 11.18 2.69
C LYS A 11 -7.72 11.84 2.22
N GLY A 12 -6.94 11.07 1.46
CA GLY A 12 -5.69 11.54 0.86
C GLY A 12 -5.33 10.68 -0.34
N SER A 13 -6.19 10.70 -1.38
CA SER A 13 -5.97 9.96 -2.63
C SER A 13 -4.84 10.65 -3.45
N GLY A 14 -3.58 10.32 -3.10
CA GLY A 14 -2.41 10.97 -3.72
C GLY A 14 -2.05 12.30 -3.05
N GLY A 15 -3.07 13.16 -2.88
CA GLY A 15 -2.94 14.42 -2.14
C GLY A 15 -4.22 14.71 -1.36
N SER A 16 -5.36 14.60 -2.07
CA SER A 16 -6.72 14.81 -1.51
C SER A 16 -7.72 13.99 -2.36
N GLY A 17 -9.03 14.24 -2.20
CA GLY A 17 -10.05 13.61 -3.04
C GLY A 17 -11.40 14.30 -2.99
N GLY A 18 -11.50 15.40 -2.21
CA GLY A 18 -12.76 16.15 -2.07
C GLY A 18 -13.78 15.43 -1.18
N SER A 19 -14.46 14.42 -1.75
CA SER A 19 -15.43 13.57 -1.04
C SER A 19 -14.68 12.67 -0.02
N GLY A 20 -14.72 13.09 1.25
CA GLY A 20 -13.96 12.48 2.33
C GLY A 20 -14.46 11.11 2.77
N GLY A 21 -15.79 10.95 2.82
CA GLY A 21 -16.42 9.72 3.33
C GLY A 21 -16.66 8.69 2.26
N SER A 22 -15.59 8.32 1.55
CA SER A 22 -15.64 7.39 0.41
C SER A 22 -14.21 7.02 -0.04
N GLY A 23 -13.80 5.76 0.16
CA GLY A 23 -12.49 5.27 -0.28
C GLY A 23 -11.38 5.53 0.76
N ARG A 24 -10.92 4.46 1.45
CA ARG A 24 -9.80 4.58 2.40
C ARG A 24 -8.49 4.40 1.65
N ASP A 25 -7.64 5.43 1.66
CA ASP A 25 -6.42 5.44 0.84
C ASP A 25 -5.30 5.03 1.77
N LEU A 26 -4.85 3.77 1.66
CA LEU A 26 -3.95 3.20 2.64
C LEU A 26 -2.52 3.40 2.13
N ARG A 27 -1.82 4.34 2.78
CA ARG A 27 -0.46 4.71 2.44
C ARG A 27 0.45 4.24 3.57
N ALA A 28 1.15 3.13 3.33
CA ALA A 28 1.89 2.41 4.37
C ALA A 28 3.28 2.04 3.88
N GLU A 29 4.19 1.94 4.84
CA GLU A 29 5.59 1.59 4.60
C GLU A 29 5.72 0.08 4.46
N LEU A 30 6.30 -0.37 3.33
CA LEU A 30 6.53 -1.78 3.05
C LEU A 30 8.01 -2.07 3.38
N PRO A 31 8.31 -2.74 4.54
CA PRO A 31 9.68 -3.14 4.89
C PRO A 31 10.18 -4.24 3.94
N LEU A 32 11.19 -3.90 3.13
CA LEU A 32 11.69 -4.77 2.07
C LEU A 32 13.21 -4.69 2.06
N THR A 33 13.89 -5.83 2.27
CA THR A 33 15.35 -5.90 2.37
C THR A 33 16.02 -5.62 1.02
N LEU A 34 17.33 -5.27 1.05
CA LEU A 34 18.14 -4.96 -0.16
C LEU A 34 18.12 -6.11 -1.18
N GLU A 35 18.19 -7.35 -0.67
CA GLU A 35 18.15 -8.58 -1.50
C GLU A 35 16.74 -8.76 -2.12
N GLU A 36 15.71 -8.55 -1.29
CA GLU A 36 14.29 -8.68 -1.67
C GLU A 36 13.91 -7.69 -2.78
N ALA A 37 14.48 -6.49 -2.67
CA ALA A 37 14.26 -5.37 -3.59
C ALA A 37 15.00 -5.63 -4.92
N PHE A 38 16.26 -6.09 -4.79
CA PHE A 38 17.17 -6.42 -5.91
C PHE A 38 16.53 -7.46 -6.84
N HIS A 39 15.99 -8.53 -6.24
CA HIS A 39 15.33 -9.63 -6.98
C HIS A 39 13.99 -9.14 -7.57
N GLY A 40 13.18 -8.47 -6.72
CA GLY A 40 11.90 -7.86 -7.12
C GLY A 40 10.94 -8.84 -7.78
N GLY A 41 10.30 -9.69 -6.95
CA GLY A 41 9.31 -10.65 -7.43
C GLY A 41 7.91 -10.30 -6.91
N GLU A 42 7.22 -11.30 -6.37
CA GLU A 42 5.94 -11.09 -5.65
C GLU A 42 6.22 -11.13 -4.13
N ARG A 43 5.37 -10.42 -3.37
CA ARG A 43 5.48 -10.32 -1.91
C ARG A 43 4.07 -10.31 -1.31
N VAL A 44 3.78 -11.28 -0.43
CA VAL A 44 2.50 -11.31 0.28
C VAL A 44 2.66 -10.58 1.63
N VAL A 45 1.73 -9.67 1.93
CA VAL A 45 1.76 -8.85 3.16
C VAL A 45 0.45 -9.01 3.94
N GLU A 46 0.48 -8.66 5.23
CA GLU A 46 -0.67 -8.77 6.15
C GLU A 46 -1.37 -7.39 6.23
N VAL A 47 -2.71 -7.40 6.31
CA VAL A 47 -3.57 -6.18 6.33
C VAL A 47 -4.89 -6.44 7.13
N ALA A 48 -5.02 -5.84 8.33
CA ALA A 48 -6.32 -5.71 9.05
C ALA A 48 -6.98 -7.07 9.42
N GLY A 49 -6.21 -8.18 9.40
CA GLY A 49 -6.76 -9.54 9.63
C GLY A 49 -7.00 -10.30 8.33
N ARG A 50 -6.30 -9.87 7.26
CA ARG A 50 -6.35 -10.49 5.91
C ARG A 50 -4.90 -10.64 5.41
N ARG A 51 -4.65 -11.60 4.51
CA ARG A 51 -3.33 -11.76 3.88
C ARG A 51 -3.47 -11.55 2.35
N VAL A 52 -2.97 -10.41 1.83
CA VAL A 52 -3.13 -10.03 0.40
C VAL A 52 -1.75 -9.96 -0.30
N SER A 53 -1.69 -10.46 -1.54
CA SER A 53 -0.48 -10.46 -2.36
C SER A 53 -0.31 -9.12 -3.13
N VAL A 54 0.93 -8.64 -3.21
CA VAL A 54 1.33 -7.45 -3.97
C VAL A 54 2.60 -7.78 -4.78
N ARG A 55 2.87 -7.05 -5.87
CA ARG A 55 4.08 -7.23 -6.68
C ARG A 55 5.05 -6.08 -6.44
N ILE A 56 6.31 -6.41 -6.13
CA ILE A 56 7.41 -5.45 -5.93
C ILE A 56 8.30 -5.43 -7.22
N PRO A 57 8.56 -4.24 -7.85
CA PRO A 57 9.37 -4.16 -9.10
C PRO A 57 10.86 -4.58 -8.91
N PRO A 58 11.50 -5.20 -9.97
CA PRO A 58 12.91 -5.65 -9.93
C PRO A 58 13.88 -4.46 -9.76
N GLY A 59 14.69 -4.54 -8.69
CA GLY A 59 15.66 -3.49 -8.37
C GLY A 59 15.00 -2.23 -7.85
N VAL A 60 13.96 -2.39 -7.01
CA VAL A 60 13.24 -1.26 -6.39
C VAL A 60 14.07 -0.67 -5.23
N ARG A 61 13.96 0.65 -4.99
CA ARG A 61 14.81 1.36 -4.02
C ARG A 61 14.00 2.13 -2.98
N GLU A 62 14.76 2.76 -2.07
CA GLU A 62 14.26 3.52 -0.93
C GLU A 62 13.37 4.70 -1.38
N GLY A 63 12.21 4.84 -0.71
CA GLY A 63 11.28 5.95 -0.96
C GLY A 63 10.29 5.66 -2.07
N SER A 64 10.56 4.63 -2.90
CA SER A 64 9.76 4.32 -4.10
C SER A 64 8.36 3.85 -3.71
N VAL A 65 7.32 4.59 -4.12
CA VAL A 65 5.94 4.25 -3.79
C VAL A 65 5.32 3.41 -4.93
N ILE A 66 4.80 2.24 -4.55
CA ILE A 66 4.06 1.35 -5.45
C ILE A 66 2.57 1.67 -5.26
N ARG A 67 2.01 2.44 -6.18
CA ARG A 67 0.58 2.75 -6.18
C ARG A 67 -0.16 1.62 -6.89
N VAL A 68 -1.13 1.03 -6.17
CA VAL A 68 -2.11 0.12 -6.75
C VAL A 68 -3.50 0.78 -6.58
N PRO A 69 -4.16 1.22 -7.70
CA PRO A 69 -5.45 1.95 -7.64
C PRO A 69 -6.62 1.04 -7.19
N GLY A 70 -7.33 1.48 -6.15
CA GLY A 70 -8.57 0.85 -5.69
C GLY A 70 -8.37 -0.43 -4.91
N MET A 71 -7.11 -0.76 -4.56
CA MET A 71 -6.77 -2.02 -3.85
C MET A 71 -6.24 -1.73 -2.44
N GLY A 72 -6.48 -0.50 -1.95
CA GLY A 72 -6.24 -0.15 -0.55
C GLY A 72 -7.48 -0.45 0.28
N GLY A 73 -8.32 0.58 0.50
CA GLY A 73 -9.56 0.45 1.26
C GLY A 73 -10.68 -0.17 0.45
N GLN A 74 -10.84 -1.50 0.57
CA GLN A 74 -11.84 -2.27 -0.18
C GLN A 74 -13.28 -1.88 0.22
N GLY A 75 -14.12 -1.63 -0.79
CA GLY A 75 -15.50 -1.18 -0.61
C GLY A 75 -16.11 -0.76 -1.94
N ASN A 76 -17.42 -0.42 -1.93
CA ASN A 76 -18.15 0.07 -3.14
C ASN A 76 -17.49 1.36 -3.72
N PRO A 77 -17.06 2.37 -2.86
CA PRO A 77 -16.06 3.37 -3.26
C PRO A 77 -14.64 2.82 -2.96
N PRO A 78 -13.89 2.31 -3.99
CA PRO A 78 -12.57 1.69 -3.78
C PRO A 78 -11.49 2.74 -3.44
N GLY A 79 -10.78 2.49 -2.32
CA GLY A 79 -9.74 3.37 -1.81
C GLY A 79 -8.37 3.02 -2.38
N ASP A 80 -7.51 4.03 -2.49
CA ASP A 80 -6.21 3.92 -3.21
C ASP A 80 -5.18 3.17 -2.33
N LEU A 81 -4.13 2.61 -2.94
CA LEU A 81 -3.05 1.93 -2.19
C LEU A 81 -1.70 2.55 -2.57
N LEU A 82 -0.94 3.02 -1.56
CA LEU A 82 0.39 3.62 -1.74
C LEU A 82 1.42 2.91 -0.82
N LEU A 83 2.23 2.00 -1.38
CA LEU A 83 3.22 1.22 -0.60
C LEU A 83 4.63 1.77 -0.81
N VAL A 84 5.12 2.50 0.18
CA VAL A 84 6.42 3.16 0.09
C VAL A 84 7.52 2.17 0.57
N VAL A 85 8.32 1.67 -0.41
CA VAL A 85 9.40 0.69 -0.16
C VAL A 85 10.49 1.30 0.76
N ARG A 86 10.66 0.66 1.91
CA ARG A 86 11.64 1.03 2.93
C ARG A 86 12.71 -0.05 2.99
N LEU A 87 13.91 0.25 2.46
CA LEU A 87 15.02 -0.70 2.35
C LEU A 87 15.58 -1.05 3.74
N LEU A 88 15.45 -2.34 4.12
CA LEU A 88 15.96 -2.85 5.39
C LEU A 88 17.50 -2.99 5.31
N PRO A 89 18.24 -2.62 6.42
CA PRO A 89 19.72 -2.77 6.48
C PRO A 89 20.17 -4.24 6.62
N HIS A 90 21.50 -4.44 6.65
CA HIS A 90 22.11 -5.76 6.91
C HIS A 90 22.09 -6.05 8.42
N MET A 1 0.31 2.88 15.48
CA MET A 1 -0.78 2.99 14.48
C MET A 1 -0.24 2.69 13.07
N LEU A 2 -1.20 2.56 12.11
CA LEU A 2 -0.98 2.13 10.70
C LEU A 2 0.13 1.07 10.52
N PRO A 3 -0.18 -0.26 10.67
CA PRO A 3 0.74 -1.37 10.28
C PRO A 3 1.06 -1.36 8.76
N LEU A 4 1.93 -2.31 8.34
CA LEU A 4 2.48 -2.44 6.97
C LEU A 4 1.41 -2.22 5.89
N LEU A 5 0.31 -2.96 5.93
CA LEU A 5 -0.81 -2.71 5.03
C LEU A 5 -2.03 -2.37 5.89
N PHE A 6 -2.23 -1.06 6.16
CA PHE A 6 -3.44 -0.53 6.86
C PHE A 6 -3.19 0.93 7.22
N THR A 7 -4.16 1.80 6.91
CA THR A 7 -4.16 3.22 7.30
C THR A 7 -5.63 3.71 7.29
N PRO A 8 -6.31 3.78 8.47
CA PRO A 8 -7.77 4.02 8.53
C PRO A 8 -8.14 5.50 8.36
N VAL A 9 -8.06 5.98 7.09
CA VAL A 9 -8.38 7.36 6.72
C VAL A 9 -9.90 7.51 6.50
N THR A 10 -10.35 8.75 6.30
CA THR A 10 -11.76 9.06 6.07
C THR A 10 -12.12 8.81 4.58
N LYS A 11 -11.70 9.76 3.71
CA LYS A 11 -12.02 9.78 2.25
C LYS A 11 -13.49 9.41 1.95
N GLY A 12 -14.35 10.43 1.99
CA GLY A 12 -15.78 10.28 1.76
C GLY A 12 -16.58 11.30 2.54
N SER A 13 -15.91 11.97 3.50
CA SER A 13 -16.50 13.01 4.35
C SER A 13 -16.92 14.23 3.49
N GLY A 14 -18.16 14.17 2.97
CA GLY A 14 -18.72 15.22 2.12
C GLY A 14 -17.89 15.47 0.86
N GLY A 15 -17.12 16.57 0.86
CA GLY A 15 -16.31 16.97 -0.30
C GLY A 15 -14.81 16.73 -0.08
N SER A 16 -14.47 15.65 0.66
CA SER A 16 -13.06 15.23 0.83
C SER A 16 -12.63 14.38 -0.39
N GLY A 17 -12.09 15.06 -1.43
CA GLY A 17 -11.66 14.40 -2.66
C GLY A 17 -12.85 13.89 -3.47
N GLY A 18 -13.43 14.77 -4.31
CA GLY A 18 -14.61 14.44 -5.13
C GLY A 18 -14.26 13.57 -6.34
N SER A 19 -14.01 12.27 -6.08
CA SER A 19 -13.70 11.26 -7.11
C SER A 19 -14.53 10.00 -6.81
N GLY A 20 -15.24 9.50 -7.85
CA GLY A 20 -16.19 8.38 -7.71
C GLY A 20 -15.51 7.08 -7.32
N GLY A 21 -14.53 6.63 -8.13
CA GLY A 21 -13.82 5.37 -7.91
C GLY A 21 -12.64 5.50 -6.96
N SER A 22 -12.86 6.16 -5.80
CA SER A 22 -11.83 6.41 -4.78
C SER A 22 -12.46 6.32 -3.37
N GLY A 23 -12.19 5.20 -2.69
CA GLY A 23 -12.54 5.02 -1.28
C GLY A 23 -11.37 5.34 -0.38
N ARG A 24 -11.45 4.85 0.87
CA ARG A 24 -10.41 5.06 1.90
C ARG A 24 -9.03 4.49 1.44
N ASP A 25 -8.03 5.36 1.45
CA ASP A 25 -6.69 5.08 0.89
C ASP A 25 -5.80 4.60 2.03
N LEU A 26 -5.10 3.48 1.83
CA LEU A 26 -4.18 2.98 2.85
C LEU A 26 -2.75 3.37 2.44
N ARG A 27 -2.13 4.26 3.22
CA ARG A 27 -0.78 4.76 2.97
C ARG A 27 0.15 4.41 4.16
N ALA A 28 1.06 3.47 3.92
CA ALA A 28 2.04 3.02 4.91
C ALA A 28 3.34 2.64 4.19
N GLU A 29 4.42 2.40 4.93
CA GLU A 29 5.71 2.03 4.36
C GLU A 29 5.91 0.52 4.36
N LEU A 30 6.58 0.02 3.30
CA LEU A 30 6.83 -1.39 3.07
C LEU A 30 8.29 -1.72 3.45
N PRO A 31 8.55 -2.39 4.63
CA PRO A 31 9.88 -2.93 4.94
C PRO A 31 10.22 -4.07 3.95
N LEU A 32 11.27 -3.85 3.14
CA LEU A 32 11.64 -4.75 2.05
C LEU A 32 13.15 -4.95 2.02
N THR A 33 13.61 -6.22 2.02
CA THR A 33 15.04 -6.57 2.09
C THR A 33 15.72 -6.39 0.72
N LEU A 34 17.06 -6.42 0.73
CA LEU A 34 17.90 -6.14 -0.45
C LEU A 34 17.70 -7.19 -1.55
N GLU A 35 17.52 -8.45 -1.10
CA GLU A 35 17.37 -9.61 -1.99
C GLU A 35 16.02 -9.50 -2.71
N GLU A 36 14.96 -9.28 -1.91
CA GLU A 36 13.57 -9.18 -2.38
C GLU A 36 13.37 -8.00 -3.32
N ALA A 37 14.06 -6.88 -3.00
CA ALA A 37 14.07 -5.66 -3.83
C ALA A 37 14.68 -5.96 -5.21
N PHE A 38 15.84 -6.65 -5.19
CA PHE A 38 16.58 -7.02 -6.41
C PHE A 38 15.79 -8.04 -7.26
N HIS A 39 15.04 -8.96 -6.58
CA HIS A 39 14.20 -9.97 -7.27
C HIS A 39 13.02 -9.26 -7.98
N GLY A 40 12.37 -8.37 -7.24
CA GLY A 40 11.18 -7.69 -7.69
C GLY A 40 10.03 -8.66 -7.95
N GLY A 41 9.67 -9.46 -6.94
CA GLY A 41 8.57 -10.44 -7.05
C GLY A 41 7.30 -9.95 -6.36
N GLU A 42 6.58 -10.87 -5.68
CA GLU A 42 5.45 -10.50 -4.82
C GLU A 42 5.93 -10.48 -3.37
N ARG A 43 5.41 -9.51 -2.61
CA ARG A 43 5.70 -9.33 -1.19
C ARG A 43 4.39 -9.55 -0.43
N VAL A 44 4.41 -10.54 0.48
CA VAL A 44 3.23 -10.93 1.25
C VAL A 44 3.14 -10.05 2.52
N VAL A 45 2.14 -9.17 2.51
CA VAL A 45 1.83 -8.21 3.60
C VAL A 45 0.42 -8.52 4.15
N GLU A 46 0.06 -8.00 5.33
CA GLU A 46 -1.25 -8.28 5.95
C GLU A 46 -2.01 -6.97 6.27
N VAL A 47 -3.34 -6.99 6.01
CA VAL A 47 -4.26 -5.84 6.25
C VAL A 47 -5.49 -6.29 7.06
N ALA A 48 -5.54 -5.89 8.35
CA ALA A 48 -6.70 -6.15 9.24
C ALA A 48 -7.01 -7.67 9.38
N GLY A 49 -5.97 -8.51 9.15
CA GLY A 49 -6.12 -9.97 9.19
C GLY A 49 -6.31 -10.61 7.82
N ARG A 50 -5.98 -9.88 6.74
CA ARG A 50 -6.13 -10.34 5.34
C ARG A 50 -4.74 -10.41 4.66
N ARG A 51 -4.38 -11.60 4.15
CA ARG A 51 -3.06 -11.82 3.53
C ARG A 51 -3.10 -11.37 2.06
N VAL A 52 -2.47 -10.22 1.75
CA VAL A 52 -2.43 -9.63 0.41
C VAL A 52 -0.97 -9.61 -0.11
N SER A 53 -0.77 -10.07 -1.35
CA SER A 53 0.54 -10.05 -2.02
C SER A 53 0.61 -8.84 -2.97
N VAL A 54 1.47 -7.89 -2.63
CA VAL A 54 1.74 -6.69 -3.44
C VAL A 54 3.03 -6.89 -4.25
N ARG A 55 2.91 -6.80 -5.59
CA ARG A 55 4.05 -6.97 -6.50
C ARG A 55 4.96 -5.72 -6.44
N ILE A 56 6.23 -5.95 -6.06
CA ILE A 56 7.27 -4.93 -5.98
C ILE A 56 8.06 -4.87 -7.32
N PRO A 57 8.47 -3.64 -7.80
CA PRO A 57 9.30 -3.47 -9.02
C PRO A 57 10.67 -4.21 -8.97
N PRO A 58 11.20 -4.69 -10.15
CA PRO A 58 12.53 -5.35 -10.22
C PRO A 58 13.68 -4.35 -9.98
N GLY A 59 14.38 -4.53 -8.86
CA GLY A 59 15.44 -3.61 -8.43
C GLY A 59 14.87 -2.31 -7.87
N VAL A 60 13.77 -2.43 -7.11
CA VAL A 60 13.11 -1.27 -6.47
C VAL A 60 13.98 -0.74 -5.30
N ARG A 61 13.98 0.58 -5.11
CA ARG A 61 14.88 1.28 -4.18
C ARG A 61 14.14 2.02 -3.06
N GLU A 62 14.95 2.61 -2.17
CA GLU A 62 14.51 3.35 -0.99
C GLU A 62 13.75 4.62 -1.39
N GLY A 63 12.56 4.82 -0.78
CA GLY A 63 11.71 5.98 -1.03
C GLY A 63 10.76 5.80 -2.20
N SER A 64 10.87 4.68 -2.93
CA SER A 64 10.01 4.38 -4.09
C SER A 64 8.62 3.94 -3.61
N VAL A 65 7.59 4.70 -4.00
CA VAL A 65 6.22 4.49 -3.52
C VAL A 65 5.42 3.67 -4.56
N ILE A 66 4.99 2.48 -4.15
CA ILE A 66 4.21 1.58 -5.00
C ILE A 66 2.74 1.91 -4.83
N ARG A 67 2.20 2.64 -5.81
CA ARG A 67 0.80 3.03 -5.85
C ARG A 67 0.00 1.98 -6.62
N VAL A 68 -0.90 1.27 -5.92
CA VAL A 68 -1.75 0.23 -6.52
C VAL A 68 -3.23 0.69 -6.46
N PRO A 69 -3.89 0.95 -7.63
CA PRO A 69 -5.30 1.39 -7.69
C PRO A 69 -6.28 0.31 -7.17
N GLY A 70 -7.10 0.69 -6.18
CA GLY A 70 -8.20 -0.16 -5.70
C GLY A 70 -7.80 -1.22 -4.68
N MET A 71 -6.50 -1.32 -4.38
CA MET A 71 -5.97 -2.38 -3.47
C MET A 71 -6.00 -1.91 -2.00
N GLY A 72 -6.34 -0.62 -1.78
CA GLY A 72 -6.51 -0.07 -0.44
C GLY A 72 -7.82 -0.50 0.21
N GLY A 73 -8.75 0.47 0.39
CA GLY A 73 -10.06 0.19 0.98
C GLY A 73 -11.00 -0.56 0.04
N GLN A 74 -11.18 -1.88 0.28
CA GLN A 74 -12.05 -2.75 -0.55
C GLN A 74 -13.55 -2.33 -0.40
N GLY A 75 -14.32 -2.51 -1.48
CA GLY A 75 -15.75 -2.12 -1.52
C GLY A 75 -16.14 -1.51 -2.86
N ASN A 76 -17.38 -0.96 -2.93
CA ASN A 76 -17.91 -0.31 -4.16
C ASN A 76 -17.07 0.93 -4.57
N PRO A 77 -16.67 1.87 -3.62
CA PRO A 77 -15.60 2.85 -3.89
C PRO A 77 -14.23 2.25 -3.50
N PRO A 78 -13.40 1.81 -4.50
CA PRO A 78 -12.10 1.16 -4.22
C PRO A 78 -11.04 2.22 -3.83
N GLY A 79 -10.42 2.02 -2.65
CA GLY A 79 -9.42 2.95 -2.12
C GLY A 79 -8.06 2.72 -2.74
N ASP A 80 -7.27 3.80 -2.85
CA ASP A 80 -5.93 3.73 -3.44
C ASP A 80 -4.93 3.17 -2.40
N LEU A 81 -3.87 2.53 -2.89
CA LEU A 81 -2.81 1.98 -2.04
C LEU A 81 -1.50 2.72 -2.30
N LEU A 82 -0.82 3.16 -1.22
CA LEU A 82 0.49 3.81 -1.28
C LEU A 82 1.46 3.08 -0.31
N LEU A 83 2.38 2.28 -0.85
CA LEU A 83 3.39 1.54 -0.06
C LEU A 83 4.79 2.06 -0.35
N VAL A 84 5.36 2.83 0.60
CA VAL A 84 6.66 3.49 0.43
C VAL A 84 7.78 2.50 0.79
N VAL A 85 8.44 1.96 -0.24
CA VAL A 85 9.52 0.95 -0.07
C VAL A 85 10.67 1.48 0.79
N ARG A 86 10.98 0.73 1.84
CA ARG A 86 12.07 0.97 2.76
C ARG A 86 13.06 -0.19 2.62
N LEU A 87 14.22 0.09 1.99
CA LEU A 87 15.27 -0.91 1.85
C LEU A 87 15.87 -1.20 3.23
N LEU A 88 15.59 -2.40 3.75
CA LEU A 88 16.07 -2.82 5.06
C LEU A 88 17.60 -3.02 5.02
N PRO A 89 18.35 -2.42 6.00
CA PRO A 89 19.81 -2.60 6.11
C PRO A 89 20.20 -4.06 6.46
N HIS A 90 21.45 -4.42 6.14
CA HIS A 90 22.03 -5.73 6.51
C HIS A 90 22.16 -5.85 8.05
N MET A 1 0.34 1.73 15.12
CA MET A 1 -0.52 2.34 14.08
C MET A 1 0.00 1.96 12.68
N LEU A 2 -0.94 1.73 11.71
CA LEU A 2 -0.67 1.31 10.29
C LEU A 2 0.64 0.48 10.10
N PRO A 3 0.60 -0.88 10.36
CA PRO A 3 1.81 -1.73 10.34
C PRO A 3 2.37 -1.93 8.92
N LEU A 4 1.44 -2.17 7.97
CA LEU A 4 1.74 -2.47 6.56
C LEU A 4 0.39 -2.57 5.82
N LEU A 5 0.40 -2.11 4.55
CA LEU A 5 -0.76 -1.98 3.65
C LEU A 5 -1.90 -1.16 4.29
N PHE A 6 -2.67 -1.83 5.18
CA PHE A 6 -3.83 -1.27 5.89
C PHE A 6 -3.49 0.01 6.69
N THR A 7 -4.16 1.12 6.34
CA THR A 7 -4.02 2.41 7.02
C THR A 7 -5.42 3.05 7.18
N PRO A 8 -6.07 2.91 8.37
CA PRO A 8 -7.43 3.43 8.60
C PRO A 8 -7.46 4.98 8.64
N VAL A 9 -7.92 5.57 7.53
CA VAL A 9 -8.06 7.03 7.36
C VAL A 9 -9.51 7.49 7.58
N THR A 10 -9.72 8.81 7.49
CA THR A 10 -11.05 9.43 7.63
C THR A 10 -11.53 10.03 6.28
N LYS A 11 -10.62 10.09 5.28
CA LYS A 11 -10.87 10.75 3.98
C LYS A 11 -11.93 10.01 3.12
N GLY A 12 -11.99 8.67 3.25
CA GLY A 12 -12.91 7.85 2.44
C GLY A 12 -14.36 7.84 2.94
N SER A 13 -14.73 8.85 3.76
CA SER A 13 -16.09 9.01 4.30
C SER A 13 -16.99 9.74 3.27
N GLY A 14 -16.59 10.97 2.89
CA GLY A 14 -17.36 11.80 1.98
C GLY A 14 -16.69 13.14 1.67
N GLY A 15 -16.89 13.64 0.44
CA GLY A 15 -16.36 14.95 0.00
C GLY A 15 -15.96 14.94 -1.47
N SER A 16 -15.01 15.81 -1.83
CA SER A 16 -14.45 15.89 -3.19
C SER A 16 -13.46 14.73 -3.44
N GLY A 17 -12.80 14.28 -2.36
CA GLY A 17 -11.89 13.13 -2.39
C GLY A 17 -12.37 11.99 -1.51
N GLY A 18 -13.68 12.00 -1.19
CA GLY A 18 -14.30 10.97 -0.36
C GLY A 18 -15.64 10.55 -0.94
N SER A 19 -15.93 9.22 -0.87
CA SER A 19 -17.15 8.58 -1.44
C SER A 19 -17.35 8.90 -2.95
N GLY A 20 -17.86 10.10 -3.25
CA GLY A 20 -18.04 10.56 -4.62
C GLY A 20 -16.72 10.93 -5.29
N GLY A 21 -16.05 9.93 -5.88
CA GLY A 21 -14.83 10.13 -6.66
C GLY A 21 -13.67 9.26 -6.18
N SER A 22 -13.60 9.01 -4.86
CA SER A 22 -12.48 8.25 -4.24
C SER A 22 -12.94 7.50 -2.97
N GLY A 23 -12.26 6.36 -2.71
CA GLY A 23 -12.44 5.58 -1.49
C GLY A 23 -11.41 5.94 -0.41
N ARG A 24 -11.10 4.95 0.45
CA ARG A 24 -10.15 5.13 1.56
C ARG A 24 -8.71 4.89 1.07
N ASP A 25 -7.79 5.76 1.48
CA ASP A 25 -6.39 5.73 1.01
C ASP A 25 -5.55 5.03 2.05
N LEU A 26 -5.11 3.80 1.77
CA LEU A 26 -4.27 3.08 2.72
C LEU A 26 -2.81 3.36 2.33
N ARG A 27 -2.11 4.15 3.16
CA ARG A 27 -0.72 4.58 2.92
C ARG A 27 0.14 4.11 4.09
N ALA A 28 0.98 3.09 3.84
CA ALA A 28 1.79 2.45 4.88
C ALA A 28 3.22 2.18 4.37
N GLU A 29 4.15 2.07 5.32
CA GLU A 29 5.57 1.80 5.07
C GLU A 29 5.74 0.32 4.72
N LEU A 30 6.38 0.03 3.57
CA LEU A 30 6.64 -1.34 3.11
C LEU A 30 8.10 -1.71 3.41
N PRO A 31 8.37 -2.50 4.50
CA PRO A 31 9.73 -2.98 4.81
C PRO A 31 10.12 -4.10 3.82
N LEU A 32 11.14 -3.81 3.01
CA LEU A 32 11.57 -4.68 1.92
C LEU A 32 13.07 -4.84 2.00
N THR A 33 13.58 -6.08 1.85
CA THR A 33 15.02 -6.34 1.92
C THR A 33 15.67 -6.00 0.56
N LEU A 34 17.01 -6.03 0.53
CA LEU A 34 17.78 -5.83 -0.71
C LEU A 34 17.58 -7.00 -1.68
N GLU A 35 17.38 -8.20 -1.11
CA GLU A 35 17.21 -9.45 -1.86
C GLU A 35 15.86 -9.43 -2.58
N GLU A 36 14.80 -9.09 -1.82
CA GLU A 36 13.43 -9.05 -2.32
C GLU A 36 13.23 -7.90 -3.31
N ALA A 37 13.94 -6.79 -3.07
CA ALA A 37 13.97 -5.63 -3.99
C ALA A 37 14.54 -6.05 -5.36
N PHE A 38 15.69 -6.76 -5.29
CA PHE A 38 16.42 -7.27 -6.47
C PHE A 38 15.57 -8.34 -7.21
N HIS A 39 14.84 -9.16 -6.43
CA HIS A 39 13.96 -10.20 -6.98
C HIS A 39 12.82 -9.56 -7.78
N GLY A 40 12.27 -8.46 -7.22
CA GLY A 40 11.10 -7.80 -7.79
C GLY A 40 9.90 -8.73 -7.91
N GLY A 41 9.77 -9.63 -6.92
CA GLY A 41 8.73 -10.64 -6.92
C GLY A 41 7.43 -10.15 -6.30
N GLU A 42 6.83 -10.99 -5.46
CA GLU A 42 5.65 -10.64 -4.66
C GLU A 42 6.07 -10.61 -3.19
N ARG A 43 5.56 -9.62 -2.45
CA ARG A 43 5.88 -9.38 -1.05
C ARG A 43 4.63 -9.66 -0.22
N VAL A 44 4.75 -10.62 0.71
CA VAL A 44 3.64 -11.07 1.55
C VAL A 44 3.47 -10.10 2.73
N VAL A 45 2.40 -9.29 2.65
CA VAL A 45 2.11 -8.21 3.60
C VAL A 45 0.85 -8.54 4.44
N GLU A 46 0.73 -7.84 5.59
CA GLU A 46 -0.42 -7.91 6.49
C GLU A 46 -1.39 -6.76 6.13
N VAL A 47 -2.70 -7.07 6.10
CA VAL A 47 -3.78 -6.07 5.86
C VAL A 47 -5.09 -6.53 6.55
N ALA A 48 -5.40 -5.94 7.73
CA ALA A 48 -6.70 -6.12 8.44
C ALA A 48 -6.99 -7.60 8.83
N GLY A 49 -5.94 -8.44 8.91
CA GLY A 49 -6.06 -9.87 9.21
C GLY A 49 -5.94 -10.76 7.97
N ARG A 50 -5.89 -10.12 6.78
CA ARG A 50 -5.65 -10.80 5.49
C ARG A 50 -4.15 -10.81 5.19
N ARG A 51 -3.71 -11.85 4.48
CA ARG A 51 -2.33 -12.01 4.03
C ARG A 51 -2.33 -11.90 2.49
N VAL A 52 -1.79 -10.79 1.95
CA VAL A 52 -1.83 -10.49 0.50
C VAL A 52 -0.40 -10.33 -0.06
N SER A 53 -0.14 -10.96 -1.22
CA SER A 53 1.15 -10.84 -1.93
C SER A 53 1.04 -9.74 -2.99
N VAL A 54 1.72 -8.61 -2.75
CA VAL A 54 1.74 -7.45 -3.67
C VAL A 54 3.03 -7.50 -4.50
N ARG A 55 2.88 -7.40 -5.83
CA ARG A 55 4.01 -7.40 -6.75
C ARG A 55 4.78 -6.07 -6.60
N ILE A 56 6.07 -6.21 -6.29
CA ILE A 56 7.02 -5.10 -6.17
C ILE A 56 7.85 -4.98 -7.48
N PRO A 57 8.30 -3.73 -7.87
CA PRO A 57 9.16 -3.52 -9.06
C PRO A 57 10.55 -4.22 -8.94
N PRO A 58 11.12 -4.78 -10.07
CA PRO A 58 12.49 -5.36 -10.08
C PRO A 58 13.58 -4.28 -9.90
N GLY A 59 14.42 -4.45 -8.87
CA GLY A 59 15.50 -3.51 -8.54
C GLY A 59 15.00 -2.24 -7.86
N VAL A 60 13.83 -2.34 -7.17
CA VAL A 60 13.18 -1.20 -6.49
C VAL A 60 14.01 -0.70 -5.28
N ARG A 61 13.99 0.62 -5.03
CA ARG A 61 14.86 1.26 -4.03
C ARG A 61 14.08 1.97 -2.92
N GLU A 62 14.85 2.36 -1.89
CA GLU A 62 14.43 3.18 -0.76
C GLU A 62 13.94 4.56 -1.26
N GLY A 63 12.66 4.87 -0.98
CA GLY A 63 12.05 6.14 -1.42
C GLY A 63 10.91 5.93 -2.40
N SER A 64 10.94 4.80 -3.12
CA SER A 64 9.93 4.45 -4.12
C SER A 64 8.59 4.12 -3.44
N VAL A 65 7.53 4.82 -3.84
CA VAL A 65 6.15 4.50 -3.41
C VAL A 65 5.44 3.73 -4.55
N ILE A 66 4.80 2.60 -4.20
CA ILE A 66 4.04 1.77 -5.13
C ILE A 66 2.55 2.10 -4.94
N ARG A 67 1.96 2.89 -5.85
CA ARG A 67 0.52 3.17 -5.80
C ARG A 67 -0.23 2.09 -6.57
N VAL A 68 -0.90 1.20 -5.83
CA VAL A 68 -1.79 0.19 -6.40
C VAL A 68 -3.25 0.70 -6.23
N PRO A 69 -3.85 1.35 -7.29
CA PRO A 69 -5.20 1.93 -7.22
C PRO A 69 -6.29 0.84 -7.19
N GLY A 70 -7.36 1.09 -6.42
CA GLY A 70 -8.50 0.17 -6.32
C GLY A 70 -8.30 -0.93 -5.27
N MET A 71 -7.03 -1.27 -4.96
CA MET A 71 -6.67 -2.35 -4.02
C MET A 71 -6.34 -1.79 -2.61
N GLY A 72 -6.73 -0.51 -2.37
CA GLY A 72 -6.57 0.14 -1.06
C GLY A 72 -7.79 -0.09 -0.18
N GLY A 73 -8.46 1.00 0.24
CA GLY A 73 -9.62 0.92 1.14
C GLY A 73 -10.87 0.50 0.41
N GLN A 74 -11.37 -0.71 0.73
CA GLN A 74 -12.55 -1.30 0.09
C GLN A 74 -13.84 -0.73 0.71
N GLY A 75 -14.83 -0.46 -0.16
CA GLY A 75 -16.13 0.09 0.23
C GLY A 75 -17.08 0.12 -0.97
N ASN A 76 -17.90 1.17 -1.06
CA ASN A 76 -18.70 1.45 -2.28
C ASN A 76 -17.75 1.98 -3.39
N PRO A 77 -16.86 3.02 -3.14
CA PRO A 77 -15.76 3.36 -4.05
C PRO A 77 -14.45 2.60 -3.67
N PRO A 78 -13.72 2.01 -4.67
CA PRO A 78 -12.38 1.42 -4.44
C PRO A 78 -11.32 2.50 -4.10
N GLY A 79 -10.60 2.28 -2.98
CA GLY A 79 -9.57 3.22 -2.50
C GLY A 79 -8.19 2.95 -3.10
N ASP A 80 -7.30 3.95 -3.00
CA ASP A 80 -5.90 3.85 -3.48
C ASP A 80 -5.01 3.24 -2.39
N LEU A 81 -4.01 2.46 -2.81
CA LEU A 81 -2.97 1.90 -1.93
C LEU A 81 -1.62 2.56 -2.24
N LEU A 82 -0.88 2.96 -1.19
CA LEU A 82 0.46 3.58 -1.27
C LEU A 82 1.43 2.80 -0.37
N LEU A 83 2.27 1.96 -0.97
CA LEU A 83 3.30 1.17 -0.25
C LEU A 83 4.67 1.82 -0.45
N VAL A 84 5.12 2.56 0.57
CA VAL A 84 6.35 3.35 0.51
C VAL A 84 7.54 2.43 0.90
N VAL A 85 8.24 1.91 -0.14
CA VAL A 85 9.35 0.96 -0.01
C VAL A 85 10.49 1.54 0.87
N ARG A 86 10.53 1.03 2.10
CA ARG A 86 11.60 1.24 3.06
C ARG A 86 12.56 0.04 3.01
N LEU A 87 13.71 0.20 2.33
CA LEU A 87 14.74 -0.85 2.27
C LEU A 87 15.40 -1.01 3.64
N LEU A 88 15.41 -2.26 4.13
CA LEU A 88 16.01 -2.60 5.42
C LEU A 88 17.54 -2.65 5.25
N PRO A 89 18.33 -2.14 6.26
CA PRO A 89 19.81 -2.01 6.17
C PRO A 89 20.52 -3.31 5.69
N HIS A 90 20.57 -4.33 6.57
CA HIS A 90 21.17 -5.66 6.27
C HIS A 90 20.53 -6.69 7.23
N MET A 1 -0.75 -0.65 16.33
CA MET A 1 -1.57 -0.78 15.09
C MET A 1 -0.70 -0.47 13.85
N LEU A 2 -1.29 -0.73 12.65
CA LEU A 2 -0.69 -0.35 11.35
C LEU A 2 0.61 -1.17 11.12
N PRO A 3 0.52 -2.53 10.85
CA PRO A 3 1.70 -3.37 10.66
C PRO A 3 2.36 -3.15 9.28
N LEU A 4 1.60 -3.41 8.22
CA LEU A 4 2.05 -3.39 6.82
C LEU A 4 0.80 -3.49 5.95
N LEU A 5 0.79 -2.66 4.92
CA LEU A 5 -0.33 -2.43 3.97
C LEU A 5 -1.51 -1.68 4.63
N PHE A 6 -2.08 -2.30 5.67
CA PHE A 6 -3.20 -1.73 6.45
C PHE A 6 -2.83 -0.40 7.12
N THR A 7 -3.48 0.67 6.66
CA THR A 7 -3.33 2.02 7.22
C THR A 7 -4.73 2.64 7.41
N PRO A 8 -5.32 2.53 8.64
CA PRO A 8 -6.69 3.01 8.91
C PRO A 8 -6.78 4.56 8.98
N VAL A 9 -6.92 5.17 7.79
CA VAL A 9 -7.08 6.63 7.65
C VAL A 9 -8.57 7.02 7.75
N THR A 10 -8.83 8.33 7.90
CA THR A 10 -10.21 8.86 8.02
C THR A 10 -10.52 9.78 6.80
N LYS A 11 -10.00 9.36 5.64
CA LYS A 11 -10.02 10.14 4.36
C LYS A 11 -9.03 11.32 4.45
N GLY A 12 -9.36 12.32 5.27
CA GLY A 12 -8.47 13.47 5.48
C GLY A 12 -9.08 14.52 6.40
N SER A 13 -8.21 15.34 7.03
CA SER A 13 -8.61 16.52 7.82
C SER A 13 -8.88 17.73 6.90
N GLY A 14 -8.22 17.73 5.72
CA GLY A 14 -8.37 18.78 4.73
C GLY A 14 -9.75 18.80 4.09
N GLY A 15 -10.12 19.96 3.52
CA GLY A 15 -11.40 20.15 2.85
C GLY A 15 -11.61 19.13 1.71
N SER A 16 -12.61 18.24 1.91
CA SER A 16 -12.94 17.17 0.93
C SER A 16 -13.73 17.75 -0.28
N GLY A 17 -14.17 19.03 -0.16
CA GLY A 17 -14.91 19.72 -1.23
C GLY A 17 -16.38 19.33 -1.27
N GLY A 18 -16.64 18.09 -1.70
CA GLY A 18 -17.98 17.51 -1.73
C GLY A 18 -17.91 16.01 -1.92
N SER A 19 -18.80 15.47 -2.78
CA SER A 19 -18.86 14.02 -3.08
C SER A 19 -17.73 13.58 -4.04
N GLY A 20 -16.94 14.56 -4.56
CA GLY A 20 -15.87 14.29 -5.53
C GLY A 20 -14.56 13.84 -4.89
N GLY A 21 -14.63 12.71 -4.17
CA GLY A 21 -13.46 12.10 -3.55
C GLY A 21 -13.56 10.58 -3.58
N SER A 22 -12.41 9.88 -3.54
CA SER A 22 -12.36 8.41 -3.55
C SER A 22 -12.30 7.86 -2.09
N GLY A 23 -11.98 6.57 -1.94
CA GLY A 23 -12.02 5.88 -0.64
C GLY A 23 -10.81 6.11 0.25
N ARG A 24 -10.62 5.19 1.23
CA ARG A 24 -9.54 5.28 2.22
C ARG A 24 -8.19 5.04 1.51
N ASP A 25 -7.22 5.94 1.70
CA ASP A 25 -5.92 5.82 1.03
C ASP A 25 -4.98 5.16 2.03
N LEU A 26 -4.65 3.88 1.80
CA LEU A 26 -3.88 3.12 2.81
C LEU A 26 -2.41 3.29 2.44
N ARG A 27 -1.69 4.09 3.22
CA ARG A 27 -0.28 4.40 2.95
C ARG A 27 0.56 3.81 4.08
N ALA A 28 1.24 2.71 3.79
CA ALA A 28 2.08 2.01 4.77
C ALA A 28 3.48 1.84 4.18
N GLU A 29 4.48 1.88 5.04
CA GLU A 29 5.87 1.58 4.69
C GLU A 29 6.00 0.09 4.44
N LEU A 30 6.61 -0.28 3.31
CA LEU A 30 6.88 -1.67 2.97
C LEU A 30 8.34 -1.94 3.37
N PRO A 31 8.59 -2.65 4.51
CA PRO A 31 9.95 -3.04 4.90
C PRO A 31 10.52 -4.06 3.89
N LEU A 32 11.59 -3.67 3.16
CA LEU A 32 12.16 -4.50 2.09
C LEU A 32 13.67 -4.27 2.03
N THR A 33 14.47 -5.34 2.21
CA THR A 33 15.94 -5.25 2.23
C THR A 33 16.52 -5.11 0.80
N LEU A 34 17.84 -4.77 0.73
CA LEU A 34 18.56 -4.54 -0.55
C LEU A 34 18.46 -5.74 -1.50
N GLU A 35 18.71 -6.96 -0.95
CA GLU A 35 18.68 -8.21 -1.72
C GLU A 35 17.25 -8.54 -2.23
N GLU A 36 16.24 -8.33 -1.36
CA GLU A 36 14.81 -8.56 -1.71
C GLU A 36 14.32 -7.55 -2.75
N ALA A 37 14.87 -6.33 -2.70
CA ALA A 37 14.55 -5.26 -3.64
C ALA A 37 15.16 -5.53 -5.02
N PHE A 38 16.39 -6.07 -5.00
CA PHE A 38 17.16 -6.44 -6.19
C PHE A 38 16.44 -7.54 -6.97
N HIS A 39 16.17 -8.66 -6.27
CA HIS A 39 15.52 -9.85 -6.86
C HIS A 39 14.03 -9.56 -7.19
N GLY A 40 13.37 -8.75 -6.33
CA GLY A 40 11.95 -8.44 -6.50
C GLY A 40 11.07 -9.67 -6.22
N GLY A 41 10.07 -9.91 -7.08
CA GLY A 41 9.17 -11.05 -6.95
C GLY A 41 7.93 -10.72 -6.14
N GLU A 42 7.45 -11.69 -5.34
CA GLU A 42 6.23 -11.52 -4.51
C GLU A 42 6.59 -11.30 -3.03
N ARG A 43 5.73 -10.52 -2.35
CA ARG A 43 5.80 -10.24 -0.91
C ARG A 43 4.37 -10.33 -0.37
N VAL A 44 4.12 -11.24 0.57
CA VAL A 44 2.76 -11.48 1.07
C VAL A 44 2.55 -10.72 2.41
N VAL A 45 1.62 -9.77 2.36
CA VAL A 45 1.35 -8.80 3.44
C VAL A 45 -0.12 -8.91 3.88
N GLU A 46 -0.50 -8.36 5.05
CA GLU A 46 -1.88 -8.48 5.55
C GLU A 46 -2.53 -7.10 5.81
N VAL A 47 -3.69 -6.87 5.18
CA VAL A 47 -4.51 -5.66 5.37
C VAL A 47 -5.84 -6.00 6.07
N ALA A 48 -6.01 -5.55 7.34
CA ALA A 48 -7.29 -5.66 8.11
C ALA A 48 -7.70 -7.13 8.37
N GLY A 49 -6.72 -8.04 8.41
CA GLY A 49 -6.97 -9.49 8.59
C GLY A 49 -6.92 -10.27 7.28
N ARG A 50 -6.92 -9.55 6.15
CA ARG A 50 -6.90 -10.15 4.80
C ARG A 50 -5.44 -10.30 4.31
N ARG A 51 -4.98 -11.55 4.11
CA ARG A 51 -3.62 -11.85 3.66
C ARG A 51 -3.59 -11.82 2.11
N VAL A 52 -2.98 -10.77 1.53
CA VAL A 52 -2.88 -10.56 0.07
C VAL A 52 -1.41 -10.60 -0.40
N SER A 53 -1.22 -10.91 -1.67
CA SER A 53 0.10 -10.91 -2.31
C SER A 53 0.37 -9.54 -2.95
N VAL A 54 1.64 -9.09 -2.85
CA VAL A 54 2.13 -7.80 -3.42
C VAL A 54 3.37 -8.07 -4.27
N ARG A 55 3.25 -7.90 -5.58
CA ARG A 55 4.36 -8.09 -6.51
C ARG A 55 5.25 -6.83 -6.50
N ILE A 56 6.39 -6.97 -5.80
CA ILE A 56 7.40 -5.91 -5.67
C ILE A 56 8.34 -5.92 -6.91
N PRO A 57 8.60 -4.73 -7.56
CA PRO A 57 9.48 -4.65 -8.77
C PRO A 57 10.96 -5.04 -8.49
N PRO A 58 11.61 -5.87 -9.38
CA PRO A 58 13.07 -6.10 -9.34
C PRO A 58 13.84 -4.79 -9.69
N GLY A 59 14.68 -4.35 -8.74
CA GLY A 59 15.38 -3.06 -8.83
C GLY A 59 14.56 -1.90 -8.26
N VAL A 60 13.66 -2.18 -7.28
CA VAL A 60 12.87 -1.12 -6.60
C VAL A 60 13.75 -0.40 -5.54
N ARG A 61 13.57 0.93 -5.38
CA ARG A 61 14.45 1.76 -4.53
C ARG A 61 13.71 2.31 -3.30
N GLU A 62 14.51 3.04 -2.48
CA GLU A 62 14.06 3.74 -1.27
C GLU A 62 13.08 4.87 -1.62
N GLY A 63 11.97 4.93 -0.88
CA GLY A 63 10.94 5.95 -1.08
C GLY A 63 9.94 5.60 -2.17
N SER A 64 10.26 4.58 -3.01
CA SER A 64 9.44 4.20 -4.15
C SER A 64 8.09 3.64 -3.66
N VAL A 65 7.00 4.32 -4.02
CA VAL A 65 5.65 3.90 -3.60
C VAL A 65 5.03 2.99 -4.68
N ILE A 66 4.44 1.89 -4.22
CA ILE A 66 3.74 0.91 -5.04
C ILE A 66 2.24 1.21 -4.89
N ARG A 67 1.67 1.85 -5.92
CA ARG A 67 0.26 2.25 -5.91
C ARG A 67 -0.57 1.25 -6.70
N VAL A 68 -1.40 0.48 -5.98
CA VAL A 68 -2.41 -0.38 -6.58
C VAL A 68 -3.77 0.37 -6.49
N PRO A 69 -4.25 1.01 -7.62
CA PRO A 69 -5.45 1.88 -7.62
C PRO A 69 -6.76 1.07 -7.45
N GLY A 70 -7.67 1.59 -6.60
CA GLY A 70 -8.98 0.99 -6.38
C GLY A 70 -8.99 -0.13 -5.33
N MET A 71 -7.81 -0.74 -5.07
CA MET A 71 -7.67 -1.90 -4.19
C MET A 71 -7.15 -1.50 -2.80
N GLY A 72 -7.24 -0.19 -2.48
CA GLY A 72 -6.85 0.34 -1.18
C GLY A 72 -7.97 0.25 -0.16
N GLY A 73 -8.62 1.39 0.12
CA GLY A 73 -9.78 1.45 1.00
C GLY A 73 -10.98 0.72 0.41
N GLN A 74 -11.23 -0.49 0.93
CA GLN A 74 -12.32 -1.36 0.47
C GLN A 74 -13.62 -1.04 1.26
N GLY A 75 -14.76 -1.31 0.61
CA GLY A 75 -16.10 -0.95 1.12
C GLY A 75 -16.93 -0.31 0.03
N ASN A 76 -17.67 0.78 0.35
CA ASN A 76 -18.46 1.53 -0.67
C ASN A 76 -17.53 2.32 -1.64
N PRO A 77 -16.62 3.26 -1.17
CA PRO A 77 -15.71 4.00 -2.07
C PRO A 77 -14.32 3.31 -2.22
N PRO A 78 -13.90 2.90 -3.45
CA PRO A 78 -12.55 2.34 -3.72
C PRO A 78 -11.43 3.37 -3.43
N GLY A 79 -10.48 2.98 -2.58
CA GLY A 79 -9.33 3.83 -2.24
C GLY A 79 -8.06 3.41 -2.97
N ASP A 80 -7.00 4.22 -2.83
CA ASP A 80 -5.67 3.91 -3.43
C ASP A 80 -4.78 3.20 -2.39
N LEU A 81 -4.11 2.14 -2.85
CA LEU A 81 -3.25 1.31 -2.02
C LEU A 81 -1.80 1.76 -2.24
N LEU A 82 -1.12 2.22 -1.18
CA LEU A 82 0.20 2.90 -1.27
C LEU A 82 1.22 2.14 -0.39
N LEU A 83 2.31 1.64 -1.01
CA LEU A 83 3.40 0.94 -0.28
C LEU A 83 4.74 1.62 -0.54
N VAL A 84 5.19 2.42 0.43
CA VAL A 84 6.43 3.19 0.29
C VAL A 84 7.61 2.29 0.73
N VAL A 85 8.25 1.66 -0.26
CA VAL A 85 9.38 0.73 -0.06
C VAL A 85 10.53 1.39 0.74
N ARG A 86 10.93 0.72 1.82
CA ARG A 86 12.01 1.16 2.70
C ARG A 86 13.16 0.17 2.55
N LEU A 87 14.28 0.59 1.93
CA LEU A 87 15.45 -0.29 1.76
C LEU A 87 16.12 -0.48 3.12
N LEU A 88 15.77 -1.60 3.77
CA LEU A 88 16.29 -1.98 5.09
C LEU A 88 17.76 -2.40 4.98
N PRO A 89 18.59 -2.19 6.06
CA PRO A 89 19.97 -2.71 6.13
C PRO A 89 20.01 -4.25 5.99
N HIS A 90 21.04 -4.75 5.30
CA HIS A 90 21.25 -6.20 5.08
C HIS A 90 21.58 -6.94 6.41
N MET A 1 -2.72 3.81 14.51
CA MET A 1 -1.43 3.56 13.82
C MET A 1 -1.67 2.78 12.52
N LEU A 2 -0.71 2.90 11.60
CA LEU A 2 -0.73 2.23 10.30
C LEU A 2 0.31 1.10 10.27
N PRO A 3 -0.14 -0.20 10.19
CA PRO A 3 0.76 -1.34 9.89
C PRO A 3 1.16 -1.36 8.39
N LEU A 4 1.62 -2.52 7.90
CA LEU A 4 1.87 -2.73 6.47
C LEU A 4 0.52 -2.82 5.74
N LEU A 5 0.49 -2.24 4.54
CA LEU A 5 -0.68 -2.08 3.67
C LEU A 5 -1.75 -1.15 4.30
N PHE A 6 -2.36 -1.65 5.40
CA PHE A 6 -3.42 -0.95 6.13
C PHE A 6 -2.92 0.40 6.69
N THR A 7 -3.68 1.47 6.39
CA THR A 7 -3.43 2.82 6.90
C THR A 7 -4.78 3.49 7.21
N PRO A 8 -5.16 3.60 8.51
CA PRO A 8 -6.52 4.04 8.90
C PRO A 8 -6.75 5.55 8.66
N VAL A 9 -7.17 5.86 7.44
CA VAL A 9 -7.58 7.21 7.01
C VAL A 9 -9.09 7.22 6.70
N THR A 10 -9.61 8.43 6.49
CA THR A 10 -10.99 8.65 6.03
C THR A 10 -11.10 10.06 5.41
N LYS A 11 -11.97 10.20 4.40
CA LYS A 11 -12.23 11.48 3.73
C LYS A 11 -13.73 11.78 3.83
N GLY A 12 -14.11 12.63 4.80
CA GLY A 12 -15.52 13.04 4.97
C GLY A 12 -15.78 14.42 4.40
N SER A 13 -16.10 15.41 5.29
CA SER A 13 -16.39 16.82 4.95
C SER A 13 -17.39 16.96 3.78
N GLY A 14 -18.54 16.31 3.96
CA GLY A 14 -19.52 16.14 2.88
C GLY A 14 -19.00 15.12 1.86
N GLY A 15 -18.33 15.63 0.81
CA GLY A 15 -17.72 14.77 -0.22
C GLY A 15 -18.75 13.96 -1.01
N SER A 16 -19.47 14.66 -1.89
CA SER A 16 -20.59 14.10 -2.65
C SER A 16 -20.13 12.99 -3.63
N GLY A 17 -19.03 13.27 -4.36
CA GLY A 17 -18.46 12.34 -5.32
C GLY A 17 -19.27 12.28 -6.63
N GLY A 18 -20.18 11.28 -6.70
CA GLY A 18 -21.05 11.09 -7.87
C GLY A 18 -20.45 10.19 -8.96
N SER A 19 -19.17 9.84 -8.80
CA SER A 19 -18.43 9.05 -9.79
C SER A 19 -17.22 8.35 -9.13
N GLY A 20 -17.00 7.07 -9.49
CA GLY A 20 -15.84 6.29 -9.01
C GLY A 20 -15.93 5.91 -7.54
N GLY A 21 -14.84 5.30 -7.04
CA GLY A 21 -14.74 4.87 -5.64
C GLY A 21 -14.20 5.97 -4.74
N SER A 22 -12.85 6.04 -4.64
CA SER A 22 -12.14 7.02 -3.78
C SER A 22 -12.54 6.86 -2.31
N GLY A 23 -12.52 5.61 -1.84
CA GLY A 23 -12.78 5.27 -0.44
C GLY A 23 -11.68 5.75 0.50
N ARG A 24 -10.95 4.81 1.10
CA ARG A 24 -9.78 5.11 1.94
C ARG A 24 -8.50 4.94 1.13
N ASP A 25 -7.56 5.89 1.25
CA ASP A 25 -6.27 5.81 0.56
C ASP A 25 -5.26 5.29 1.59
N LEU A 26 -4.89 4.00 1.48
CA LEU A 26 -4.04 3.40 2.50
C LEU A 26 -2.59 3.56 2.03
N ARG A 27 -1.83 4.42 2.73
CA ARG A 27 -0.45 4.71 2.39
C ARG A 27 0.45 4.28 3.56
N ALA A 28 1.21 3.20 3.35
CA ALA A 28 1.98 2.54 4.41
C ALA A 28 3.40 2.26 3.95
N GLU A 29 4.32 2.18 4.91
CA GLU A 29 5.71 1.78 4.69
C GLU A 29 5.75 0.27 4.41
N LEU A 30 6.46 -0.13 3.35
CA LEU A 30 6.66 -1.53 3.01
C LEU A 30 8.07 -1.95 3.47
N PRO A 31 8.22 -2.68 4.62
CA PRO A 31 9.52 -3.22 5.04
C PRO A 31 9.97 -4.33 4.06
N LEU A 32 11.08 -4.07 3.36
CA LEU A 32 11.61 -4.96 2.33
C LEU A 32 13.13 -4.95 2.39
N THR A 33 13.74 -6.14 2.40
CA THR A 33 15.20 -6.28 2.53
C THR A 33 15.91 -6.03 1.19
N LEU A 34 17.25 -5.80 1.25
CA LEU A 34 18.06 -5.35 0.10
C LEU A 34 18.00 -6.32 -1.11
N GLU A 35 18.27 -7.62 -0.85
CA GLU A 35 18.25 -8.67 -1.90
C GLU A 35 16.83 -8.85 -2.47
N GLU A 36 15.80 -8.81 -1.60
CA GLU A 36 14.38 -8.97 -2.02
C GLU A 36 13.87 -7.76 -2.83
N ALA A 37 14.50 -6.59 -2.59
CA ALA A 37 14.27 -5.38 -3.38
C ALA A 37 14.84 -5.56 -4.79
N PHE A 38 16.08 -6.08 -4.83
CA PHE A 38 16.82 -6.35 -6.06
C PHE A 38 16.09 -7.39 -6.94
N HIS A 39 15.55 -8.46 -6.29
CA HIS A 39 14.82 -9.53 -7.00
C HIS A 39 13.44 -9.03 -7.46
N GLY A 40 12.78 -8.28 -6.57
CA GLY A 40 11.39 -7.86 -6.76
C GLY A 40 10.42 -9.00 -6.51
N GLY A 41 9.51 -9.26 -7.47
CA GLY A 41 8.56 -10.37 -7.38
C GLY A 41 7.36 -10.05 -6.49
N GLU A 42 6.68 -11.08 -5.98
CA GLU A 42 5.51 -10.92 -5.11
C GLU A 42 5.96 -10.70 -3.66
N ARG A 43 5.18 -9.90 -2.92
CA ARG A 43 5.47 -9.57 -1.52
C ARG A 43 4.22 -9.84 -0.68
N VAL A 44 4.38 -10.73 0.31
CA VAL A 44 3.33 -11.10 1.25
C VAL A 44 3.21 -10.00 2.33
N VAL A 45 2.13 -9.22 2.24
CA VAL A 45 1.79 -8.17 3.21
C VAL A 45 0.53 -8.59 4.00
N GLU A 46 0.34 -7.99 5.16
CA GLU A 46 -0.78 -8.31 6.07
C GLU A 46 -1.66 -7.05 6.20
N VAL A 47 -3.00 -7.22 6.17
CA VAL A 47 -3.96 -6.10 6.21
C VAL A 47 -5.28 -6.50 6.90
N ALA A 48 -5.51 -6.01 8.13
CA ALA A 48 -6.81 -6.10 8.84
C ALA A 48 -7.30 -7.57 9.05
N GLY A 49 -6.36 -8.53 8.99
CA GLY A 49 -6.67 -9.96 9.08
C GLY A 49 -6.74 -10.63 7.72
N ARG A 50 -5.99 -10.10 6.75
CA ARG A 50 -5.94 -10.63 5.37
C ARG A 50 -4.47 -10.74 4.90
N ARG A 51 -4.22 -11.62 3.91
CA ARG A 51 -2.93 -11.71 3.20
C ARG A 51 -3.11 -11.20 1.75
N VAL A 52 -2.37 -10.15 1.38
CA VAL A 52 -2.35 -9.65 -0.01
C VAL A 52 -0.93 -9.82 -0.55
N SER A 53 -0.81 -10.30 -1.79
CA SER A 53 0.47 -10.44 -2.49
C SER A 53 0.62 -9.32 -3.51
N VAL A 54 1.46 -8.32 -3.19
CA VAL A 54 1.73 -7.16 -4.06
C VAL A 54 3.04 -7.41 -4.83
N ARG A 55 2.94 -7.43 -6.17
CA ARG A 55 4.11 -7.64 -7.02
C ARG A 55 4.93 -6.34 -7.11
N ILE A 56 6.00 -6.31 -6.32
CA ILE A 56 6.94 -5.19 -6.26
C ILE A 56 7.93 -5.26 -7.47
N PRO A 57 8.37 -4.09 -8.04
CA PRO A 57 9.29 -4.04 -9.20
C PRO A 57 10.69 -4.69 -8.92
N PRO A 58 11.25 -5.50 -9.87
CA PRO A 58 12.63 -6.04 -9.77
C PRO A 58 13.67 -4.91 -9.76
N GLY A 59 14.34 -4.73 -8.61
CA GLY A 59 15.31 -3.64 -8.42
C GLY A 59 14.66 -2.38 -7.89
N VAL A 60 13.64 -2.55 -7.02
CA VAL A 60 12.95 -1.42 -6.37
C VAL A 60 13.82 -0.86 -5.22
N ARG A 61 13.77 0.46 -5.00
CA ARG A 61 14.66 1.17 -4.06
C ARG A 61 13.91 1.83 -2.91
N GLU A 62 14.72 2.43 -2.02
CA GLU A 62 14.25 3.18 -0.84
C GLU A 62 13.46 4.44 -1.27
N GLY A 63 12.32 4.67 -0.61
CA GLY A 63 11.47 5.83 -0.87
C GLY A 63 10.55 5.65 -2.08
N SER A 64 10.72 4.54 -2.83
CA SER A 64 9.92 4.26 -4.03
C SER A 64 8.51 3.82 -3.61
N VAL A 65 7.50 4.59 -4.01
CA VAL A 65 6.09 4.34 -3.64
C VAL A 65 5.36 3.61 -4.78
N ILE A 66 4.60 2.56 -4.41
CA ILE A 66 3.90 1.68 -5.35
C ILE A 66 2.40 2.01 -5.31
N ARG A 67 1.91 2.68 -6.36
CA ARG A 67 0.50 3.09 -6.45
C ARG A 67 -0.35 1.98 -7.09
N VAL A 68 -1.23 1.37 -6.28
CA VAL A 68 -2.13 0.29 -6.72
C VAL A 68 -3.60 0.70 -6.41
N PRO A 69 -4.37 1.22 -7.42
CA PRO A 69 -5.78 1.65 -7.21
C PRO A 69 -6.72 0.45 -6.97
N GLY A 70 -7.56 0.57 -5.91
CA GLY A 70 -8.58 -0.44 -5.59
C GLY A 70 -8.16 -1.40 -4.48
N MET A 71 -6.84 -1.56 -4.26
CA MET A 71 -6.28 -2.41 -3.19
C MET A 71 -6.10 -1.63 -1.87
N GLY A 72 -6.58 -0.37 -1.86
CA GLY A 72 -6.58 0.45 -0.66
C GLY A 72 -7.82 0.20 0.19
N GLY A 73 -8.74 1.18 0.22
CA GLY A 73 -9.98 1.08 0.99
C GLY A 73 -10.98 0.12 0.36
N GLN A 74 -11.18 -1.04 0.99
CA GLN A 74 -12.11 -2.08 0.49
C GLN A 74 -13.53 -1.84 1.02
N GLY A 75 -14.53 -2.22 0.22
CA GLY A 75 -15.94 -2.03 0.55
C GLY A 75 -16.75 -1.67 -0.69
N ASN A 76 -17.69 -0.71 -0.55
CA ASN A 76 -18.48 -0.18 -1.67
C ASN A 76 -17.65 0.83 -2.52
N PRO A 77 -16.94 1.87 -1.90
CA PRO A 77 -16.01 2.74 -2.64
C PRO A 77 -14.53 2.24 -2.54
N PRO A 78 -13.96 1.65 -3.64
CA PRO A 78 -12.53 1.25 -3.65
C PRO A 78 -11.60 2.49 -3.60
N GLY A 79 -10.69 2.50 -2.62
CA GLY A 79 -9.68 3.55 -2.47
C GLY A 79 -8.33 3.12 -3.01
N ASP A 80 -7.37 4.05 -3.04
CA ASP A 80 -6.04 3.84 -3.66
C ASP A 80 -5.03 3.34 -2.61
N LEU A 81 -4.03 2.60 -3.08
CA LEU A 81 -2.96 2.04 -2.22
C LEU A 81 -1.62 2.69 -2.60
N LEU A 82 -0.84 3.13 -1.59
CA LEU A 82 0.50 3.70 -1.76
C LEU A 82 1.51 3.00 -0.82
N LEU A 83 2.35 2.11 -1.35
CA LEU A 83 3.37 1.37 -0.57
C LEU A 83 4.76 1.97 -0.77
N VAL A 84 5.21 2.72 0.23
CA VAL A 84 6.53 3.37 0.22
C VAL A 84 7.59 2.36 0.70
N VAL A 85 8.27 1.73 -0.27
CA VAL A 85 9.30 0.70 -0.03
C VAL A 85 10.43 1.24 0.87
N ARG A 86 10.74 0.46 1.92
CA ARG A 86 11.73 0.78 2.93
C ARG A 86 12.77 -0.32 2.93
N LEU A 87 13.96 -0.02 2.38
CA LEU A 87 15.07 -0.96 2.34
C LEU A 87 15.63 -1.15 3.76
N LEU A 88 15.40 -2.34 4.33
CA LEU A 88 15.85 -2.69 5.68
C LEU A 88 17.40 -2.89 5.67
N PRO A 89 18.09 -2.60 6.82
CA PRO A 89 19.55 -2.83 6.96
C PRO A 89 19.90 -4.31 6.73
N HIS A 90 20.34 -4.61 5.49
CA HIS A 90 20.58 -5.99 4.99
C HIS A 90 19.25 -6.78 4.96
N MET A 1 -2.36 1.11 15.83
CA MET A 1 -2.88 1.30 14.44
C MET A 1 -1.73 1.33 13.43
N LEU A 2 -2.12 1.22 12.14
CA LEU A 2 -1.26 1.51 10.97
C LEU A 2 -0.05 0.53 10.89
N PRO A 3 -0.27 -0.76 10.51
CA PRO A 3 0.83 -1.69 10.17
C PRO A 3 1.17 -1.63 8.66
N LEU A 4 1.68 -2.75 8.12
CA LEU A 4 1.98 -2.90 6.69
C LEU A 4 0.66 -3.09 5.91
N LEU A 5 0.66 -2.53 4.70
CA LEU A 5 -0.49 -2.37 3.78
C LEU A 5 -1.58 -1.44 4.37
N PHE A 6 -2.22 -1.93 5.44
CA PHE A 6 -3.31 -1.25 6.13
C PHE A 6 -2.85 0.07 6.78
N THR A 7 -3.60 1.14 6.49
CA THR A 7 -3.36 2.48 7.03
C THR A 7 -4.72 3.18 7.23
N PRO A 8 -5.28 3.19 8.49
CA PRO A 8 -6.65 3.67 8.73
C PRO A 8 -6.77 5.20 8.61
N VAL A 9 -7.01 5.66 7.36
CA VAL A 9 -7.30 7.07 7.04
C VAL A 9 -8.82 7.24 6.90
N THR A 10 -9.31 8.45 7.18
CA THR A 10 -10.75 8.78 7.11
C THR A 10 -11.10 9.57 5.84
N LYS A 11 -10.08 10.28 5.26
CA LYS A 11 -10.29 11.20 4.13
C LYS A 11 -10.27 10.45 2.78
N GLY A 12 -10.81 11.13 1.75
CA GLY A 12 -10.81 10.62 0.38
C GLY A 12 -11.60 11.54 -0.54
N SER A 13 -11.51 11.27 -1.86
CA SER A 13 -12.22 12.04 -2.90
C SER A 13 -13.75 11.70 -2.91
N GLY A 14 -14.15 10.68 -2.11
CA GLY A 14 -15.56 10.28 -1.99
C GLY A 14 -16.35 11.16 -1.02
N GLY A 15 -16.31 12.48 -1.27
CA GLY A 15 -17.11 13.48 -0.56
C GLY A 15 -17.24 14.74 -1.42
N SER A 16 -17.10 14.54 -2.75
CA SER A 16 -17.13 15.59 -3.76
C SER A 16 -17.50 14.97 -5.12
N GLY A 17 -16.90 13.81 -5.44
CA GLY A 17 -17.19 13.07 -6.67
C GLY A 17 -16.04 12.15 -7.09
N GLY A 18 -16.12 11.60 -8.31
CA GLY A 18 -15.06 10.76 -8.87
C GLY A 18 -15.60 9.73 -9.88
N SER A 19 -14.68 9.14 -10.66
CA SER A 19 -14.99 8.05 -11.61
C SER A 19 -15.32 6.76 -10.83
N GLY A 20 -16.62 6.58 -10.51
CA GLY A 20 -17.07 5.51 -9.62
C GLY A 20 -17.07 5.96 -8.17
N GLY A 21 -15.99 6.65 -7.77
CA GLY A 21 -15.80 7.16 -6.41
C GLY A 21 -14.40 6.87 -5.93
N SER A 22 -14.17 7.04 -4.62
CA SER A 22 -12.86 6.81 -3.99
C SER A 22 -13.06 6.33 -2.55
N GLY A 23 -12.48 5.18 -2.20
CA GLY A 23 -12.52 4.67 -0.81
C GLY A 23 -11.43 5.29 0.06
N ARG A 24 -10.83 4.47 0.93
CA ARG A 24 -9.74 4.89 1.84
C ARG A 24 -8.39 4.69 1.14
N ASP A 25 -7.46 5.62 1.35
CA ASP A 25 -6.11 5.57 0.73
C ASP A 25 -5.14 5.03 1.77
N LEU A 26 -4.68 3.77 1.60
CA LEU A 26 -3.81 3.16 2.60
C LEU A 26 -2.36 3.40 2.17
N ARG A 27 -1.65 4.25 2.95
CA ARG A 27 -0.24 4.57 2.69
C ARG A 27 0.63 4.03 3.85
N ALA A 28 1.35 2.94 3.60
CA ALA A 28 2.15 2.25 4.61
C ALA A 28 3.54 1.95 4.05
N GLU A 29 4.53 2.01 4.94
CA GLU A 29 5.92 1.70 4.62
C GLU A 29 6.08 0.17 4.47
N LEU A 30 6.73 -0.24 3.36
CA LEU A 30 6.97 -1.64 3.04
C LEU A 30 8.41 -2.01 3.42
N PRO A 31 8.62 -2.73 4.58
CA PRO A 31 9.95 -3.20 4.99
C PRO A 31 10.46 -4.27 4.01
N LEU A 32 11.54 -3.95 3.29
CA LEU A 32 12.03 -4.76 2.20
C LEU A 32 13.56 -4.72 2.18
N THR A 33 14.22 -5.88 2.09
CA THR A 33 15.70 -5.95 2.10
C THR A 33 16.25 -5.63 0.69
N LEU A 34 17.59 -5.46 0.61
CA LEU A 34 18.30 -5.11 -0.64
C LEU A 34 18.10 -6.20 -1.71
N GLU A 35 18.03 -7.45 -1.24
CA GLU A 35 17.91 -8.64 -2.08
C GLU A 35 16.50 -8.70 -2.67
N GLU A 36 15.51 -8.60 -1.77
CA GLU A 36 14.08 -8.70 -2.11
C GLU A 36 13.61 -7.53 -3.00
N ALA A 37 14.31 -6.39 -2.85
CA ALA A 37 14.09 -5.18 -3.65
C ALA A 37 14.64 -5.34 -5.07
N PHE A 38 15.93 -5.78 -5.15
CA PHE A 38 16.65 -6.01 -6.42
C PHE A 38 15.91 -7.06 -7.29
N HIS A 39 15.51 -8.16 -6.63
CA HIS A 39 14.85 -9.31 -7.28
C HIS A 39 13.38 -9.00 -7.58
N GLY A 40 12.70 -8.33 -6.61
CA GLY A 40 11.26 -8.05 -6.73
C GLY A 40 10.42 -9.32 -6.60
N GLY A 41 9.15 -9.24 -7.00
CA GLY A 41 8.22 -10.37 -6.97
C GLY A 41 7.02 -10.10 -6.07
N GLU A 42 6.30 -11.15 -5.66
CA GLU A 42 5.16 -11.04 -4.74
C GLU A 42 5.65 -10.93 -3.28
N ARG A 43 4.96 -10.08 -2.51
CA ARG A 43 5.26 -9.86 -1.09
C ARG A 43 3.97 -10.08 -0.27
N VAL A 44 4.03 -11.03 0.68
CA VAL A 44 2.89 -11.36 1.55
C VAL A 44 2.81 -10.35 2.71
N VAL A 45 1.79 -9.49 2.62
CA VAL A 45 1.50 -8.41 3.59
C VAL A 45 0.12 -8.69 4.25
N GLU A 46 -0.17 -8.01 5.37
CA GLU A 46 -1.35 -8.29 6.22
C GLU A 46 -2.21 -7.03 6.34
N VAL A 47 -3.53 -7.15 6.12
CA VAL A 47 -4.49 -6.03 6.08
C VAL A 47 -5.86 -6.39 6.72
N ALA A 48 -6.08 -5.93 7.97
CA ALA A 48 -7.36 -6.08 8.72
C ALA A 48 -7.75 -7.58 8.93
N GLY A 49 -6.73 -8.45 8.94
CA GLY A 49 -6.90 -9.90 9.11
C GLY A 49 -6.81 -10.68 7.81
N ARG A 50 -6.62 -9.98 6.68
CA ARG A 50 -6.56 -10.59 5.34
C ARG A 50 -5.11 -10.67 4.85
N ARG A 51 -4.78 -11.77 4.17
CA ARG A 51 -3.46 -12.01 3.58
C ARG A 51 -3.48 -11.62 2.09
N VAL A 52 -2.73 -10.57 1.71
CA VAL A 52 -2.64 -10.07 0.31
C VAL A 52 -1.18 -10.19 -0.17
N SER A 53 -0.98 -10.79 -1.36
CA SER A 53 0.33 -10.85 -2.02
C SER A 53 0.43 -9.72 -3.07
N VAL A 54 1.23 -8.69 -2.75
CA VAL A 54 1.40 -7.50 -3.61
C VAL A 54 2.70 -7.63 -4.43
N ARG A 55 2.57 -7.49 -5.76
CA ARG A 55 3.68 -7.64 -6.70
C ARG A 55 4.47 -6.31 -6.76
N ILE A 56 5.65 -6.34 -6.13
CA ILE A 56 6.60 -5.23 -6.11
C ILE A 56 7.54 -5.35 -7.35
N PRO A 57 7.99 -4.19 -7.94
CA PRO A 57 8.88 -4.20 -9.13
C PRO A 57 10.33 -4.64 -8.78
N PRO A 58 11.02 -5.41 -9.71
CA PRO A 58 12.46 -5.73 -9.56
C PRO A 58 13.33 -4.46 -9.73
N GLY A 59 14.24 -4.27 -8.77
CA GLY A 59 15.09 -3.08 -8.71
C GLY A 59 14.37 -1.89 -8.07
N VAL A 60 13.40 -2.18 -7.17
CA VAL A 60 12.67 -1.14 -6.41
C VAL A 60 13.60 -0.61 -5.28
N ARG A 61 13.47 0.68 -4.93
CA ARG A 61 14.45 1.39 -4.09
C ARG A 61 13.82 2.03 -2.86
N GLU A 62 14.72 2.60 -2.05
CA GLU A 62 14.40 3.37 -0.84
C GLU A 62 13.62 4.66 -1.22
N GLY A 63 12.43 4.81 -0.61
CA GLY A 63 11.56 5.95 -0.85
C GLY A 63 10.68 5.80 -2.08
N SER A 64 10.79 4.65 -2.78
CA SER A 64 9.93 4.36 -3.95
C SER A 64 8.55 3.95 -3.44
N VAL A 65 7.52 4.73 -3.81
CA VAL A 65 6.13 4.46 -3.42
C VAL A 65 5.39 3.76 -4.59
N ILE A 66 4.82 2.59 -4.27
CA ILE A 66 4.10 1.75 -5.22
C ILE A 66 2.60 2.08 -5.12
N ARG A 67 2.08 2.86 -6.09
CA ARG A 67 0.65 3.14 -6.16
C ARG A 67 -0.06 2.04 -6.96
N VAL A 68 -0.81 1.19 -6.25
CA VAL A 68 -1.66 0.17 -6.85
C VAL A 68 -3.13 0.64 -6.74
N PRO A 69 -3.76 1.07 -7.88
CA PRO A 69 -5.15 1.60 -7.87
C PRO A 69 -6.18 0.52 -7.47
N GLY A 70 -7.12 0.91 -6.58
CA GLY A 70 -8.23 0.04 -6.19
C GLY A 70 -7.88 -1.01 -5.13
N MET A 71 -6.60 -1.12 -4.75
CA MET A 71 -6.12 -2.15 -3.80
C MET A 71 -5.85 -1.57 -2.41
N GLY A 72 -6.39 -0.37 -2.16
CA GLY A 72 -6.31 0.28 -0.85
C GLY A 72 -7.50 -0.08 0.03
N GLY A 73 -7.99 0.90 0.81
CA GLY A 73 -9.09 0.71 1.75
C GLY A 73 -10.42 0.69 1.03
N GLN A 74 -11.20 -0.36 1.30
CA GLN A 74 -12.49 -0.60 0.63
C GLN A 74 -13.61 0.20 1.32
N GLY A 75 -14.64 0.56 0.54
CA GLY A 75 -15.82 1.29 1.05
C GLY A 75 -17.04 0.89 0.25
N ASN A 76 -17.76 1.86 -0.32
CA ASN A 76 -18.69 1.61 -1.42
C ASN A 76 -17.85 1.37 -2.72
N PRO A 77 -16.88 2.28 -3.10
CA PRO A 77 -15.86 1.98 -4.11
C PRO A 77 -14.50 1.59 -3.46
N PRO A 78 -13.55 0.98 -4.21
CA PRO A 78 -12.19 0.69 -3.70
C PRO A 78 -11.28 1.96 -3.69
N GLY A 79 -10.53 2.14 -2.60
CA GLY A 79 -9.54 3.23 -2.49
C GLY A 79 -8.20 2.86 -3.04
N ASP A 80 -7.23 3.79 -2.99
CA ASP A 80 -5.90 3.61 -3.62
C ASP A 80 -4.86 3.15 -2.60
N LEU A 81 -3.89 2.36 -3.09
CA LEU A 81 -2.81 1.78 -2.27
C LEU A 81 -1.49 2.49 -2.56
N LEU A 82 -0.77 2.88 -1.49
CA LEU A 82 0.57 3.50 -1.55
C LEU A 82 1.54 2.75 -0.61
N LEU A 83 2.43 1.92 -1.17
CA LEU A 83 3.46 1.20 -0.39
C LEU A 83 4.84 1.85 -0.57
N VAL A 84 5.27 2.61 0.44
CA VAL A 84 6.54 3.34 0.39
C VAL A 84 7.67 2.38 0.83
N VAL A 85 8.30 1.73 -0.18
CA VAL A 85 9.38 0.76 0.03
C VAL A 85 10.55 1.37 0.83
N ARG A 86 10.95 0.68 1.90
CA ARG A 86 12.02 1.08 2.79
C ARG A 86 13.07 -0.04 2.81
N LEU A 87 14.28 0.28 2.30
CA LEU A 87 15.41 -0.67 2.26
C LEU A 87 15.98 -0.86 3.68
N LEU A 88 15.70 -2.04 4.26
CA LEU A 88 16.18 -2.40 5.60
C LEU A 88 17.71 -2.55 5.61
N PRO A 89 18.39 -2.34 6.78
CA PRO A 89 19.84 -2.60 6.93
C PRO A 89 20.20 -4.06 6.57
N HIS A 90 21.34 -4.29 5.89
CA HIS A 90 21.74 -5.64 5.49
C HIS A 90 22.38 -6.37 6.69
N MET A 1 -0.74 2.55 14.53
CA MET A 1 -1.54 2.46 13.27
C MET A 1 -0.62 2.17 12.08
N LEU A 2 -1.25 1.81 10.93
CA LEU A 2 -0.59 1.35 9.68
C LEU A 2 0.65 0.44 9.95
N PRO A 3 0.41 -0.86 10.35
CA PRO A 3 1.51 -1.83 10.56
C PRO A 3 2.23 -2.15 9.24
N LEU A 4 1.40 -2.38 8.19
CA LEU A 4 1.82 -2.66 6.80
C LEU A 4 0.55 -2.80 5.94
N LEU A 5 0.67 -2.33 4.71
CA LEU A 5 -0.38 -2.34 3.65
C LEU A 5 -1.61 -1.50 4.05
N PHE A 6 -2.37 -2.01 5.04
CA PHE A 6 -3.51 -1.32 5.65
C PHE A 6 -3.06 -0.03 6.35
N THR A 7 -3.77 1.07 6.06
CA THR A 7 -3.54 2.39 6.67
C THR A 7 -4.89 3.05 6.94
N PRO A 8 -5.36 3.06 8.22
CA PRO A 8 -6.67 3.63 8.55
C PRO A 8 -6.64 5.18 8.49
N VAL A 9 -6.93 5.71 7.30
CA VAL A 9 -7.15 7.15 7.09
C VAL A 9 -8.61 7.50 7.40
N THR A 10 -8.92 8.81 7.41
CA THR A 10 -10.27 9.32 7.65
C THR A 10 -10.62 10.31 6.51
N LYS A 11 -11.68 9.99 5.74
CA LYS A 11 -12.05 10.77 4.56
C LYS A 11 -13.13 11.81 4.91
N GLY A 12 -12.67 12.97 5.38
CA GLY A 12 -13.53 14.14 5.59
C GLY A 12 -13.09 15.29 4.70
N SER A 13 -12.43 14.94 3.57
CA SER A 13 -11.89 15.89 2.60
C SER A 13 -13.04 16.59 1.84
N GLY A 14 -13.45 17.77 2.35
CA GLY A 14 -14.51 18.59 1.74
C GLY A 14 -15.92 18.19 2.19
N GLY A 15 -16.19 16.87 2.25
CA GLY A 15 -17.50 16.33 2.62
C GLY A 15 -18.11 15.55 1.47
N SER A 16 -19.32 15.94 1.05
CA SER A 16 -20.04 15.29 -0.04
C SER A 16 -19.49 15.75 -1.41
N GLY A 17 -18.40 15.11 -1.85
CA GLY A 17 -17.71 15.45 -3.10
C GLY A 17 -17.52 14.21 -3.95
N GLY A 18 -18.38 14.04 -4.96
CA GLY A 18 -18.35 12.89 -5.86
C GLY A 18 -17.11 12.89 -6.77
N SER A 19 -15.99 12.36 -6.23
CA SER A 19 -14.69 12.29 -6.91
C SER A 19 -14.47 10.89 -7.55
N GLY A 20 -15.59 10.19 -7.81
CA GLY A 20 -15.56 8.81 -8.31
C GLY A 20 -15.62 7.80 -7.16
N GLY A 21 -14.48 7.14 -6.89
CA GLY A 21 -14.35 6.19 -5.78
C GLY A 21 -14.37 6.88 -4.42
N SER A 22 -13.48 7.90 -4.29
CA SER A 22 -13.40 8.79 -3.10
C SER A 22 -13.07 8.00 -1.79
N GLY A 23 -12.61 6.75 -1.95
CA GLY A 23 -12.48 5.80 -0.83
C GLY A 23 -11.26 6.00 0.06
N ARG A 24 -10.95 4.95 0.84
CA ARG A 24 -9.89 5.01 1.86
C ARG A 24 -8.54 4.82 1.16
N ASP A 25 -7.66 5.83 1.23
CA ASP A 25 -6.38 5.80 0.52
C ASP A 25 -5.34 5.27 1.50
N LEU A 26 -4.92 4.00 1.34
CA LEU A 26 -4.07 3.35 2.33
C LEU A 26 -2.61 3.56 1.89
N ARG A 27 -1.87 4.35 2.67
CA ARG A 27 -0.47 4.70 2.38
C ARG A 27 0.41 4.23 3.55
N ALA A 28 1.21 3.17 3.32
CA ALA A 28 1.97 2.48 4.38
C ALA A 28 3.42 2.22 3.96
N GLU A 29 4.31 2.25 4.96
CA GLU A 29 5.71 1.84 4.83
C GLU A 29 5.77 0.32 4.61
N LEU A 30 6.43 -0.10 3.53
CA LEU A 30 6.67 -1.51 3.22
C LEU A 30 8.13 -1.84 3.61
N PRO A 31 8.37 -2.53 4.78
CA PRO A 31 9.71 -3.04 5.11
C PRO A 31 10.11 -4.16 4.11
N LEU A 32 11.16 -3.88 3.34
CA LEU A 32 11.56 -4.70 2.20
C LEU A 32 13.08 -4.85 2.20
N THR A 33 13.60 -6.08 2.24
CA THR A 33 15.06 -6.33 2.29
C THR A 33 15.71 -6.04 0.92
N LEU A 34 17.05 -6.02 0.90
CA LEU A 34 17.85 -5.80 -0.33
C LEU A 34 17.59 -6.91 -1.36
N GLU A 35 17.36 -8.14 -0.86
CA GLU A 35 17.12 -9.32 -1.70
C GLU A 35 15.74 -9.21 -2.36
N GLU A 36 14.73 -8.84 -1.54
CA GLU A 36 13.35 -8.60 -1.99
C GLU A 36 13.26 -7.42 -2.98
N ALA A 37 14.09 -6.39 -2.75
CA ALA A 37 14.15 -5.18 -3.59
C ALA A 37 14.77 -5.46 -4.96
N PHE A 38 15.87 -6.24 -4.94
CA PHE A 38 16.64 -6.63 -6.14
C PHE A 38 15.81 -7.57 -7.02
N HIS A 39 15.27 -8.63 -6.39
CA HIS A 39 14.54 -9.69 -7.10
C HIS A 39 13.13 -9.21 -7.52
N GLY A 40 12.46 -8.49 -6.62
CA GLY A 40 11.09 -8.01 -6.85
C GLY A 40 10.07 -9.14 -6.73
N GLY A 41 9.12 -9.21 -7.69
CA GLY A 41 8.09 -10.27 -7.71
C GLY A 41 7.00 -10.00 -6.69
N GLU A 42 6.42 -11.06 -6.09
CA GLU A 42 5.36 -10.94 -5.07
C GLU A 42 5.99 -10.74 -3.68
N ARG A 43 5.27 -9.95 -2.84
CA ARG A 43 5.66 -9.67 -1.46
C ARG A 43 4.46 -9.95 -0.53
N VAL A 44 4.67 -10.85 0.43
CA VAL A 44 3.63 -11.26 1.38
C VAL A 44 3.55 -10.23 2.53
N VAL A 45 2.46 -9.46 2.53
CA VAL A 45 2.16 -8.42 3.54
C VAL A 45 0.72 -8.67 4.09
N GLU A 46 0.39 -8.08 5.24
CA GLU A 46 -0.94 -8.24 5.88
C GLU A 46 -1.76 -6.94 5.73
N VAL A 47 -3.07 -7.09 5.42
CA VAL A 47 -4.04 -5.99 5.41
C VAL A 47 -5.21 -6.35 6.35
N ALA A 48 -5.25 -5.69 7.52
CA ALA A 48 -6.35 -5.83 8.50
C ALA A 48 -6.56 -7.29 9.00
N GLY A 49 -5.48 -8.10 8.95
CA GLY A 49 -5.51 -9.51 9.35
C GLY A 49 -5.60 -10.49 8.18
N ARG A 50 -5.40 -9.99 6.94
CA ARG A 50 -5.48 -10.81 5.71
C ARG A 50 -4.10 -10.86 5.02
N ARG A 51 -3.54 -12.07 4.90
CA ARG A 51 -2.21 -12.29 4.30
C ARG A 51 -2.32 -12.34 2.77
N VAL A 52 -1.87 -11.27 2.10
CA VAL A 52 -1.92 -11.15 0.63
C VAL A 52 -0.50 -10.95 0.07
N SER A 53 -0.32 -11.32 -1.20
CA SER A 53 0.93 -11.09 -1.93
C SER A 53 0.74 -9.96 -2.96
N VAL A 54 1.39 -8.80 -2.69
CA VAL A 54 1.38 -7.63 -3.56
C VAL A 54 2.67 -7.61 -4.40
N ARG A 55 2.54 -7.47 -5.73
CA ARG A 55 3.68 -7.54 -6.64
C ARG A 55 4.47 -6.20 -6.63
N ILE A 56 5.67 -6.27 -6.04
CA ILE A 56 6.66 -5.18 -6.03
C ILE A 56 7.51 -5.25 -7.32
N PRO A 57 7.90 -4.09 -7.93
CA PRO A 57 8.77 -4.08 -9.13
C PRO A 57 10.26 -4.39 -8.79
N PRO A 58 10.97 -5.24 -9.59
CA PRO A 58 12.42 -5.51 -9.39
C PRO A 58 13.28 -4.23 -9.60
N GLY A 59 14.25 -4.02 -8.69
CA GLY A 59 15.11 -2.83 -8.69
C GLY A 59 14.53 -1.65 -7.90
N VAL A 60 13.50 -1.93 -7.07
CA VAL A 60 12.79 -0.88 -6.28
C VAL A 60 13.65 -0.44 -5.07
N ARG A 61 13.61 0.85 -4.73
CA ARG A 61 14.53 1.48 -3.75
C ARG A 61 13.80 2.05 -2.53
N GLU A 62 14.63 2.58 -1.60
CA GLU A 62 14.19 3.29 -0.40
C GLU A 62 13.44 4.58 -0.78
N GLY A 63 12.22 4.73 -0.23
CA GLY A 63 11.35 5.86 -0.52
C GLY A 63 10.48 5.68 -1.77
N SER A 64 10.76 4.63 -2.58
CA SER A 64 10.00 4.35 -3.82
C SER A 64 8.58 3.87 -3.46
N VAL A 65 7.57 4.61 -3.93
CA VAL A 65 6.15 4.29 -3.65
C VAL A 65 5.57 3.46 -4.81
N ILE A 66 4.76 2.45 -4.46
CA ILE A 66 4.07 1.57 -5.41
C ILE A 66 2.58 1.89 -5.33
N ARG A 67 2.07 2.65 -6.31
CA ARG A 67 0.65 3.03 -6.32
C ARG A 67 -0.14 1.94 -7.05
N VAL A 68 -0.82 1.08 -6.26
CA VAL A 68 -1.69 0.03 -6.82
C VAL A 68 -3.15 0.60 -6.83
N PRO A 69 -3.75 0.82 -8.04
CA PRO A 69 -5.04 1.55 -8.18
C PRO A 69 -6.24 0.74 -7.65
N GLY A 70 -7.04 1.38 -6.78
CA GLY A 70 -8.28 0.78 -6.25
C GLY A 70 -8.08 -0.48 -5.42
N MET A 71 -6.86 -0.63 -4.85
CA MET A 71 -6.48 -1.81 -4.05
C MET A 71 -6.55 -1.52 -2.54
N GLY A 72 -6.56 -0.21 -2.20
CA GLY A 72 -6.54 0.24 -0.82
C GLY A 72 -7.85 0.01 -0.08
N GLY A 73 -8.71 1.05 -0.03
CA GLY A 73 -10.00 0.97 0.65
C GLY A 73 -11.00 0.13 -0.12
N GLN A 74 -10.97 -1.19 0.14
CA GLN A 74 -11.88 -2.16 -0.50
C GLN A 74 -13.23 -2.16 0.22
N GLY A 75 -14.30 -1.88 -0.53
CA GLY A 75 -15.65 -1.89 0.00
C GLY A 75 -16.60 -1.12 -0.91
N ASN A 76 -17.55 -0.38 -0.31
CA ASN A 76 -18.51 0.44 -1.05
C ASN A 76 -17.79 1.64 -1.76
N PRO A 77 -16.90 2.46 -1.05
CA PRO A 77 -16.04 3.47 -1.71
C PRO A 77 -14.60 2.91 -1.99
N PRO A 78 -14.25 2.59 -3.28
CA PRO A 78 -12.91 2.08 -3.63
C PRO A 78 -11.80 3.14 -3.38
N GLY A 79 -10.74 2.73 -2.67
CA GLY A 79 -9.61 3.61 -2.37
C GLY A 79 -8.33 3.09 -2.98
N ASP A 80 -7.35 3.98 -3.18
CA ASP A 80 -6.05 3.66 -3.81
C ASP A 80 -5.04 3.22 -2.76
N LEU A 81 -4.00 2.50 -3.22
CA LEU A 81 -2.94 1.94 -2.37
C LEU A 81 -1.59 2.59 -2.71
N LEU A 82 -0.85 3.02 -1.68
CA LEU A 82 0.48 3.66 -1.80
C LEU A 82 1.47 2.92 -0.86
N LEU A 83 2.32 2.03 -1.41
CA LEU A 83 3.33 1.28 -0.63
C LEU A 83 4.71 1.90 -0.78
N VAL A 84 5.13 2.67 0.22
CA VAL A 84 6.41 3.37 0.23
C VAL A 84 7.48 2.40 0.75
N VAL A 85 8.16 1.73 -0.19
CA VAL A 85 9.24 0.75 0.07
C VAL A 85 10.35 1.34 0.96
N ARG A 86 10.76 0.56 1.95
CA ARG A 86 11.76 0.92 2.95
C ARG A 86 12.81 -0.19 2.98
N LEU A 87 14.01 0.08 2.44
CA LEU A 87 15.09 -0.91 2.35
C LEU A 87 15.63 -1.21 3.76
N LEU A 88 15.55 -2.49 4.15
CA LEU A 88 16.01 -2.96 5.46
C LEU A 88 17.52 -3.26 5.43
N PRO A 89 18.28 -2.91 6.51
CA PRO A 89 19.71 -3.29 6.64
C PRO A 89 19.88 -4.81 6.90
N HIS A 90 18.77 -5.49 7.30
CA HIS A 90 18.72 -6.95 7.52
C HIS A 90 17.51 -7.51 6.76
N MET A 1 0.50 3.61 14.37
CA MET A 1 -0.52 3.03 13.45
C MET A 1 0.18 2.56 12.16
N LEU A 2 -0.64 2.14 11.16
CA LEU A 2 -0.21 1.58 9.85
C LEU A 2 1.02 0.62 9.95
N PRO A 3 0.80 -0.69 10.30
CA PRO A 3 1.88 -1.70 10.38
C PRO A 3 2.53 -1.97 8.99
N LEU A 4 1.69 -2.36 8.01
CA LEU A 4 2.09 -2.72 6.64
C LEU A 4 0.82 -3.05 5.83
N LEU A 5 0.78 -2.49 4.61
CA LEU A 5 -0.35 -2.53 3.65
C LEU A 5 -1.57 -1.75 4.18
N PHE A 6 -2.11 -2.22 5.29
CA PHE A 6 -3.24 -1.59 6.01
C PHE A 6 -2.81 -0.25 6.67
N THR A 7 -3.56 0.82 6.35
CA THR A 7 -3.38 2.15 6.93
C THR A 7 -4.76 2.76 7.22
N PRO A 8 -5.34 2.50 8.43
CA PRO A 8 -6.72 2.92 8.76
C PRO A 8 -6.87 4.46 8.89
N VAL A 9 -7.05 5.10 7.73
CA VAL A 9 -7.36 6.53 7.61
C VAL A 9 -8.88 6.70 7.46
N THR A 10 -9.36 7.93 7.33
CA THR A 10 -10.77 8.23 7.06
C THR A 10 -10.85 9.25 5.91
N LYS A 11 -11.95 9.22 5.14
CA LYS A 11 -12.16 10.15 4.02
C LYS A 11 -13.59 10.71 4.06
N GLY A 12 -13.69 11.99 4.43
CA GLY A 12 -14.93 12.76 4.38
C GLY A 12 -14.63 14.26 4.46
N SER A 13 -13.42 14.64 4.00
CA SER A 13 -12.93 16.03 4.02
C SER A 13 -13.49 16.80 2.80
N GLY A 14 -14.81 17.11 2.88
CA GLY A 14 -15.52 17.78 1.79
C GLY A 14 -15.82 16.85 0.60
N GLY A 15 -16.58 17.36 -0.38
CA GLY A 15 -16.91 16.61 -1.59
C GLY A 15 -18.06 15.62 -1.41
N SER A 16 -18.75 15.32 -2.53
CA SER A 16 -19.93 14.43 -2.56
C SER A 16 -20.24 14.04 -4.03
N GLY A 17 -21.14 13.05 -4.21
CA GLY A 17 -21.58 12.64 -5.54
C GLY A 17 -22.21 11.25 -5.53
N GLY A 18 -22.95 10.93 -6.61
CA GLY A 18 -23.59 9.61 -6.77
C GLY A 18 -22.54 8.50 -6.90
N SER A 19 -21.65 8.67 -7.90
CA SER A 19 -20.47 7.81 -8.09
C SER A 19 -19.23 8.49 -7.48
N GLY A 20 -19.25 9.84 -7.42
CA GLY A 20 -18.09 10.64 -7.02
C GLY A 20 -17.78 10.59 -5.53
N GLY A 21 -17.01 9.55 -5.14
CA GLY A 21 -16.59 9.35 -3.76
C GLY A 21 -15.63 8.18 -3.66
N SER A 22 -14.32 8.48 -3.76
CA SER A 22 -13.25 7.47 -3.62
C SER A 22 -13.20 6.92 -2.19
N GLY A 23 -12.68 5.69 -2.04
CA GLY A 23 -12.43 5.10 -0.73
C GLY A 23 -11.21 5.69 -0.04
N ARG A 24 -10.78 5.05 1.04
CA ARG A 24 -9.69 5.52 1.89
C ARG A 24 -8.32 5.31 1.19
N ASP A 25 -7.32 6.12 1.52
CA ASP A 25 -5.97 5.97 0.95
C ASP A 25 -5.13 5.21 1.94
N LEU A 26 -4.79 3.94 1.65
CA LEU A 26 -3.94 3.17 2.57
C LEU A 26 -2.51 3.40 2.11
N ARG A 27 -1.76 4.18 2.89
CA ARG A 27 -0.37 4.52 2.59
C ARG A 27 0.50 3.99 3.72
N ALA A 28 1.23 2.90 3.44
CA ALA A 28 2.04 2.21 4.44
C ALA A 28 3.44 1.98 3.88
N GLU A 29 4.41 2.06 4.77
CA GLU A 29 5.81 1.76 4.48
C GLU A 29 5.96 0.25 4.35
N LEU A 30 6.57 -0.20 3.24
CA LEU A 30 6.79 -1.60 2.94
C LEU A 30 8.24 -1.91 3.33
N PRO A 31 8.48 -2.58 4.51
CA PRO A 31 9.84 -3.02 4.89
C PRO A 31 10.34 -4.10 3.92
N LEU A 32 11.37 -3.75 3.16
CA LEU A 32 11.91 -4.59 2.10
C LEU A 32 13.42 -4.41 2.07
N THR A 33 14.18 -5.49 2.23
CA THR A 33 15.65 -5.41 2.28
C THR A 33 16.22 -5.16 0.88
N LEU A 34 17.52 -4.82 0.80
CA LEU A 34 18.25 -4.61 -0.46
C LEU A 34 18.16 -5.88 -1.36
N GLU A 35 18.21 -7.04 -0.70
CA GLU A 35 18.23 -8.37 -1.33
C GLU A 35 16.86 -8.69 -1.93
N GLU A 36 15.79 -8.45 -1.14
CA GLU A 36 14.39 -8.72 -1.53
C GLU A 36 13.89 -7.72 -2.59
N ALA A 37 14.47 -6.51 -2.57
CA ALA A 37 14.22 -5.47 -3.60
C ALA A 37 14.84 -5.90 -4.93
N PHE A 38 16.10 -6.38 -4.85
CA PHE A 38 16.89 -6.89 -5.98
C PHE A 38 16.16 -8.06 -6.65
N HIS A 39 15.58 -8.97 -5.84
CA HIS A 39 14.81 -10.12 -6.35
C HIS A 39 13.53 -9.61 -7.03
N GLY A 40 12.81 -8.72 -6.32
CA GLY A 40 11.55 -8.14 -6.81
C GLY A 40 10.51 -9.19 -7.15
N GLY A 41 10.17 -10.04 -6.16
CA GLY A 41 9.18 -11.10 -6.34
C GLY A 41 7.77 -10.66 -5.97
N GLU A 42 6.97 -11.62 -5.47
CA GLU A 42 5.66 -11.32 -4.86
C GLU A 42 5.86 -11.23 -3.35
N ARG A 43 5.32 -10.17 -2.74
CA ARG A 43 5.46 -9.92 -1.31
C ARG A 43 4.08 -10.12 -0.67
N VAL A 44 3.98 -11.10 0.22
CA VAL A 44 2.72 -11.46 0.86
C VAL A 44 2.69 -10.80 2.25
N VAL A 45 1.71 -9.93 2.46
CA VAL A 45 1.59 -9.10 3.68
C VAL A 45 0.14 -9.12 4.21
N GLU A 46 -0.06 -8.74 5.47
CA GLU A 46 -1.36 -8.82 6.16
C GLU A 46 -2.08 -7.46 6.12
N VAL A 47 -3.40 -7.50 5.84
CA VAL A 47 -4.28 -6.31 5.80
C VAL A 47 -5.68 -6.70 6.33
N ALA A 48 -6.05 -6.17 7.52
CA ALA A 48 -7.41 -6.31 8.11
C ALA A 48 -7.78 -7.79 8.42
N GLY A 49 -6.75 -8.65 8.57
CA GLY A 49 -6.91 -10.08 8.85
C GLY A 49 -6.75 -10.94 7.60
N ARG A 50 -6.84 -10.30 6.43
CA ARG A 50 -6.68 -10.94 5.12
C ARG A 50 -5.23 -10.79 4.63
N ARG A 51 -4.57 -11.91 4.33
CA ARG A 51 -3.19 -11.92 3.87
C ARG A 51 -3.18 -11.82 2.32
N VAL A 52 -2.79 -10.64 1.79
CA VAL A 52 -2.78 -10.35 0.33
C VAL A 52 -1.32 -10.18 -0.17
N SER A 53 -1.02 -10.78 -1.34
CA SER A 53 0.31 -10.66 -1.98
C SER A 53 0.29 -9.54 -3.05
N VAL A 54 1.18 -8.54 -2.86
CA VAL A 54 1.43 -7.45 -3.80
C VAL A 54 2.80 -7.67 -4.48
N ARG A 55 2.83 -7.57 -5.82
CA ARG A 55 4.07 -7.76 -6.59
C ARG A 55 4.94 -6.49 -6.52
N ILE A 56 6.17 -6.67 -6.03
CA ILE A 56 7.17 -5.60 -5.89
C ILE A 56 8.13 -5.62 -7.11
N PRO A 57 8.55 -4.43 -7.66
CA PRO A 57 9.48 -4.34 -8.83
C PRO A 57 10.91 -4.88 -8.53
N PRO A 58 11.58 -5.58 -9.50
CA PRO A 58 13.01 -5.94 -9.37
C PRO A 58 13.90 -4.67 -9.38
N GLY A 59 14.81 -4.59 -8.40
CA GLY A 59 15.69 -3.44 -8.22
C GLY A 59 14.97 -2.18 -7.72
N VAL A 60 13.83 -2.36 -7.00
CA VAL A 60 13.03 -1.23 -6.48
C VAL A 60 13.79 -0.48 -5.36
N ARG A 61 13.73 0.86 -5.40
CA ARG A 61 14.59 1.74 -4.59
C ARG A 61 13.89 2.25 -3.32
N GLU A 62 14.68 2.97 -2.52
CA GLU A 62 14.27 3.62 -1.28
C GLU A 62 13.32 4.80 -1.57
N GLY A 63 12.22 4.88 -0.81
CA GLY A 63 11.24 5.95 -0.95
C GLY A 63 10.38 5.82 -2.20
N SER A 64 10.46 4.66 -2.89
CA SER A 64 9.66 4.41 -4.09
C SER A 64 8.26 3.97 -3.67
N VAL A 65 7.24 4.73 -4.06
CA VAL A 65 5.86 4.49 -3.64
C VAL A 65 5.09 3.76 -4.77
N ILE A 66 4.67 2.51 -4.47
CA ILE A 66 3.98 1.62 -5.41
C ILE A 66 2.47 1.86 -5.27
N ARG A 67 1.87 2.57 -6.25
CA ARG A 67 0.44 2.87 -6.22
C ARG A 67 -0.35 1.77 -6.94
N VAL A 68 -1.22 1.08 -6.19
CA VAL A 68 -2.25 0.21 -6.76
C VAL A 68 -3.63 0.89 -6.57
N PRO A 69 -4.13 1.66 -7.58
CA PRO A 69 -5.44 2.35 -7.50
C PRO A 69 -6.62 1.35 -7.53
N GLY A 70 -7.61 1.58 -6.65
CA GLY A 70 -8.81 0.74 -6.56
C GLY A 70 -8.66 -0.48 -5.65
N MET A 71 -7.50 -0.63 -4.99
CA MET A 71 -7.22 -1.80 -4.11
C MET A 71 -6.73 -1.33 -2.71
N GLY A 72 -6.90 -0.02 -2.45
CA GLY A 72 -6.51 0.57 -1.15
C GLY A 72 -7.62 0.45 -0.13
N GLY A 73 -8.30 1.58 0.17
CA GLY A 73 -9.35 1.64 1.18
C GLY A 73 -10.53 0.75 0.88
N GLN A 74 -10.60 -0.36 1.60
CA GLN A 74 -11.74 -1.29 1.57
C GLN A 74 -12.78 -0.86 2.61
N GLY A 75 -14.06 -0.85 2.20
CA GLY A 75 -15.18 -0.52 3.08
C GLY A 75 -16.49 -0.64 2.32
N ASN A 76 -16.51 0.04 1.16
CA ASN A 76 -17.56 -0.09 0.13
C ASN A 76 -17.04 0.57 -1.18
N PRO A 77 -16.57 1.89 -1.17
CA PRO A 77 -15.87 2.46 -2.34
C PRO A 77 -14.37 2.08 -2.32
N PRO A 78 -13.79 1.64 -3.48
CA PRO A 78 -12.36 1.28 -3.56
C PRO A 78 -11.46 2.54 -3.51
N GLY A 79 -10.49 2.55 -2.56
CA GLY A 79 -9.50 3.63 -2.47
C GLY A 79 -8.19 3.32 -3.18
N ASP A 80 -7.19 4.18 -2.98
CA ASP A 80 -5.84 4.01 -3.57
C ASP A 80 -4.88 3.41 -2.54
N LEU A 81 -3.97 2.56 -3.02
CA LEU A 81 -2.95 1.90 -2.21
C LEU A 81 -1.58 2.53 -2.54
N LEU A 82 -0.83 2.93 -1.51
CA LEU A 82 0.49 3.58 -1.63
C LEU A 82 1.50 2.84 -0.74
N LEU A 83 2.36 1.99 -1.33
CA LEU A 83 3.37 1.22 -0.60
C LEU A 83 4.75 1.84 -0.79
N VAL A 84 5.21 2.59 0.22
CA VAL A 84 6.47 3.31 0.16
C VAL A 84 7.60 2.36 0.59
N VAL A 85 8.26 1.74 -0.41
CA VAL A 85 9.36 0.77 -0.20
C VAL A 85 10.49 1.39 0.64
N ARG A 86 10.82 0.71 1.73
CA ARG A 86 11.85 1.12 2.67
C ARG A 86 12.96 0.06 2.68
N LEU A 87 14.08 0.41 2.02
CA LEU A 87 15.24 -0.49 1.87
C LEU A 87 15.94 -0.69 3.21
N LEU A 88 15.84 -1.91 3.75
CA LEU A 88 16.44 -2.27 5.04
C LEU A 88 17.83 -2.91 4.81
N PRO A 89 18.82 -2.66 5.72
CA PRO A 89 20.08 -3.43 5.76
C PRO A 89 19.84 -4.84 6.38
N HIS A 90 18.90 -4.92 7.34
CA HIS A 90 18.47 -6.18 7.99
C HIS A 90 16.92 -6.16 8.08
N MET A 1 -1.07 2.15 14.91
CA MET A 1 -1.66 2.51 13.60
C MET A 1 -0.82 1.91 12.45
N LEU A 2 -1.49 1.68 11.29
CA LEU A 2 -0.92 1.09 10.06
C LEU A 2 0.14 -0.02 10.29
N PRO A 3 -0.29 -1.29 10.58
CA PRO A 3 0.64 -2.45 10.75
C PRO A 3 1.46 -2.68 9.46
N LEU A 4 0.73 -3.00 8.37
CA LEU A 4 1.28 -3.10 7.01
C LEU A 4 0.09 -3.31 6.04
N LEU A 5 0.22 -2.71 4.86
CA LEU A 5 -0.85 -2.56 3.83
C LEU A 5 -2.00 -1.64 4.34
N PHE A 6 -2.73 -2.14 5.37
CA PHE A 6 -3.85 -1.42 6.03
C PHE A 6 -3.39 -0.08 6.64
N THR A 7 -4.24 0.95 6.45
CA THR A 7 -4.03 2.31 7.00
C THR A 7 -5.39 3.04 7.06
N PRO A 8 -5.98 3.29 8.28
CA PRO A 8 -7.35 3.84 8.39
C PRO A 8 -7.39 5.39 8.22
N VAL A 9 -7.09 5.82 6.98
CA VAL A 9 -7.06 7.26 6.59
C VAL A 9 -8.42 7.95 6.74
N THR A 10 -9.51 7.15 6.60
CA THR A 10 -10.94 7.58 6.77
C THR A 10 -11.27 8.94 6.10
N LYS A 11 -10.59 9.21 4.96
CA LYS A 11 -10.68 10.46 4.20
C LYS A 11 -11.59 10.30 2.98
N GLY A 12 -11.98 11.46 2.41
CA GLY A 12 -12.82 11.50 1.21
C GLY A 12 -13.15 12.94 0.84
N SER A 13 -13.65 13.69 1.85
CA SER A 13 -13.96 15.14 1.75
C SER A 13 -15.04 15.45 0.67
N GLY A 14 -15.82 14.43 0.31
CA GLY A 14 -16.85 14.57 -0.73
C GLY A 14 -17.23 13.23 -1.35
N GLY A 15 -18.44 13.15 -1.92
CA GLY A 15 -18.94 11.95 -2.59
C GLY A 15 -18.44 11.83 -4.04
N SER A 16 -18.08 12.98 -4.63
CA SER A 16 -17.62 13.07 -6.04
C SER A 16 -16.40 14.02 -6.14
N GLY A 17 -15.56 13.80 -7.19
CA GLY A 17 -14.36 14.60 -7.46
C GLY A 17 -14.00 14.61 -8.94
N GLY A 18 -13.08 15.52 -9.32
CA GLY A 18 -12.73 15.76 -10.73
C GLY A 18 -11.99 14.60 -11.38
N SER A 19 -10.96 14.08 -10.68
CA SER A 19 -10.17 12.92 -11.14
C SER A 19 -10.97 11.63 -10.90
N GLY A 20 -11.67 11.60 -9.75
CA GLY A 20 -12.48 10.45 -9.35
C GLY A 20 -13.28 10.76 -8.09
N GLY A 21 -14.48 10.17 -8.01
CA GLY A 21 -15.36 10.32 -6.83
C GLY A 21 -14.90 9.47 -5.65
N SER A 22 -14.44 8.25 -5.96
CA SER A 22 -13.97 7.29 -4.95
C SER A 22 -12.43 7.27 -4.94
N GLY A 23 -11.84 6.97 -3.76
CA GLY A 23 -10.39 6.82 -3.64
C GLY A 23 -9.86 7.21 -2.25
N ARG A 24 -10.09 6.32 -1.26
CA ARG A 24 -9.49 6.46 0.08
C ARG A 24 -8.21 5.58 0.14
N ASP A 25 -7.09 6.23 0.49
CA ASP A 25 -5.74 5.74 0.18
C ASP A 25 -5.09 5.09 1.40
N LEU A 26 -4.82 3.77 1.37
CA LEU A 26 -4.16 3.13 2.52
C LEU A 26 -2.65 3.20 2.27
N ARG A 27 -1.95 4.04 3.05
CA ARG A 27 -0.50 4.26 2.91
C ARG A 27 0.25 3.63 4.08
N ALA A 28 0.99 2.55 3.81
CA ALA A 28 1.82 1.88 4.82
C ALA A 28 3.25 1.74 4.27
N GLU A 29 4.23 1.98 5.13
CA GLU A 29 5.65 1.82 4.81
C GLU A 29 6.00 0.33 4.85
N LEU A 30 6.50 -0.18 3.73
CA LEU A 30 6.73 -1.61 3.52
C LEU A 30 8.23 -1.91 3.76
N PRO A 31 8.59 -2.64 4.86
CA PRO A 31 9.98 -3.12 5.06
C PRO A 31 10.30 -4.21 4.00
N LEU A 32 11.27 -3.92 3.14
CA LEU A 32 11.61 -4.78 1.99
C LEU A 32 13.11 -5.01 1.97
N THR A 33 13.54 -6.28 1.80
CA THR A 33 14.96 -6.64 1.79
C THR A 33 15.60 -6.20 0.46
N LEU A 34 16.93 -6.03 0.47
CA LEU A 34 17.70 -5.61 -0.72
C LEU A 34 17.60 -6.65 -1.84
N GLU A 35 17.46 -7.93 -1.44
CA GLU A 35 17.33 -9.06 -2.37
C GLU A 35 15.97 -9.04 -3.07
N GLU A 36 14.89 -8.92 -2.27
CA GLU A 36 13.50 -8.90 -2.76
C GLU A 36 13.22 -7.67 -3.62
N ALA A 37 13.86 -6.56 -3.24
CA ALA A 37 13.82 -5.32 -4.01
C ALA A 37 14.50 -5.50 -5.38
N PHE A 38 15.69 -6.16 -5.35
CA PHE A 38 16.50 -6.46 -6.55
C PHE A 38 15.77 -7.45 -7.48
N HIS A 39 15.04 -8.41 -6.89
CA HIS A 39 14.28 -9.44 -7.64
C HIS A 39 13.04 -8.81 -8.28
N GLY A 40 12.36 -7.96 -7.49
CA GLY A 40 11.04 -7.45 -7.82
C GLY A 40 9.99 -8.56 -7.81
N GLY A 41 9.93 -9.33 -6.71
CA GLY A 41 9.01 -10.46 -6.58
C GLY A 41 7.67 -10.07 -5.99
N GLU A 42 7.03 -11.03 -5.30
CA GLU A 42 5.83 -10.76 -4.49
C GLU A 42 6.24 -10.68 -3.01
N ARG A 43 5.63 -9.75 -2.29
CA ARG A 43 5.90 -9.51 -0.87
C ARG A 43 4.61 -9.71 -0.08
N VAL A 44 4.62 -10.65 0.89
CA VAL A 44 3.43 -10.98 1.67
C VAL A 44 3.28 -10.00 2.85
N VAL A 45 2.17 -9.27 2.82
CA VAL A 45 1.81 -8.21 3.78
C VAL A 45 0.40 -8.53 4.35
N GLU A 46 0.01 -7.97 5.51
CA GLU A 46 -1.25 -8.35 6.19
C GLU A 46 -2.14 -7.11 6.47
N VAL A 47 -3.30 -7.05 5.78
CA VAL A 47 -4.29 -5.93 5.82
C VAL A 47 -5.54 -6.33 6.64
N ALA A 48 -5.65 -5.78 7.87
CA ALA A 48 -6.80 -5.99 8.78
C ALA A 48 -7.06 -7.49 9.09
N GLY A 49 -5.99 -8.32 9.04
CA GLY A 49 -6.08 -9.78 9.30
C GLY A 49 -6.08 -10.64 8.02
N ARG A 50 -6.21 -9.99 6.85
CA ARG A 50 -6.12 -10.68 5.53
C ARG A 50 -4.65 -10.65 5.07
N ARG A 51 -4.03 -11.82 4.90
CA ARG A 51 -2.61 -11.90 4.50
C ARG A 51 -2.52 -12.15 2.98
N VAL A 52 -2.07 -11.13 2.24
CA VAL A 52 -2.05 -11.11 0.75
C VAL A 52 -0.66 -10.68 0.23
N SER A 53 -0.25 -11.24 -0.92
CA SER A 53 1.04 -10.94 -1.56
C SER A 53 0.88 -9.82 -2.60
N VAL A 54 1.59 -8.69 -2.38
CA VAL A 54 1.64 -7.54 -3.30
C VAL A 54 2.94 -7.57 -4.13
N ARG A 55 2.83 -7.44 -5.46
CA ARG A 55 4.00 -7.41 -6.35
C ARG A 55 4.72 -6.05 -6.26
N ILE A 56 6.04 -6.12 -6.15
CA ILE A 56 6.94 -4.96 -6.05
C ILE A 56 7.74 -4.80 -7.39
N PRO A 57 8.06 -3.54 -7.84
CA PRO A 57 8.85 -3.30 -9.09
C PRO A 57 10.28 -3.92 -9.05
N PRO A 58 10.82 -4.41 -10.23
CA PRO A 58 12.19 -5.00 -10.30
C PRO A 58 13.30 -3.92 -10.14
N GLY A 59 14.10 -4.06 -9.07
CA GLY A 59 15.14 -3.08 -8.73
C GLY A 59 14.58 -1.83 -8.04
N VAL A 60 13.48 -2.01 -7.27
CA VAL A 60 12.82 -0.91 -6.53
C VAL A 60 13.69 -0.48 -5.31
N ARG A 61 13.66 0.82 -4.96
CA ARG A 61 14.56 1.40 -3.96
C ARG A 61 13.82 2.10 -2.81
N GLU A 62 14.63 2.58 -1.86
CA GLU A 62 14.21 3.33 -0.67
C GLU A 62 13.47 4.62 -1.06
N GLY A 63 12.32 4.86 -0.40
CA GLY A 63 11.51 6.05 -0.64
C GLY A 63 10.40 5.80 -1.63
N SER A 64 10.61 4.84 -2.55
CA SER A 64 9.67 4.54 -3.65
C SER A 64 8.31 4.08 -3.10
N VAL A 65 7.27 4.81 -3.45
CA VAL A 65 5.88 4.48 -3.06
C VAL A 65 5.19 3.73 -4.23
N ILE A 66 4.63 2.55 -3.94
CA ILE A 66 4.00 1.66 -4.91
C ILE A 66 2.48 1.94 -4.90
N ARG A 67 1.97 2.66 -5.92
CA ARG A 67 0.54 2.98 -6.01
C ARG A 67 -0.20 1.87 -6.75
N VAL A 68 -0.98 1.06 -6.02
CA VAL A 68 -1.84 0.03 -6.60
C VAL A 68 -3.32 0.45 -6.40
N PRO A 69 -3.98 1.07 -7.42
CA PRO A 69 -5.43 1.46 -7.36
C PRO A 69 -6.34 0.25 -7.09
N GLY A 70 -7.42 0.48 -6.32
CA GLY A 70 -8.43 -0.54 -6.02
C GLY A 70 -8.07 -1.48 -4.86
N MET A 71 -6.75 -1.64 -4.57
CA MET A 71 -6.25 -2.52 -3.46
C MET A 71 -6.12 -1.75 -2.14
N GLY A 72 -6.41 -0.44 -2.17
CA GLY A 72 -6.44 0.38 -0.96
C GLY A 72 -7.77 0.27 -0.24
N GLY A 73 -8.54 1.38 -0.16
CA GLY A 73 -9.85 1.38 0.47
C GLY A 73 -10.83 0.39 -0.15
N GLN A 74 -11.11 -0.70 0.59
CA GLN A 74 -12.06 -1.75 0.17
C GLN A 74 -13.52 -1.31 0.45
N GLY A 75 -14.49 -2.10 -0.04
CA GLY A 75 -15.92 -1.81 0.14
C GLY A 75 -16.56 -1.33 -1.15
N ASN A 76 -17.56 -0.43 -1.04
CA ASN A 76 -18.25 0.14 -2.21
C ASN A 76 -17.31 1.12 -3.01
N PRO A 77 -16.65 2.16 -2.36
CA PRO A 77 -15.72 3.07 -3.08
C PRO A 77 -14.24 2.56 -3.09
N PRO A 78 -13.71 2.09 -4.27
CA PRO A 78 -12.31 1.60 -4.39
C PRO A 78 -11.26 2.71 -4.19
N GLY A 79 -10.31 2.46 -3.29
CA GLY A 79 -9.25 3.41 -2.95
C GLY A 79 -7.88 2.96 -3.42
N ASP A 80 -6.94 3.90 -3.48
CA ASP A 80 -5.55 3.65 -3.89
C ASP A 80 -4.75 3.06 -2.74
N LEU A 81 -3.76 2.25 -3.10
CA LEU A 81 -2.79 1.68 -2.16
C LEU A 81 -1.46 2.40 -2.35
N LEU A 82 -0.80 2.77 -1.25
CA LEU A 82 0.52 3.46 -1.27
C LEU A 82 1.51 2.70 -0.35
N LEU A 83 2.43 1.93 -0.95
CA LEU A 83 3.43 1.14 -0.18
C LEU A 83 4.82 1.76 -0.30
N VAL A 84 5.25 2.46 0.74
CA VAL A 84 6.50 3.22 0.73
C VAL A 84 7.66 2.29 1.14
N VAL A 85 8.36 1.76 0.11
CA VAL A 85 9.49 0.81 0.26
C VAL A 85 10.59 1.36 1.19
N ARG A 86 10.99 0.51 2.15
CA ARG A 86 12.00 0.80 3.17
C ARG A 86 13.06 -0.30 3.06
N LEU A 87 14.19 0.03 2.40
CA LEU A 87 15.27 -0.95 2.16
C LEU A 87 15.99 -1.30 3.47
N LEU A 88 15.75 -2.53 3.94
CA LEU A 88 16.41 -3.09 5.12
C LEU A 88 17.86 -3.50 4.71
N PRO A 89 18.91 -3.11 5.49
CA PRO A 89 20.33 -3.39 5.14
C PRO A 89 20.68 -4.90 5.15
N HIS A 90 20.58 -5.57 6.32
CA HIS A 90 20.83 -7.03 6.47
C HIS A 90 19.88 -7.59 7.55
N MET A 1 -2.05 1.07 15.67
CA MET A 1 -2.18 1.86 14.41
C MET A 1 -1.88 0.97 13.20
N LEU A 2 -1.67 1.61 12.00
CA LEU A 2 -1.35 0.92 10.73
C LEU A 2 -0.14 -0.07 10.89
N PRO A 3 -0.35 -1.42 10.73
CA PRO A 3 0.76 -2.41 10.79
C PRO A 3 1.65 -2.39 9.52
N LEU A 4 0.97 -2.43 8.35
CA LEU A 4 1.54 -2.60 7.00
C LEU A 4 0.35 -2.88 6.07
N LEU A 5 0.49 -2.48 4.78
CA LEU A 5 -0.57 -2.52 3.74
C LEU A 5 -1.82 -1.70 4.17
N PHE A 6 -2.58 -2.27 5.13
CA PHE A 6 -3.71 -1.63 5.82
C PHE A 6 -3.30 -0.31 6.52
N THR A 7 -3.99 0.78 6.16
CA THR A 7 -3.80 2.11 6.77
C THR A 7 -5.16 2.85 6.81
N PRO A 8 -5.87 2.85 7.98
CA PRO A 8 -7.24 3.39 8.08
C PRO A 8 -7.29 4.94 8.12
N VAL A 9 -7.05 5.57 6.96
CA VAL A 9 -7.12 7.04 6.82
C VAL A 9 -8.61 7.48 6.70
N THR A 10 -8.82 8.80 6.63
CA THR A 10 -10.15 9.40 6.46
C THR A 10 -10.16 10.25 5.19
N LYS A 11 -11.14 10.02 4.30
CA LYS A 11 -11.33 10.86 3.12
C LYS A 11 -12.05 12.16 3.55
N GLY A 12 -11.23 13.16 3.89
CA GLY A 12 -11.71 14.47 4.24
C GLY A 12 -12.24 15.23 3.03
N SER A 13 -13.44 15.80 3.17
CA SER A 13 -14.10 16.62 2.16
C SER A 13 -15.22 17.39 2.88
N GLY A 14 -16.23 16.61 3.36
CA GLY A 14 -17.37 17.11 4.12
C GLY A 14 -18.12 18.25 3.44
N GLY A 15 -17.80 19.50 3.85
CA GLY A 15 -18.42 20.72 3.32
C GLY A 15 -19.87 20.87 3.76
N SER A 16 -20.76 20.19 3.04
CA SER A 16 -22.19 20.11 3.36
C SER A 16 -22.67 18.68 3.00
N GLY A 17 -22.72 17.82 4.04
CA GLY A 17 -23.02 16.40 3.85
C GLY A 17 -21.75 15.59 3.67
N GLY A 18 -21.53 15.08 2.44
CA GLY A 18 -20.37 14.25 2.13
C GLY A 18 -20.53 12.83 2.66
N SER A 19 -21.34 12.02 1.93
CA SER A 19 -21.64 10.61 2.30
C SER A 19 -20.36 9.73 2.29
N GLY A 20 -19.42 10.07 1.42
CA GLY A 20 -18.15 9.38 1.32
C GLY A 20 -17.46 9.69 0.00
N GLY A 21 -18.12 9.30 -1.10
CA GLY A 21 -17.58 9.45 -2.45
C GLY A 21 -16.43 8.48 -2.70
N SER A 22 -15.22 8.92 -2.38
CA SER A 22 -13.99 8.13 -2.49
C SER A 22 -13.68 7.49 -1.13
N GLY A 23 -13.00 6.35 -1.14
CA GLY A 23 -12.70 5.57 0.06
C GLY A 23 -11.47 6.04 0.81
N ARG A 24 -10.99 5.20 1.72
CA ARG A 24 -9.76 5.44 2.44
C ARG A 24 -8.58 4.87 1.62
N ASP A 25 -7.55 5.68 1.44
CA ASP A 25 -6.37 5.29 0.67
C ASP A 25 -5.38 4.71 1.66
N LEU A 26 -5.00 3.43 1.49
CA LEU A 26 -4.14 2.78 2.47
C LEU A 26 -2.70 3.03 2.04
N ARG A 27 -2.00 3.91 2.80
CA ARG A 27 -0.61 4.27 2.53
C ARG A 27 0.24 3.81 3.71
N ALA A 28 1.03 2.76 3.49
CA ALA A 28 1.91 2.19 4.52
C ALA A 28 3.30 2.02 3.93
N GLU A 29 4.33 2.31 4.73
CA GLU A 29 5.72 2.08 4.36
C GLU A 29 6.02 0.57 4.48
N LEU A 30 6.60 -0.02 3.42
CA LEU A 30 6.83 -1.46 3.32
C LEU A 30 8.30 -1.75 3.67
N PRO A 31 8.59 -2.40 4.85
CA PRO A 31 9.95 -2.88 5.17
C PRO A 31 10.34 -4.02 4.21
N LEU A 32 11.35 -3.75 3.37
CA LEU A 32 11.71 -4.61 2.25
C LEU A 32 13.23 -4.80 2.27
N THR A 33 13.71 -6.06 2.27
CA THR A 33 15.16 -6.34 2.32
C THR A 33 15.83 -6.03 0.96
N LEU A 34 17.17 -6.08 0.92
CA LEU A 34 17.95 -5.83 -0.32
C LEU A 34 17.79 -6.99 -1.32
N GLU A 35 17.44 -8.18 -0.79
CA GLU A 35 17.14 -9.37 -1.61
C GLU A 35 15.79 -9.17 -2.31
N GLU A 36 14.78 -8.79 -1.50
CA GLU A 36 13.41 -8.47 -1.95
C GLU A 36 13.42 -7.32 -2.98
N ALA A 37 14.27 -6.33 -2.72
CA ALA A 37 14.43 -5.15 -3.55
C ALA A 37 15.00 -5.51 -4.93
N PHE A 38 16.11 -6.27 -4.89
CA PHE A 38 16.87 -6.68 -6.09
C PHE A 38 15.97 -7.52 -7.02
N HIS A 39 15.44 -8.63 -6.48
CA HIS A 39 14.64 -9.61 -7.25
C HIS A 39 13.30 -9.00 -7.68
N GLY A 40 12.71 -8.21 -6.76
CA GLY A 40 11.35 -7.72 -6.93
C GLY A 40 10.35 -8.84 -6.69
N GLY A 41 9.64 -9.25 -7.75
CA GLY A 41 8.62 -10.31 -7.66
C GLY A 41 7.39 -9.83 -6.88
N GLU A 42 6.95 -10.64 -5.90
CA GLU A 42 5.85 -10.28 -4.99
C GLU A 42 6.36 -10.32 -3.54
N ARG A 43 5.65 -9.61 -2.65
CA ARG A 43 5.93 -9.54 -1.22
C ARG A 43 4.59 -9.67 -0.48
N VAL A 44 4.50 -10.66 0.41
CA VAL A 44 3.31 -10.92 1.21
C VAL A 44 3.29 -10.03 2.47
N VAL A 45 2.18 -9.29 2.66
CA VAL A 45 1.98 -8.32 3.78
C VAL A 45 0.52 -8.44 4.29
N GLU A 46 0.26 -8.00 5.54
CA GLU A 46 -1.05 -8.15 6.20
C GLU A 46 -1.97 -6.95 5.88
N VAL A 47 -3.25 -7.23 5.55
CA VAL A 47 -4.33 -6.22 5.46
C VAL A 47 -5.60 -6.78 6.12
N ALA A 48 -6.08 -6.11 7.19
CA ALA A 48 -7.33 -6.46 7.91
C ALA A 48 -7.24 -7.87 8.55
N GLY A 49 -6.00 -8.38 8.77
CA GLY A 49 -5.76 -9.72 9.32
C GLY A 49 -5.51 -10.78 8.24
N ARG A 50 -5.73 -10.43 6.96
CA ARG A 50 -5.56 -11.35 5.79
C ARG A 50 -4.27 -11.02 5.05
N ARG A 51 -3.41 -12.04 4.79
CA ARG A 51 -2.16 -11.83 4.03
C ARG A 51 -2.48 -11.67 2.52
N VAL A 52 -1.75 -10.76 1.84
CA VAL A 52 -1.90 -10.49 0.40
C VAL A 52 -0.50 -10.24 -0.20
N SER A 53 -0.17 -10.99 -1.27
CA SER A 53 1.08 -10.81 -2.02
C SER A 53 0.92 -9.67 -3.04
N VAL A 54 1.60 -8.55 -2.76
CA VAL A 54 1.62 -7.37 -3.63
C VAL A 54 2.89 -7.39 -4.49
N ARG A 55 2.73 -7.21 -5.80
CA ARG A 55 3.85 -7.22 -6.75
C ARG A 55 4.71 -5.96 -6.56
N ILE A 56 5.99 -6.19 -6.21
CA ILE A 56 6.99 -5.13 -5.98
C ILE A 56 8.02 -5.13 -7.16
N PRO A 57 8.34 -3.95 -7.78
CA PRO A 57 9.22 -3.88 -8.99
C PRO A 57 10.67 -4.42 -8.75
N PRO A 58 11.26 -5.17 -9.74
CA PRO A 58 12.68 -5.65 -9.66
C PRO A 58 13.70 -4.49 -9.67
N GLY A 59 14.60 -4.50 -8.67
CA GLY A 59 15.59 -3.43 -8.49
C GLY A 59 14.97 -2.18 -7.87
N VAL A 60 13.92 -2.36 -7.04
CA VAL A 60 13.20 -1.25 -6.40
C VAL A 60 14.05 -0.63 -5.27
N ARG A 61 14.06 0.70 -5.19
CA ARG A 61 14.97 1.46 -4.30
C ARG A 61 14.24 1.99 -3.08
N GLU A 62 15.06 2.54 -2.18
CA GLU A 62 14.63 3.36 -1.05
C GLU A 62 13.95 4.64 -1.59
N GLY A 63 12.69 4.85 -1.20
CA GLY A 63 11.94 6.05 -1.62
C GLY A 63 10.95 5.78 -2.74
N SER A 64 11.00 4.57 -3.31
CA SER A 64 10.06 4.16 -4.37
C SER A 64 8.71 3.76 -3.74
N VAL A 65 7.62 4.42 -4.15
CA VAL A 65 6.26 4.09 -3.68
C VAL A 65 5.55 3.23 -4.75
N ILE A 66 4.77 2.24 -4.28
CA ILE A 66 4.07 1.27 -5.15
C ILE A 66 2.57 1.58 -5.12
N ARG A 67 2.08 2.19 -6.20
CA ARG A 67 0.66 2.53 -6.36
C ARG A 67 -0.10 1.35 -6.99
N VAL A 68 -1.11 0.85 -6.27
CA VAL A 68 -2.03 -0.19 -6.77
C VAL A 68 -3.48 0.37 -6.64
N PRO A 69 -4.14 0.74 -7.79
CA PRO A 69 -5.48 1.38 -7.78
C PRO A 69 -6.62 0.42 -7.37
N GLY A 70 -7.56 0.94 -6.55
CA GLY A 70 -8.78 0.22 -6.17
C GLY A 70 -8.57 -0.85 -5.11
N MET A 71 -7.32 -1.02 -4.63
CA MET A 71 -6.94 -2.05 -3.63
C MET A 71 -6.75 -1.46 -2.23
N GLY A 72 -7.24 -0.22 -2.04
CA GLY A 72 -7.25 0.43 -0.73
C GLY A 72 -8.58 0.22 -0.02
N GLY A 73 -9.39 1.29 0.08
CA GLY A 73 -10.73 1.25 0.65
C GLY A 73 -11.70 0.41 -0.19
N GLN A 74 -12.03 -0.79 0.32
CA GLN A 74 -13.01 -1.70 -0.30
C GLN A 74 -14.44 -1.30 0.14
N GLY A 75 -15.45 -1.83 -0.57
CA GLY A 75 -16.87 -1.54 -0.29
C GLY A 75 -17.49 -0.72 -1.41
N ASN A 76 -18.36 0.23 -1.06
CA ASN A 76 -18.93 1.19 -2.02
C ASN A 76 -17.89 2.31 -2.38
N PRO A 77 -17.25 3.04 -1.40
CA PRO A 77 -16.27 4.10 -1.73
C PRO A 77 -14.85 3.50 -2.02
N PRO A 78 -14.29 3.69 -3.27
CA PRO A 78 -13.00 3.08 -3.67
C PRO A 78 -11.76 3.92 -3.24
N GLY A 79 -10.82 3.26 -2.54
CA GLY A 79 -9.54 3.86 -2.16
C GLY A 79 -8.37 3.24 -2.92
N ASP A 80 -7.24 3.96 -2.92
CA ASP A 80 -6.00 3.56 -3.60
C ASP A 80 -5.01 2.95 -2.59
N LEU A 81 -4.00 2.22 -3.08
CA LEU A 81 -2.97 1.59 -2.25
C LEU A 81 -1.59 2.20 -2.60
N LEU A 82 -0.85 2.64 -1.56
CA LEU A 82 0.51 3.22 -1.70
C LEU A 82 1.46 2.51 -0.72
N LEU A 83 2.52 1.87 -1.24
CA LEU A 83 3.52 1.15 -0.42
C LEU A 83 4.91 1.76 -0.59
N VAL A 84 5.34 2.51 0.42
CA VAL A 84 6.56 3.30 0.38
C VAL A 84 7.76 2.41 0.81
N VAL A 85 8.50 1.89 -0.19
CA VAL A 85 9.60 0.91 0.01
C VAL A 85 10.74 1.48 0.89
N ARG A 86 10.91 0.82 2.05
CA ARG A 86 11.92 1.13 3.07
C ARG A 86 12.92 -0.02 3.13
N LEU A 87 14.09 0.18 2.50
CA LEU A 87 15.13 -0.85 2.43
C LEU A 87 15.79 -1.04 3.79
N LEU A 88 15.59 -2.25 4.36
CA LEU A 88 16.15 -2.67 5.63
C LEU A 88 17.70 -2.67 5.58
N PRO A 89 18.41 -2.35 6.72
CA PRO A 89 19.90 -2.19 6.73
C PRO A 89 20.68 -3.49 6.39
N HIS A 90 21.99 -3.47 6.63
CA HIS A 90 22.88 -4.62 6.38
C HIS A 90 23.12 -5.36 7.70
#